data_8R8E
#
_entry.id   8R8E
#
_cell.length_a   244.236
_cell.length_b   64.473
_cell.length_c   147.332
_cell.angle_alpha   90.000
_cell.angle_beta   115.580
_cell.angle_gamma   90.000
#
_symmetry.space_group_name_H-M   'C 1 2 1'
#
loop_
_entity.id
_entity.type
_entity.pdbx_description
1 polymer 'Dual specificity tyrosine-phosphorylation-regulated kinase 1A'
2 polymer 'Dual specificity tyrosine-phosphorylation-regulated kinase 1A'
3 non-polymer 2-cyclopentyl-7-iodanyl-1~{H}-indole-3-carbonitrile
4 non-polymer 'PENTAETHYLENE GLYCOL'
5 non-polymer 'TETRAETHYLENE GLYCOL'
6 non-polymer '4-(2-HYDROXYETHYL)-1-PIPERAZINE ETHANESULFONIC ACID'
7 non-polymer DI(HYDROXYETHYL)ETHER
8 non-polymer GLYCEROL
9 non-polymer 1,2-ETHANEDIOL
10 non-polymer 'SULFATE ION'
11 non-polymer 'PHOSPHATE ION'
12 water water
#
loop_
_entity_poly.entity_id
_entity_poly.type
_entity_poly.pdbx_seq_one_letter_code
_entity_poly.pdbx_strand_id
1 'polypeptide(L)'
;SMSSHKKERKVYNDGYDDDNYDYIVKNGEKWMDRYEIDSLIGKGSFGQVVKAYDRVEQEWVAIKIIKNKKAFLNQAQIEV
RLLELMNKHDTEMKYYIVHLKRHFMFRNHLCLVFEMLSYNLYDLLRNTNFRGVSLNLTRKFAQQMCTALLFLATPELSII
HCDLKPENILLCNPKRSAIKIVDFGSSCQLGQRIYQ(PTR)IQSRFYRSPEVLLGMPYDLAIDMWSLGCILVEMHTGEPL
FSGANEVDQMNKIVEVLGIPPAHILDQAPKARKFFEKLPDGTWNLKKTKDGKREYKPPGTRKLHNILGVETGGPGGRRAG
ESGHTVADYLKFKDLILRMLDYDPKTRIQPYYALQHSFFKKTADE
;
A,B,C
2 'polypeptide(L)'
;SMSSHKKERKVYNDGYDDDNYDYIVKNGEKWMDRYEIDSLIGKGSFGQVVKAYDRVEQEWVAIKIIKNKKAFLNQAQIEV
RLLELMNKHDTEMKYYIVHLKRHFMFRNHLCLVFEMLSYNLYDLLRNTNFRGVSLNLTRKFAQQMCTALLFLATPELSII
HCDLKPENILLCNPKRSAIKIVDFGSSCQLGQRIYQYIQSRFYRSPEVLLGMPYDLAIDMWSLGCILVEMHTGEPLFSGA
NEVDQMNKIVEVLGIPPAHILDQAPKARKFFEKLPDGTWNLKKTKDGKREYKPPGTRKLHNILGVETGGPGGRRAGESGH
TVADYLKFKDLILRMLDYDPKTRIQPYYALQHSFFKKTADE
;
D
#
# COMPACT_ATOMS: atom_id res chain seq x y z
N VAL A 11 26.96 -58.00 -18.82
CA VAL A 11 27.90 -57.90 -17.71
C VAL A 11 27.57 -56.68 -16.82
N TYR A 12 26.61 -55.85 -17.25
CA TYR A 12 26.15 -54.70 -16.47
C TYR A 12 24.75 -54.97 -15.93
N ASN A 13 24.64 -55.11 -14.61
CA ASN A 13 23.37 -55.33 -13.91
C ASN A 13 22.65 -56.56 -14.47
N ASP A 14 23.39 -57.64 -14.63
CA ASP A 14 22.89 -58.91 -15.15
C ASP A 14 22.29 -58.77 -16.54
N GLY A 15 22.72 -57.76 -17.29
CA GLY A 15 22.25 -57.55 -18.64
C GLY A 15 21.09 -56.57 -18.77
N TYR A 16 20.64 -55.95 -17.68
CA TYR A 16 19.52 -55.02 -17.75
C TYR A 16 19.96 -53.59 -18.02
N ASP A 17 21.25 -53.29 -17.86
CA ASP A 17 21.77 -51.93 -18.00
C ASP A 17 22.73 -51.86 -19.17
N ASP A 18 22.93 -50.63 -19.67
CA ASP A 18 23.92 -50.38 -20.70
C ASP A 18 25.25 -50.03 -20.02
N ASP A 19 26.21 -49.53 -20.78
CA ASP A 19 27.50 -49.14 -20.23
C ASP A 19 27.46 -47.76 -19.57
N ASN A 20 26.34 -47.04 -19.67
CA ASN A 20 26.19 -45.72 -19.07
C ASN A 20 25.24 -45.75 -17.87
N TYR A 21 25.13 -46.90 -17.20
CA TYR A 21 24.34 -47.13 -15.99
C TYR A 21 22.84 -46.96 -16.20
N ASP A 22 22.37 -46.93 -17.44
CA ASP A 22 20.97 -46.74 -17.77
C ASP A 22 20.28 -48.09 -17.98
N TYR A 23 19.02 -48.17 -17.57
CA TYR A 23 18.22 -49.36 -17.86
C TYR A 23 17.96 -49.44 -19.36
N ILE A 24 18.22 -50.60 -19.96
CA ILE A 24 17.96 -50.74 -21.39
C ILE A 24 16.45 -50.84 -21.58
N VAL A 25 15.83 -49.73 -22.00
CA VAL A 25 14.39 -49.66 -22.12
C VAL A 25 13.90 -50.52 -23.27
N LYS A 26 12.90 -51.35 -23.00
CA LYS A 26 12.29 -52.23 -24.00
C LYS A 26 10.79 -51.95 -24.05
N ASN A 27 10.33 -51.47 -25.21
CA ASN A 27 8.93 -51.14 -25.39
C ASN A 27 8.04 -52.36 -25.14
N GLY A 28 6.95 -52.15 -24.40
CA GLY A 28 5.99 -53.21 -24.16
C GLY A 28 6.25 -54.03 -22.92
N GLU A 29 7.43 -53.89 -22.31
CA GLU A 29 7.75 -54.63 -21.10
C GLU A 29 6.78 -54.25 -20.00
N LYS A 30 6.37 -55.22 -19.20
CA LYS A 30 5.49 -54.95 -18.07
C LYS A 30 6.28 -55.13 -16.79
N TRP A 31 6.05 -54.25 -15.83
CA TRP A 31 6.79 -54.22 -14.58
C TRP A 31 5.84 -54.45 -13.42
N MET A 32 6.19 -55.41 -12.57
CA MET A 32 5.50 -55.61 -11.28
C MET A 32 4.01 -55.82 -11.45
N ASP A 33 3.59 -56.33 -12.60
CA ASP A 33 2.17 -56.50 -12.95
C ASP A 33 1.38 -55.21 -12.78
N ARG A 34 2.03 -54.06 -12.96
CA ARG A 34 1.32 -52.80 -12.84
C ARG A 34 1.60 -51.82 -13.97
N TYR A 35 2.84 -51.76 -14.47
CA TYR A 35 3.26 -50.74 -15.40
C TYR A 35 3.61 -51.38 -16.73
N GLU A 36 3.01 -50.88 -17.81
CA GLU A 36 3.34 -51.33 -19.16
C GLU A 36 4.16 -50.22 -19.83
N ILE A 37 5.41 -50.51 -20.12
CA ILE A 37 6.31 -49.50 -20.68
C ILE A 37 6.01 -49.30 -22.15
N ASP A 38 5.69 -48.07 -22.54
CA ASP A 38 5.39 -47.81 -23.94
C ASP A 38 6.66 -47.47 -24.72
N SER A 39 7.38 -46.43 -24.31
CA SER A 39 8.53 -45.97 -25.07
C SER A 39 9.35 -44.99 -24.24
N LEU A 40 10.61 -44.84 -24.63
CA LEU A 40 11.46 -43.82 -24.04
C LEU A 40 11.04 -42.48 -24.59
N ILE A 41 10.86 -41.48 -23.72
CA ILE A 41 10.48 -40.17 -24.17
C ILE A 41 11.59 -39.14 -23.99
N GLY A 42 12.44 -39.29 -22.99
CA GLY A 42 13.50 -38.32 -22.77
C GLY A 42 14.66 -38.94 -22.04
N LYS A 43 15.83 -38.32 -22.21
CA LYS A 43 17.06 -38.73 -21.55
C LYS A 43 17.68 -37.53 -20.85
N GLY A 44 18.48 -37.81 -19.82
CA GLY A 44 19.21 -36.77 -19.14
C GLY A 44 20.47 -37.33 -18.51
N SER A 45 21.18 -36.46 -17.78
CA SER A 45 22.34 -36.93 -17.03
C SER A 45 21.92 -37.87 -15.90
N PHE A 46 20.71 -37.69 -15.37
CA PHE A 46 20.17 -38.51 -14.27
C PHE A 46 19.89 -39.94 -14.68
N GLY A 47 19.58 -40.16 -15.96
CA GLY A 47 19.03 -41.42 -16.42
C GLY A 47 18.02 -41.21 -17.53
N GLN A 48 16.83 -41.78 -17.40
CA GLN A 48 15.86 -41.80 -18.48
C GLN A 48 14.45 -41.56 -17.96
N VAL A 49 13.58 -41.06 -18.85
CA VAL A 49 12.16 -40.92 -18.56
C VAL A 49 11.40 -41.65 -19.66
N VAL A 50 10.50 -42.55 -19.27
CA VAL A 50 9.71 -43.37 -20.19
C VAL A 50 8.22 -43.12 -19.97
N LYS A 51 7.46 -43.32 -21.04
CA LYS A 51 6.01 -43.31 -20.98
C LYS A 51 5.50 -44.71 -20.68
N ALA A 52 4.54 -44.81 -19.76
CA ALA A 52 4.04 -46.10 -19.34
C ALA A 52 2.58 -45.94 -18.89
N TYR A 53 1.89 -47.06 -18.86
CA TYR A 53 0.51 -47.11 -18.39
C TYR A 53 0.48 -47.85 -17.07
N ASP A 54 -0.16 -47.23 -16.08
CA ASP A 54 -0.36 -47.83 -14.78
C ASP A 54 -1.72 -48.53 -14.82
N ARG A 55 -1.70 -49.87 -14.88
CA ARG A 55 -2.94 -50.62 -14.95
C ARG A 55 -3.76 -50.49 -13.67
N VAL A 56 -3.10 -50.29 -12.53
CA VAL A 56 -3.80 -50.22 -11.27
C VAL A 56 -4.62 -48.93 -11.19
N GLU A 57 -4.01 -47.78 -11.49
CA GLU A 57 -4.72 -46.51 -11.44
C GLU A 57 -5.37 -46.14 -12.76
N GLN A 58 -5.15 -46.96 -13.79
CA GLN A 58 -5.68 -46.78 -15.15
C GLN A 58 -5.42 -45.38 -15.69
N GLU A 59 -4.13 -45.03 -15.75
CA GLU A 59 -3.68 -43.72 -16.20
C GLU A 59 -2.27 -43.84 -16.75
N TRP A 60 -1.99 -43.04 -17.77
CA TRP A 60 -0.63 -42.92 -18.30
C TRP A 60 0.22 -42.08 -17.35
N VAL A 61 1.47 -42.51 -17.16
CA VAL A 61 2.40 -41.86 -16.25
C VAL A 61 3.75 -41.76 -16.94
N ALA A 62 4.60 -40.87 -16.42
CA ALA A 62 5.99 -40.76 -16.83
C ALA A 62 6.85 -41.34 -15.72
N ILE A 63 7.75 -42.24 -16.06
CA ILE A 63 8.60 -42.91 -15.08
C ILE A 63 10.03 -42.46 -15.33
N LYS A 64 10.60 -41.76 -14.36
CA LYS A 64 12.00 -41.33 -14.40
C LYS A 64 12.83 -42.46 -13.83
N ILE A 65 13.59 -43.15 -14.70
CA ILE A 65 14.46 -44.25 -14.30
C ILE A 65 15.84 -43.69 -14.00
N ILE A 66 16.20 -43.65 -12.72
CA ILE A 66 17.51 -43.11 -12.33
C ILE A 66 18.60 -44.11 -12.67
N LYS A 67 19.78 -43.59 -13.02
CA LYS A 67 20.92 -44.43 -13.31
C LYS A 67 21.26 -45.31 -12.11
N ASN A 68 21.65 -46.56 -12.39
CA ASN A 68 22.10 -47.51 -11.38
C ASN A 68 23.56 -47.18 -11.05
N LYS A 69 23.72 -46.09 -10.32
CA LYS A 69 25.02 -45.63 -9.90
C LYS A 69 24.79 -44.79 -8.64
N LYS A 70 25.63 -45.02 -7.63
CA LYS A 70 25.43 -44.46 -6.30
C LYS A 70 25.24 -42.95 -6.32
N ALA A 71 26.16 -42.22 -6.98
CA ALA A 71 26.09 -40.77 -6.99
C ALA A 71 24.76 -40.27 -7.55
N PHE A 72 24.23 -40.95 -8.57
CA PHE A 72 22.95 -40.53 -9.16
C PHE A 72 21.77 -40.97 -8.30
N LEU A 73 21.85 -42.17 -7.73
CA LEU A 73 20.79 -42.61 -6.81
C LEU A 73 20.67 -41.68 -5.64
N ASN A 74 21.80 -41.32 -5.03
CA ASN A 74 21.77 -40.50 -3.83
C ASN A 74 21.25 -39.10 -4.13
N GLN A 75 21.58 -38.56 -5.31
CA GLN A 75 21.03 -37.26 -5.68
C GLN A 75 19.53 -37.35 -5.91
N ALA A 76 19.08 -38.42 -6.55
CA ALA A 76 17.65 -38.60 -6.79
C ALA A 76 16.88 -38.75 -5.47
N GLN A 77 17.54 -39.24 -4.41
CA GLN A 77 16.89 -39.28 -3.11
C GLN A 77 16.57 -37.88 -2.63
N ILE A 78 17.49 -36.92 -2.87
CA ILE A 78 17.23 -35.53 -2.54
C ILE A 78 16.05 -35.00 -3.33
N GLU A 79 16.01 -35.33 -4.64
CA GLU A 79 14.87 -34.94 -5.46
C GLU A 79 13.56 -35.48 -4.88
N VAL A 80 13.55 -36.74 -4.44
CA VAL A 80 12.34 -37.32 -3.84
C VAL A 80 11.90 -36.53 -2.61
N ARG A 81 12.85 -36.21 -1.72
CA ARG A 81 12.51 -35.48 -0.52
C ARG A 81 11.93 -34.10 -0.85
N LEU A 82 12.51 -33.40 -1.81
CA LEU A 82 12.02 -32.05 -2.11
C LEU A 82 10.68 -32.08 -2.83
N LEU A 83 10.47 -33.05 -3.72
CA LEU A 83 9.18 -33.17 -4.39
C LEU A 83 8.07 -33.48 -3.39
N GLU A 84 8.30 -34.44 -2.47
CA GLU A 84 7.26 -34.79 -1.52
C GLU A 84 7.01 -33.62 -0.56
N LEU A 85 8.06 -32.87 -0.23
CA LEU A 85 7.89 -31.68 0.58
C LEU A 85 7.07 -30.62 -0.15
N MET A 86 7.34 -30.42 -1.45
CA MET A 86 6.58 -29.45 -2.24
C MET A 86 5.15 -29.91 -2.45
N ASN A 87 4.97 -31.17 -2.87
CA ASN A 87 3.64 -31.65 -3.23
C ASN A 87 2.72 -31.73 -2.02
N LYS A 88 3.28 -31.90 -0.82
CA LYS A 88 2.48 -31.92 0.40
C LYS A 88 1.97 -30.55 0.80
N HIS A 89 2.59 -29.49 0.29
CA HIS A 89 2.27 -28.16 0.79
C HIS A 89 0.88 -27.72 0.38
N ASP A 90 0.10 -27.31 1.39
CA ASP A 90 -1.30 -26.92 1.25
C ASP A 90 -1.36 -25.52 0.66
N THR A 91 -1.35 -25.46 -0.66
CA THR A 91 -1.48 -24.22 -1.41
C THR A 91 -1.67 -24.56 -2.87
N GLU A 92 -2.38 -23.68 -3.57
CA GLU A 92 -2.62 -23.83 -4.99
C GLU A 92 -1.40 -23.47 -5.84
N MET A 93 -0.37 -22.86 -5.23
CA MET A 93 0.88 -22.59 -5.93
C MET A 93 1.69 -23.86 -6.20
N LYS A 94 1.31 -24.98 -5.58
CA LYS A 94 2.06 -26.22 -5.69
C LYS A 94 1.79 -26.92 -7.00
N TYR A 95 0.89 -26.39 -7.81
CA TYR A 95 0.50 -27.03 -9.06
C TYR A 95 1.22 -26.42 -10.27
N TYR A 96 2.25 -25.59 -10.04
CA TYR A 96 3.27 -25.32 -11.06
C TYR A 96 4.48 -26.22 -10.89
N ILE A 97 4.43 -27.17 -9.95
CA ILE A 97 5.48 -28.15 -9.76
C ILE A 97 4.92 -29.51 -10.15
N VAL A 98 5.68 -30.28 -10.91
CA VAL A 98 5.23 -31.62 -11.28
C VAL A 98 4.98 -32.47 -10.03
N HIS A 99 3.96 -33.32 -10.10
CA HIS A 99 3.51 -34.13 -8.96
C HIS A 99 4.18 -35.50 -8.99
N LEU A 100 4.95 -35.83 -7.95
CA LEU A 100 5.48 -37.18 -7.81
C LEU A 100 4.42 -38.07 -7.16
N LYS A 101 3.95 -39.08 -7.91
CA LYS A 101 2.87 -39.93 -7.43
C LYS A 101 3.37 -40.97 -6.44
N ARG A 102 4.49 -41.64 -6.75
CA ARG A 102 5.08 -42.67 -5.90
C ARG A 102 6.46 -42.96 -6.46
N HIS A 103 7.29 -43.66 -5.68
CA HIS A 103 8.58 -44.12 -6.15
C HIS A 103 8.78 -45.57 -5.71
N PHE A 104 9.61 -46.29 -6.46
CA PHE A 104 9.93 -47.68 -6.15
C PHE A 104 11.31 -48.02 -6.71
N MET A 105 11.89 -49.09 -6.18
CA MET A 105 13.14 -49.64 -6.71
C MET A 105 12.78 -50.85 -7.57
N PHE A 106 13.28 -50.85 -8.80
CA PHE A 106 13.07 -51.95 -9.74
C PHE A 106 14.36 -52.24 -10.46
N ARG A 107 14.85 -53.47 -10.33
CA ARG A 107 16.07 -53.94 -10.98
C ARG A 107 17.25 -53.02 -10.67
N ASN A 108 17.33 -52.62 -9.40
CA ASN A 108 18.38 -51.77 -8.85
C ASN A 108 18.35 -50.35 -9.41
N HIS A 109 17.20 -49.88 -9.88
CA HIS A 109 17.03 -48.52 -10.38
C HIS A 109 15.95 -47.85 -9.54
N LEU A 110 16.24 -46.67 -9.01
CA LEU A 110 15.19 -45.85 -8.42
C LEU A 110 14.29 -45.30 -9.52
N CYS A 111 12.99 -45.54 -9.40
CA CYS A 111 12.01 -45.10 -10.38
C CYS A 111 11.03 -44.14 -9.73
N LEU A 112 10.89 -42.95 -10.32
CA LEU A 112 9.98 -41.92 -9.84
C LEU A 112 8.82 -41.82 -10.81
N VAL A 113 7.60 -41.94 -10.30
CA VAL A 113 6.40 -41.95 -11.12
C VAL A 113 5.76 -40.58 -11.07
N PHE A 114 5.65 -39.92 -12.23
CA PHE A 114 5.05 -38.61 -12.33
C PHE A 114 3.79 -38.67 -13.18
N GLU A 115 2.99 -37.62 -13.07
CA GLU A 115 1.93 -37.42 -14.05
C GLU A 115 2.56 -37.26 -15.42
N MET A 116 1.83 -37.67 -16.45
CA MET A 116 2.29 -37.49 -17.80
C MET A 116 2.10 -36.04 -18.22
N LEU A 117 3.11 -35.47 -18.89
CA LEU A 117 3.07 -34.09 -19.37
C LEU A 117 3.37 -34.05 -20.86
N SER A 118 3.17 -32.87 -21.44
CA SER A 118 3.32 -32.61 -22.87
C SER A 118 4.70 -32.03 -23.19
N TYR A 119 4.82 -31.37 -24.35
CA TYR A 119 6.12 -30.89 -24.83
C TYR A 119 6.73 -29.86 -23.88
N ASN A 120 8.05 -29.74 -23.92
CA ASN A 120 8.72 -28.69 -23.16
C ASN A 120 8.80 -27.41 -24.01
N LEU A 121 9.31 -26.34 -23.39
CA LEU A 121 9.37 -25.05 -24.05
C LEU A 121 10.39 -25.02 -25.19
N TYR A 122 11.40 -25.89 -25.17
CA TYR A 122 12.29 -26.00 -26.32
C TYR A 122 11.59 -26.58 -27.53
N ASP A 123 10.81 -27.66 -27.32
CA ASP A 123 10.00 -28.21 -28.41
C ASP A 123 9.08 -27.15 -28.99
N LEU A 124 8.51 -26.32 -28.13
CA LEU A 124 7.63 -25.26 -28.59
C LEU A 124 8.38 -24.26 -29.47
N LEU A 125 9.61 -23.92 -29.08
CA LEU A 125 10.42 -23.02 -29.89
C LEU A 125 10.76 -23.63 -31.23
N ARG A 126 11.14 -24.90 -31.24
CA ARG A 126 11.47 -25.59 -32.48
C ARG A 126 10.28 -25.68 -33.41
N ASN A 127 9.07 -25.84 -32.87
CA ASN A 127 7.89 -25.94 -33.71
C ASN A 127 7.57 -24.63 -34.42
N THR A 128 8.03 -23.49 -33.89
CA THR A 128 7.92 -22.22 -34.58
C THR A 128 9.14 -21.94 -35.46
N ASN A 129 10.00 -22.96 -35.66
CA ASN A 129 11.26 -22.82 -36.40
C ASN A 129 12.12 -21.71 -35.83
N PHE A 130 12.12 -21.63 -34.49
CA PHE A 130 12.93 -20.67 -33.72
C PHE A 130 12.63 -19.23 -34.09
N ARG A 131 11.40 -18.97 -34.52
CA ARG A 131 10.94 -17.60 -34.67
C ARG A 131 10.63 -16.99 -33.32
N GLY A 132 10.39 -17.81 -32.31
CA GLY A 132 9.99 -17.39 -30.98
C GLY A 132 8.49 -17.34 -30.86
N VAL A 133 7.99 -17.53 -29.64
CA VAL A 133 6.55 -17.40 -29.40
C VAL A 133 6.21 -15.93 -29.16
N SER A 134 4.93 -15.62 -29.20
CA SER A 134 4.48 -14.24 -29.07
C SER A 134 4.81 -13.68 -27.69
N LEU A 135 4.79 -12.35 -27.61
CA LEU A 135 5.02 -11.68 -26.34
C LEU A 135 3.92 -11.99 -25.33
N ASN A 136 2.68 -12.17 -25.80
CA ASN A 136 1.58 -12.53 -24.90
C ASN A 136 1.79 -13.91 -24.27
N LEU A 137 2.24 -14.88 -25.08
CA LEU A 137 2.53 -16.23 -24.57
C LEU A 137 3.73 -16.21 -23.65
N THR A 138 4.75 -15.41 -24.00
CA THR A 138 5.90 -15.23 -23.13
C THR A 138 5.45 -14.69 -21.77
N ARG A 139 4.53 -13.74 -21.78
CA ARG A 139 4.01 -13.20 -20.53
C ARG A 139 3.31 -14.28 -19.70
N LYS A 140 2.51 -15.15 -20.34
CA LYS A 140 1.85 -16.23 -19.60
C LYS A 140 2.86 -17.17 -18.97
N PHE A 141 3.92 -17.53 -19.71
CA PHE A 141 4.97 -18.35 -19.12
C PHE A 141 5.68 -17.63 -18.00
N ALA A 142 5.96 -16.33 -18.19
CA ALA A 142 6.66 -15.55 -17.17
C ALA A 142 5.86 -15.46 -15.88
N GLN A 143 4.55 -15.24 -16.00
CA GLN A 143 3.75 -15.11 -14.79
C GLN A 143 3.66 -16.43 -14.03
N GLN A 144 3.46 -17.53 -14.76
CA GLN A 144 3.43 -18.83 -14.10
C GLN A 144 4.77 -19.15 -13.46
N MET A 145 5.88 -18.85 -14.13
CA MET A 145 7.19 -19.15 -13.57
C MET A 145 7.48 -18.32 -12.34
N CYS A 146 7.11 -17.04 -12.37
CA CYS A 146 7.32 -16.18 -11.20
C CYS A 146 6.48 -16.65 -10.02
N THR A 147 5.26 -17.10 -10.29
CA THR A 147 4.42 -17.67 -9.24
C THR A 147 5.06 -18.94 -8.70
N ALA A 148 5.64 -19.75 -9.60
CA ALA A 148 6.33 -20.96 -9.18
C ALA A 148 7.53 -20.63 -8.31
N LEU A 149 8.30 -19.61 -8.68
CA LEU A 149 9.44 -19.24 -7.89
C LEU A 149 9.01 -18.65 -6.55
N LEU A 150 7.87 -17.97 -6.52
CA LEU A 150 7.32 -17.53 -5.23
C LEU A 150 6.99 -18.72 -4.35
N PHE A 151 6.42 -19.77 -4.92
CA PHE A 151 6.16 -20.99 -4.16
C PHE A 151 7.45 -21.57 -3.59
N LEU A 152 8.50 -21.66 -4.43
CA LEU A 152 9.78 -22.20 -3.97
C LEU A 152 10.38 -21.33 -2.86
N ALA A 153 10.13 -20.03 -2.89
CA ALA A 153 10.70 -19.08 -1.95
C ALA A 153 10.01 -19.06 -0.60
N THR A 154 8.88 -19.75 -0.45
CA THR A 154 8.22 -19.82 0.84
C THR A 154 9.20 -20.36 1.88
N PRO A 155 9.29 -19.74 3.06
CA PRO A 155 10.39 -20.04 3.99
C PRO A 155 10.54 -21.51 4.37
N GLU A 156 9.44 -22.24 4.56
CA GLU A 156 9.55 -23.67 4.91
C GLU A 156 10.18 -24.47 3.78
N LEU A 157 10.05 -24.03 2.54
CA LEU A 157 10.67 -24.76 1.43
C LEU A 157 12.07 -24.22 1.14
N SER A 158 12.17 -22.94 0.77
CA SER A 158 13.44 -22.30 0.40
C SER A 158 14.22 -23.15 -0.59
N ILE A 159 13.57 -23.53 -1.67
CA ILE A 159 14.15 -24.48 -2.61
C ILE A 159 14.71 -23.73 -3.82
N ILE A 160 15.96 -24.03 -4.16
CA ILE A 160 16.61 -23.54 -5.36
C ILE A 160 16.58 -24.68 -6.36
N HIS A 161 15.90 -24.47 -7.50
CA HIS A 161 15.77 -25.53 -8.50
C HIS A 161 17.13 -25.92 -9.08
N CYS A 162 17.93 -24.92 -9.47
CA CYS A 162 19.32 -25.00 -9.92
C CYS A 162 19.50 -25.51 -11.34
N ASP A 163 18.45 -25.91 -12.07
CA ASP A 163 18.61 -26.31 -13.45
C ASP A 163 17.44 -25.83 -14.30
N LEU A 164 17.02 -24.58 -14.13
CA LEU A 164 15.94 -24.10 -14.96
C LEU A 164 16.45 -23.93 -16.38
N LYS A 165 15.72 -24.51 -17.33
CA LYS A 165 16.03 -24.39 -18.75
C LYS A 165 14.76 -24.72 -19.51
N PRO A 166 14.66 -24.34 -20.80
CA PRO A 166 13.43 -24.66 -21.56
C PRO A 166 13.01 -26.12 -21.50
N GLU A 167 13.97 -27.04 -21.50
CA GLU A 167 13.67 -28.47 -21.46
C GLU A 167 13.07 -28.92 -20.12
N ASN A 168 13.22 -28.14 -19.06
CA ASN A 168 12.63 -28.48 -17.77
C ASN A 168 11.33 -27.76 -17.46
N ILE A 169 10.77 -27.03 -18.41
CA ILE A 169 9.45 -26.42 -18.27
C ILE A 169 8.56 -27.05 -19.33
N LEU A 170 7.51 -27.72 -18.89
CA LEU A 170 6.69 -28.54 -19.78
C LEU A 170 5.26 -28.04 -19.81
N LEU A 171 4.62 -28.15 -20.97
CA LEU A 171 3.21 -27.87 -21.07
C LEU A 171 2.43 -29.03 -20.48
N CYS A 172 1.34 -28.71 -19.76
CA CYS A 172 0.42 -29.73 -19.29
C CYS A 172 -0.25 -30.43 -20.46
N ASN A 173 -0.73 -29.65 -21.42
CA ASN A 173 -1.48 -30.11 -22.56
C ASN A 173 -0.92 -29.39 -23.77
N PRO A 174 -0.80 -30.06 -24.92
CA PRO A 174 -0.05 -29.48 -26.05
C PRO A 174 -0.70 -28.25 -26.67
N LYS A 175 -2.00 -28.05 -26.51
CA LYS A 175 -2.71 -26.92 -27.10
C LYS A 175 -3.06 -25.84 -26.09
N ARG A 176 -2.60 -25.97 -24.84
CA ARG A 176 -2.84 -24.98 -23.80
C ARG A 176 -1.51 -24.46 -23.25
N SER A 177 -1.58 -23.33 -22.55
CA SER A 177 -0.41 -22.62 -22.07
C SER A 177 -0.02 -22.93 -20.62
N ALA A 178 -0.76 -23.79 -19.92
CA ALA A 178 -0.39 -24.16 -18.56
C ALA A 178 0.93 -24.94 -18.54
N ILE A 179 1.79 -24.64 -17.56
CA ILE A 179 3.11 -25.27 -17.50
C ILE A 179 3.39 -25.84 -16.12
N LYS A 180 4.33 -26.79 -16.08
CA LYS A 180 4.86 -27.33 -14.83
C LYS A 180 6.37 -27.47 -14.93
N ILE A 181 7.05 -27.27 -13.80
CA ILE A 181 8.49 -27.44 -13.69
C ILE A 181 8.79 -28.88 -13.30
N VAL A 182 9.82 -29.47 -13.92
CA VAL A 182 10.23 -30.84 -13.68
C VAL A 182 11.73 -30.85 -13.39
N ASP A 183 12.22 -32.03 -12.99
CA ASP A 183 13.65 -32.30 -12.76
C ASP A 183 14.23 -31.43 -11.64
N PHE A 184 13.87 -31.80 -10.42
CA PHE A 184 14.50 -31.24 -9.24
C PHE A 184 15.71 -32.04 -8.80
N GLY A 185 16.39 -32.70 -9.74
CA GLY A 185 17.56 -33.50 -9.46
C GLY A 185 18.84 -32.74 -9.17
N SER A 186 18.88 -31.44 -9.40
CA SER A 186 20.04 -30.64 -8.99
C SER A 186 19.70 -29.74 -7.83
N SER A 187 18.48 -29.83 -7.33
CA SER A 187 17.95 -28.85 -6.41
C SER A 187 18.51 -29.06 -5.01
N CYS A 188 18.43 -28.00 -4.22
CA CYS A 188 18.86 -28.01 -2.84
C CYS A 188 18.01 -26.98 -2.12
N GLN A 189 18.07 -27.02 -0.80
CA GLN A 189 17.43 -25.98 -0.03
C GLN A 189 18.50 -24.99 0.39
N LEU A 190 18.05 -23.77 0.66
CA LEU A 190 18.95 -22.71 1.05
C LEU A 190 19.78 -23.13 2.26
N GLY A 191 21.09 -22.87 2.21
CA GLY A 191 21.97 -23.33 3.25
C GLY A 191 22.43 -24.77 3.17
N GLN A 192 21.76 -25.61 2.38
CA GLN A 192 22.15 -27.01 2.17
C GLN A 192 22.74 -27.22 0.77
N ARG A 193 23.52 -26.26 0.28
CA ARG A 193 24.07 -26.34 -1.07
C ARG A 193 25.31 -27.22 -1.08
N ILE A 194 25.40 -28.10 -2.09
CA ILE A 194 26.46 -29.11 -2.08
C ILE A 194 27.26 -29.14 -3.39
N TYR A 195 27.05 -28.18 -4.28
CA TYR A 195 27.78 -28.16 -5.55
C TYR A 195 28.12 -26.72 -5.94
N GLN A 196 29.24 -26.58 -6.64
CA GLN A 196 29.70 -25.30 -7.13
C GLN A 196 29.48 -25.23 -8.65
N ILE A 198 27.01 -25.94 -11.16
CA ILE A 198 25.59 -26.20 -11.29
C ILE A 198 25.02 -25.26 -12.30
N GLN A 199 23.77 -25.55 -12.67
CA GLN A 199 22.98 -24.84 -13.67
C GLN A 199 23.48 -25.22 -15.05
N SER A 200 22.58 -25.30 -16.01
CA SER A 200 22.97 -25.46 -17.40
C SER A 200 23.65 -24.17 -17.85
N ARG A 201 24.74 -24.30 -18.62
CA ARG A 201 25.66 -23.17 -18.84
C ARG A 201 24.96 -21.92 -19.38
N PHE A 202 24.09 -22.07 -20.39
CA PHE A 202 23.44 -20.89 -20.97
C PHE A 202 22.64 -20.13 -19.93
N TYR A 203 22.18 -20.83 -18.89
CA TYR A 203 21.29 -20.29 -17.88
C TYR A 203 22.00 -20.13 -16.54
N ARG A 204 23.34 -20.19 -16.56
CA ARG A 204 24.16 -20.13 -15.34
C ARG A 204 24.40 -18.70 -14.89
N SER A 205 24.15 -18.46 -13.60
CA SER A 205 24.24 -17.13 -13.01
C SER A 205 25.69 -16.68 -12.81
N PRO A 206 25.93 -15.36 -12.75
CA PRO A 206 27.30 -14.88 -12.50
C PRO A 206 27.89 -15.37 -11.20
N GLU A 207 27.10 -15.46 -10.13
CA GLU A 207 27.64 -15.89 -8.85
C GLU A 207 28.12 -17.33 -8.92
N VAL A 208 27.43 -18.17 -9.70
CA VAL A 208 27.90 -19.54 -9.88
C VAL A 208 29.15 -19.58 -10.76
N LEU A 209 29.17 -18.82 -11.85
CA LEU A 209 30.38 -18.72 -12.66
C LEU A 209 31.57 -18.18 -11.84
N LEU A 210 31.30 -17.29 -10.90
CA LEU A 210 32.34 -16.69 -10.09
C LEU A 210 32.71 -17.52 -8.87
N GLY A 211 32.11 -18.68 -8.70
CA GLY A 211 32.43 -19.52 -7.55
C GLY A 211 31.99 -18.94 -6.23
N MET A 212 30.97 -18.10 -6.24
CA MET A 212 30.49 -17.41 -5.06
C MET A 212 29.36 -18.22 -4.43
N PRO A 213 29.04 -17.95 -3.16
CA PRO A 213 27.85 -18.58 -2.57
C PRO A 213 26.61 -18.13 -3.33
N TYR A 214 25.61 -19.00 -3.39
CA TYR A 214 24.41 -18.70 -4.16
C TYR A 214 23.15 -19.00 -3.35
N ASP A 215 22.03 -18.43 -3.81
CA ASP A 215 20.76 -18.60 -3.15
C ASP A 215 19.70 -18.76 -4.25
N LEU A 216 18.45 -18.53 -3.88
CA LEU A 216 17.32 -18.71 -4.80
C LEU A 216 17.36 -17.73 -5.95
N ALA A 217 18.13 -16.65 -5.83
CA ALA A 217 18.21 -15.67 -6.91
C ALA A 217 18.81 -16.24 -8.20
N ILE A 218 19.58 -17.34 -8.14
CA ILE A 218 20.11 -17.91 -9.39
C ILE A 218 18.98 -18.46 -10.26
N ASP A 219 17.84 -18.82 -9.67
CA ASP A 219 16.70 -19.25 -10.48
C ASP A 219 16.09 -18.07 -11.23
N MET A 220 16.04 -16.90 -10.60
CA MET A 220 15.52 -15.73 -11.27
C MET A 220 16.41 -15.34 -12.46
N TRP A 221 17.73 -15.48 -12.32
CA TRP A 221 18.63 -15.26 -13.45
C TRP A 221 18.30 -16.18 -14.62
N SER A 222 18.15 -17.48 -14.34
CA SER A 222 17.84 -18.45 -15.37
C SER A 222 16.52 -18.13 -16.04
N LEU A 223 15.52 -17.73 -15.25
CA LEU A 223 14.23 -17.40 -15.82
C LEU A 223 14.36 -16.22 -16.79
N GLY A 224 15.11 -15.19 -16.41
CA GLY A 224 15.33 -14.06 -17.31
C GLY A 224 15.97 -14.46 -18.63
N CYS A 225 16.97 -15.33 -18.58
CA CYS A 225 17.54 -15.89 -19.80
C CYS A 225 16.48 -16.66 -20.57
N ILE A 226 15.64 -17.43 -19.88
CA ILE A 226 14.67 -18.28 -20.58
C ILE A 226 13.64 -17.44 -21.31
N LEU A 227 13.20 -16.34 -20.69
CA LEU A 227 12.12 -15.57 -21.27
C LEU A 227 12.56 -14.83 -22.55
N VAL A 228 13.79 -14.32 -22.57
CA VAL A 228 14.29 -13.71 -23.79
C VAL A 228 14.33 -14.75 -24.90
N GLU A 229 14.86 -15.92 -24.58
CA GLU A 229 14.95 -16.99 -25.57
C GLU A 229 13.59 -17.42 -26.06
N MET A 230 12.57 -17.44 -25.19
CA MET A 230 11.25 -17.83 -25.65
C MET A 230 10.72 -16.87 -26.72
N HIS A 231 11.03 -15.58 -26.59
CA HIS A 231 10.51 -14.63 -27.57
C HIS A 231 11.40 -14.45 -28.80
N THR A 232 12.73 -14.51 -28.66
CA THR A 232 13.62 -14.37 -29.82
C THR A 232 13.88 -15.71 -30.52
N GLY A 233 13.67 -16.83 -29.84
CA GLY A 233 13.99 -18.12 -30.41
C GLY A 233 15.39 -18.63 -30.16
N GLU A 234 16.30 -17.81 -29.62
CA GLU A 234 17.68 -18.27 -29.44
C GLU A 234 18.18 -17.89 -28.06
N PRO A 235 19.14 -18.65 -27.52
CA PRO A 235 19.67 -18.32 -26.18
C PRO A 235 20.31 -16.94 -26.12
N LEU A 236 20.06 -16.26 -25.01
CA LEU A 236 20.61 -14.93 -24.82
C LEU A 236 22.12 -14.97 -24.68
N PHE A 237 22.63 -15.91 -23.87
CA PHE A 237 24.07 -16.05 -23.62
C PHE A 237 24.47 -17.49 -23.97
N SER A 238 24.92 -17.70 -25.20
CA SER A 238 25.20 -19.05 -25.71
C SER A 238 26.68 -19.42 -25.58
N GLY A 239 27.20 -19.39 -24.35
CA GLY A 239 28.61 -19.66 -24.13
C GLY A 239 28.96 -21.12 -24.36
N ALA A 240 30.12 -21.34 -24.96
CA ALA A 240 30.66 -22.67 -25.24
C ALA A 240 31.41 -23.27 -24.07
N ASN A 241 31.81 -22.44 -23.11
CA ASN A 241 32.49 -22.81 -21.89
C ASN A 241 32.27 -21.65 -20.95
N GLU A 242 32.78 -21.75 -19.72
CA GLU A 242 32.50 -20.71 -18.73
C GLU A 242 33.11 -19.37 -19.13
N VAL A 243 34.32 -19.38 -19.68
CA VAL A 243 34.98 -18.13 -20.07
C VAL A 243 34.18 -17.45 -21.17
N ASP A 244 33.78 -18.22 -22.18
CA ASP A 244 32.93 -17.69 -23.23
C ASP A 244 31.58 -17.26 -22.68
N GLN A 245 31.03 -18.03 -21.73
CA GLN A 245 29.75 -17.67 -21.12
C GLN A 245 29.84 -16.33 -20.39
N MET A 246 30.86 -16.13 -19.55
CA MET A 246 30.97 -14.86 -18.83
C MET A 246 31.16 -13.69 -19.79
N ASN A 247 31.99 -13.88 -20.84
CA ASN A 247 32.20 -12.81 -21.82
C ASN A 247 30.92 -12.43 -22.55
N LYS A 248 30.05 -13.42 -22.82
CA LYS A 248 28.79 -13.11 -23.48
C LYS A 248 27.86 -12.31 -22.57
N ILE A 249 27.92 -12.57 -21.28
CA ILE A 249 27.12 -11.80 -20.33
C ILE A 249 27.62 -10.37 -20.29
N VAL A 250 28.94 -10.21 -20.28
CA VAL A 250 29.57 -8.89 -20.22
C VAL A 250 29.24 -8.07 -21.47
N GLU A 251 29.13 -8.73 -22.63
CA GLU A 251 28.74 -8.03 -23.86
C GLU A 251 27.42 -7.29 -23.68
N VAL A 252 26.49 -7.88 -22.95
CA VAL A 252 25.16 -7.30 -22.81
C VAL A 252 25.07 -6.41 -21.58
N LEU A 253 25.67 -6.84 -20.46
CA LEU A 253 25.47 -6.19 -19.17
C LEU A 253 26.67 -5.42 -18.66
N GLY A 254 27.80 -5.43 -19.36
CA GLY A 254 28.97 -4.71 -18.92
C GLY A 254 29.80 -5.51 -17.93
N ILE A 255 30.85 -4.88 -17.45
CA ILE A 255 31.70 -5.51 -16.43
C ILE A 255 30.90 -5.60 -15.13
N PRO A 256 30.95 -6.72 -14.42
CA PRO A 256 30.25 -6.79 -13.14
C PRO A 256 30.81 -5.79 -12.15
N PRO A 257 30.00 -5.35 -11.20
CA PRO A 257 30.46 -4.32 -10.25
C PRO A 257 31.57 -4.82 -9.35
N ALA A 258 32.41 -3.87 -8.93
CA ALA A 258 33.59 -4.21 -8.15
C ALA A 258 33.24 -4.86 -6.81
N HIS A 259 32.13 -4.45 -6.17
CA HIS A 259 31.77 -5.06 -4.88
C HIS A 259 31.47 -6.55 -5.03
N ILE A 260 31.07 -6.99 -6.23
CA ILE A 260 30.90 -8.42 -6.47
C ILE A 260 32.24 -9.08 -6.77
N LEU A 261 33.01 -8.53 -7.71
CA LEU A 261 34.24 -9.17 -8.14
C LEU A 261 35.28 -9.21 -7.01
N ASP A 262 35.27 -8.21 -6.12
CA ASP A 262 36.19 -8.20 -4.97
C ASP A 262 35.94 -9.36 -4.02
N GLN A 263 34.76 -9.98 -4.05
CA GLN A 263 34.45 -11.12 -3.21
C GLN A 263 34.33 -12.41 -4.00
N ALA A 264 34.66 -12.40 -5.29
CA ALA A 264 34.47 -13.56 -6.15
C ALA A 264 35.73 -14.41 -6.18
N PRO A 265 35.68 -15.66 -5.72
CA PRO A 265 36.90 -16.51 -5.76
C PRO A 265 37.46 -16.75 -7.16
N LYS A 266 36.60 -16.84 -8.18
CA LYS A 266 37.04 -17.13 -9.53
C LYS A 266 37.04 -15.90 -10.42
N ALA A 267 37.18 -14.71 -9.82
CA ALA A 267 37.15 -13.48 -10.61
C ALA A 267 38.30 -13.45 -11.62
N ARG A 268 39.48 -13.94 -11.24
CA ARG A 268 40.64 -13.93 -12.13
C ARG A 268 40.55 -14.96 -13.25
N LYS A 269 39.55 -15.83 -13.26
CA LYS A 269 39.32 -16.67 -14.42
C LYS A 269 38.80 -15.85 -15.61
N PHE A 270 38.20 -14.69 -15.35
CA PHE A 270 37.61 -13.89 -16.41
C PHE A 270 38.13 -12.46 -16.42
N PHE A 271 38.50 -11.93 -15.25
CA PHE A 271 38.76 -10.51 -15.10
C PHE A 271 40.15 -10.25 -14.50
N GLU A 272 40.50 -8.96 -14.47
CA GLU A 272 41.77 -8.45 -13.97
C GLU A 272 41.51 -7.20 -13.16
N LYS A 273 42.12 -7.09 -12.00
CA LYS A 273 41.95 -5.91 -11.15
C LYS A 273 43.09 -4.94 -11.45
N LEU A 274 42.72 -3.71 -11.79
CA LEU A 274 43.67 -2.66 -12.12
C LEU A 274 44.18 -2.01 -10.83
N PRO A 275 45.31 -1.29 -10.88
CA PRO A 275 45.83 -0.67 -9.65
C PRO A 275 44.87 0.33 -9.02
N ASP A 276 44.02 1.00 -9.79
CA ASP A 276 43.03 1.89 -9.20
C ASP A 276 41.92 1.12 -8.49
N GLY A 277 41.89 -0.19 -8.62
CA GLY A 277 40.90 -1.00 -7.96
C GLY A 277 39.69 -1.32 -8.79
N THR A 278 39.63 -0.83 -10.03
CA THR A 278 38.56 -1.20 -10.94
C THR A 278 38.94 -2.45 -11.70
N TRP A 279 37.93 -3.14 -12.20
CA TRP A 279 38.12 -4.40 -12.88
C TRP A 279 37.87 -4.25 -14.37
N ASN A 280 38.56 -5.09 -15.13
CA ASN A 280 38.40 -5.18 -16.57
C ASN A 280 38.47 -6.65 -16.95
N LEU A 281 38.11 -6.95 -18.20
CA LEU A 281 38.30 -8.29 -18.73
C LEU A 281 39.79 -8.61 -18.74
N LYS A 282 40.09 -9.91 -18.67
CA LYS A 282 41.49 -10.33 -18.76
C LYS A 282 42.00 -10.00 -20.14
N LYS A 283 43.27 -9.63 -20.20
CA LYS A 283 43.87 -9.20 -21.46
C LYS A 283 43.94 -10.37 -22.43
N THR A 284 43.48 -10.13 -23.64
CA THR A 284 43.51 -11.14 -24.69
C THR A 284 44.85 -11.09 -25.43
N LYS A 285 45.25 -12.24 -25.97
CA LYS A 285 46.52 -12.39 -26.67
C LYS A 285 46.49 -11.79 -28.08
N ASP A 286 47.60 -11.14 -28.45
CA ASP A 286 47.84 -10.57 -29.78
C ASP A 286 46.68 -9.70 -30.27
N GLY A 287 46.58 -9.57 -31.59
CA GLY A 287 45.47 -8.85 -32.17
C GLY A 287 44.25 -9.74 -32.33
N LYS A 288 43.69 -10.24 -31.22
CA LYS A 288 42.48 -11.05 -31.24
C LYS A 288 41.30 -10.26 -30.71
N ARG A 289 40.34 -9.97 -31.58
CA ARG A 289 39.10 -9.34 -31.21
C ARG A 289 38.01 -10.41 -31.34
N GLU A 290 37.27 -10.67 -30.27
CA GLU A 290 36.27 -11.72 -30.38
C GLU A 290 34.90 -11.30 -29.88
N TYR A 291 34.86 -10.43 -28.89
CA TYR A 291 33.62 -10.03 -28.24
C TYR A 291 33.34 -8.56 -28.49
N LYS A 292 32.04 -8.23 -28.45
CA LYS A 292 31.66 -6.82 -28.45
C LYS A 292 32.19 -6.17 -27.17
N PRO A 293 32.51 -4.88 -27.19
CA PRO A 293 32.98 -4.23 -25.97
C PRO A 293 31.91 -4.26 -24.91
N PRO A 294 32.30 -4.20 -23.63
CA PRO A 294 31.34 -4.41 -22.54
C PRO A 294 30.11 -3.52 -22.63
N GLY A 295 28.94 -4.16 -22.58
CA GLY A 295 27.68 -3.45 -22.54
C GLY A 295 27.20 -2.87 -23.84
N THR A 296 27.89 -3.13 -24.96
CA THR A 296 27.49 -2.57 -26.24
C THR A 296 26.53 -3.46 -27.02
N ARG A 297 26.33 -4.71 -26.59
CA ARG A 297 25.31 -5.58 -27.18
C ARG A 297 23.99 -5.37 -26.42
N LYS A 298 23.24 -4.34 -26.83
CA LYS A 298 22.11 -3.89 -26.04
C LYS A 298 20.90 -4.83 -26.12
N LEU A 299 20.32 -5.14 -24.97
CA LEU A 299 19.07 -5.92 -24.96
C LEU A 299 17.96 -5.16 -25.69
N HIS A 300 18.03 -3.82 -25.66
CA HIS A 300 17.12 -2.98 -26.42
C HIS A 300 17.09 -3.38 -27.89
N ASN A 301 18.25 -3.75 -28.46
CA ASN A 301 18.29 -4.14 -29.86
C ASN A 301 18.09 -5.63 -30.07
N ILE A 302 18.54 -6.46 -29.12
CA ILE A 302 18.26 -7.88 -29.18
C ILE A 302 16.76 -8.11 -29.23
N LEU A 303 16.00 -7.35 -28.43
CA LEU A 303 14.56 -7.53 -28.38
C LEU A 303 13.83 -6.74 -29.47
N GLY A 304 14.53 -5.86 -30.17
CA GLY A 304 13.91 -5.03 -31.21
C GLY A 304 12.81 -4.14 -30.69
N VAL A 305 13.06 -3.47 -29.55
CA VAL A 305 12.03 -2.71 -28.83
C VAL A 305 11.38 -1.69 -29.75
N GLU A 306 12.18 -0.97 -30.53
CA GLU A 306 11.66 0.06 -31.40
C GLU A 306 11.78 -0.31 -32.86
N THR A 307 12.09 -1.56 -33.19
CA THR A 307 12.30 -1.95 -34.59
C THR A 307 11.45 -3.17 -34.96
N GLY A 308 10.31 -3.34 -34.31
CA GLY A 308 9.42 -4.43 -34.66
C GLY A 308 9.71 -5.78 -34.03
N GLY A 309 10.31 -5.79 -32.83
CA GLY A 309 10.59 -7.03 -32.15
C GLY A 309 11.84 -7.72 -32.67
N PRO A 310 12.10 -8.94 -32.20
CA PRO A 310 13.37 -9.61 -32.54
C PRO A 310 13.48 -9.86 -34.05
N GLY A 311 14.55 -9.34 -34.63
CA GLY A 311 14.77 -9.43 -36.07
C GLY A 311 13.77 -8.67 -36.90
N GLY A 312 12.96 -7.80 -36.29
CA GLY A 312 11.88 -7.15 -37.01
C GLY A 312 10.70 -8.05 -37.31
N ARG A 313 10.70 -9.28 -36.81
CA ARG A 313 9.71 -10.27 -37.23
C ARG A 313 8.32 -10.06 -36.64
N ARG A 314 8.15 -9.11 -35.72
CA ARG A 314 6.86 -8.82 -35.09
C ARG A 314 6.30 -7.48 -35.53
N ALA A 315 6.88 -6.86 -36.55
CA ALA A 315 6.45 -5.53 -36.96
C ALA A 315 4.97 -5.54 -37.39
N GLY A 316 4.21 -4.59 -36.83
CA GLY A 316 2.81 -4.45 -37.19
C GLY A 316 1.84 -5.37 -36.49
N GLU A 317 2.32 -6.33 -35.69
CA GLU A 317 1.42 -7.24 -34.99
C GLU A 317 0.89 -6.57 -33.73
N SER A 318 -0.33 -6.93 -33.36
CA SER A 318 -0.88 -6.51 -32.08
C SER A 318 -0.17 -7.24 -30.95
N GLY A 319 -0.24 -6.66 -29.75
CA GLY A 319 0.38 -7.26 -28.58
C GLY A 319 1.90 -7.21 -28.60
N HIS A 320 2.47 -6.38 -29.45
CA HIS A 320 3.91 -6.21 -29.59
C HIS A 320 4.27 -4.74 -29.72
N THR A 321 3.64 -3.88 -28.92
CA THR A 321 3.89 -2.46 -29.02
C THR A 321 5.25 -2.11 -28.40
N VAL A 322 5.72 -0.89 -28.72
CA VAL A 322 6.96 -0.41 -28.12
C VAL A 322 6.84 -0.37 -26.60
N ALA A 323 5.68 0.08 -26.10
CA ALA A 323 5.45 0.13 -24.65
C ALA A 323 5.50 -1.26 -24.04
N ASP A 324 4.92 -2.24 -24.74
CA ASP A 324 5.03 -3.62 -24.28
C ASP A 324 6.47 -4.08 -24.20
N TYR A 325 7.27 -3.76 -25.22
CA TYR A 325 8.66 -4.19 -25.21
C TYR A 325 9.45 -3.47 -24.13
N LEU A 326 9.18 -2.19 -23.90
CA LEU A 326 9.92 -1.48 -22.86
C LEU A 326 9.65 -2.10 -21.50
N LYS A 327 8.40 -2.45 -21.22
CA LYS A 327 8.07 -3.12 -19.97
C LYS A 327 8.78 -4.47 -19.88
N PHE A 328 8.75 -5.23 -20.96
CA PHE A 328 9.42 -6.53 -20.98
C PHE A 328 10.92 -6.38 -20.75
N LYS A 329 11.55 -5.40 -21.40
CA LYS A 329 12.99 -5.19 -21.22
C LYS A 329 13.33 -4.86 -19.78
N ASP A 330 12.56 -3.96 -19.17
CA ASP A 330 12.84 -3.56 -17.79
C ASP A 330 12.78 -4.74 -16.84
N LEU A 331 11.76 -5.58 -16.98
CA LEU A 331 11.65 -6.77 -16.12
C LEU A 331 12.83 -7.70 -16.33
N ILE A 332 13.23 -7.92 -17.60
CA ILE A 332 14.37 -8.80 -17.88
C ILE A 332 15.63 -8.26 -17.23
N LEU A 333 15.86 -6.94 -17.36
CA LEU A 333 17.03 -6.32 -16.75
C LEU A 333 16.96 -6.37 -15.23
N ARG A 334 15.75 -6.33 -14.66
CA ARG A 334 15.64 -6.55 -13.22
C ARG A 334 15.94 -7.99 -12.86
N MET A 335 15.57 -8.94 -13.74
CA MET A 335 15.92 -10.34 -13.51
C MET A 335 17.39 -10.63 -13.73
N LEU A 336 18.08 -9.82 -14.54
CA LEU A 336 19.48 -10.07 -14.86
C LEU A 336 20.41 -9.15 -14.08
N ASP A 337 19.93 -8.58 -12.98
CA ASP A 337 20.78 -7.80 -12.09
C ASP A 337 21.96 -8.64 -11.64
N TYR A 338 23.17 -8.07 -11.76
CA TYR A 338 24.38 -8.77 -11.32
C TYR A 338 24.35 -9.06 -9.83
N ASP A 339 23.79 -8.16 -9.05
CA ASP A 339 23.79 -8.28 -7.59
C ASP A 339 22.65 -9.18 -7.16
N PRO A 340 22.93 -10.35 -6.58
CA PRO A 340 21.86 -11.25 -6.13
C PRO A 340 20.98 -10.67 -5.04
N LYS A 341 21.47 -9.68 -4.30
CA LYS A 341 20.67 -9.10 -3.22
C LYS A 341 19.67 -8.07 -3.71
N THR A 342 19.89 -7.48 -4.89
CA THR A 342 18.95 -6.52 -5.45
C THR A 342 18.23 -7.05 -6.68
N ARG A 343 18.62 -8.22 -7.19
CA ARG A 343 17.91 -8.87 -8.29
C ARG A 343 16.46 -9.06 -7.90
N ILE A 344 15.55 -8.78 -8.85
CA ILE A 344 14.14 -8.76 -8.51
C ILE A 344 13.70 -10.13 -8.00
N GLN A 345 12.89 -10.11 -6.96
CA GLN A 345 12.42 -11.32 -6.31
C GLN A 345 11.00 -11.63 -6.75
N PRO A 346 10.58 -12.91 -6.66
CA PRO A 346 9.29 -13.33 -7.26
C PRO A 346 8.08 -12.51 -6.89
N TYR A 347 7.93 -12.14 -5.62
CA TYR A 347 6.78 -11.34 -5.19
C TYR A 347 6.73 -10.01 -5.92
N TYR A 348 7.89 -9.35 -6.04
CA TYR A 348 7.91 -8.06 -6.70
C TYR A 348 7.85 -8.18 -8.21
N ALA A 349 8.36 -9.28 -8.78
CA ALA A 349 8.27 -9.48 -10.22
C ALA A 349 6.83 -9.54 -10.67
N LEU A 350 5.97 -10.20 -9.86
CA LEU A 350 4.56 -10.34 -10.19
C LEU A 350 3.83 -9.00 -10.14
N GLN A 351 4.41 -7.99 -9.49
CA GLN A 351 3.81 -6.67 -9.45
C GLN A 351 4.26 -5.76 -10.58
N HIS A 352 5.11 -6.25 -11.47
CA HIS A 352 5.69 -5.43 -12.51
C HIS A 352 4.63 -5.06 -13.54
N SER A 353 4.79 -3.86 -14.11
CA SER A 353 3.83 -3.34 -15.09
C SER A 353 3.71 -4.23 -16.32
N PHE A 354 4.71 -5.08 -16.60
CA PHE A 354 4.61 -6.04 -17.68
C PHE A 354 3.45 -7.02 -17.48
N PHE A 355 3.01 -7.24 -16.24
CA PHE A 355 1.94 -8.19 -15.96
C PHE A 355 0.56 -7.56 -15.81
N LYS A 356 0.43 -6.25 -15.92
CA LYS A 356 -0.85 -5.62 -15.63
C LYS A 356 -1.74 -5.65 -16.86
N LYS A 357 -3.02 -5.95 -16.64
CA LYS A 357 -3.97 -6.16 -17.74
C LYS A 357 -4.30 -4.87 -18.48
N VAL B 11 -37.43 -28.49 -35.58
CA VAL B 11 -37.82 -28.65 -34.18
C VAL B 11 -37.64 -27.34 -33.41
N TYR B 12 -36.69 -27.34 -32.49
CA TYR B 12 -36.45 -26.21 -31.60
C TYR B 12 -35.07 -25.64 -31.92
N ASN B 13 -35.05 -24.40 -32.43
CA ASN B 13 -33.82 -23.68 -32.75
C ASN B 13 -32.96 -24.47 -33.74
N ASP B 14 -33.61 -24.94 -34.81
CA ASP B 14 -32.96 -25.67 -35.92
C ASP B 14 -32.22 -26.92 -35.44
N GLY B 15 -32.65 -27.48 -34.31
CA GLY B 15 -32.07 -28.69 -33.76
C GLY B 15 -31.04 -28.47 -32.68
N TYR B 16 -30.77 -27.23 -32.30
CA TYR B 16 -29.77 -26.97 -31.28
C TYR B 16 -30.34 -26.97 -29.88
N ASP B 17 -31.66 -26.91 -29.72
CA ASP B 17 -32.30 -26.77 -28.43
C ASP B 17 -33.15 -27.99 -28.13
N ASP B 18 -33.43 -28.20 -26.84
CA ASP B 18 -34.35 -29.24 -26.43
C ASP B 18 -35.74 -28.65 -26.32
N ASP B 19 -36.67 -29.39 -25.71
CA ASP B 19 -38.03 -28.91 -25.54
C ASP B 19 -38.17 -27.92 -24.40
N ASN B 20 -37.13 -27.70 -23.60
CA ASN B 20 -37.20 -26.75 -22.49
C ASN B 20 -36.31 -25.54 -22.73
N TYR B 21 -36.11 -25.17 -23.99
CA TYR B 21 -35.39 -23.97 -24.42
C TYR B 21 -33.91 -24.01 -24.07
N ASP B 22 -33.37 -25.16 -23.71
CA ASP B 22 -31.98 -25.26 -23.32
C ASP B 22 -31.16 -25.71 -24.53
N TYR B 23 -29.94 -25.18 -24.64
CA TYR B 23 -29.02 -25.63 -25.68
C TYR B 23 -28.55 -27.05 -25.37
N ILE B 24 -28.64 -27.95 -26.35
CA ILE B 24 -28.24 -29.34 -26.15
C ILE B 24 -26.72 -29.42 -26.10
N VAL B 25 -26.18 -29.50 -24.88
CA VAL B 25 -24.74 -29.46 -24.67
C VAL B 25 -24.11 -30.74 -25.20
N LYS B 26 -23.03 -30.57 -25.98
CA LYS B 26 -22.27 -31.68 -26.56
C LYS B 26 -20.81 -31.50 -26.18
N ASN B 27 -20.27 -32.44 -25.38
CA ASN B 27 -18.88 -32.37 -24.94
C ASN B 27 -17.91 -32.33 -26.10
N GLY B 28 -16.90 -31.47 -25.98
CA GLY B 28 -15.88 -31.33 -27.00
C GLY B 28 -16.16 -30.30 -28.06
N GLU B 29 -17.38 -29.78 -28.13
CA GLU B 29 -17.76 -28.81 -29.14
C GLU B 29 -16.95 -27.52 -29.02
N LYS B 30 -16.62 -26.93 -30.15
CA LYS B 30 -15.87 -25.68 -30.22
C LYS B 30 -16.80 -24.58 -30.66
N TRP B 31 -16.69 -23.41 -30.02
CA TRP B 31 -17.57 -22.28 -30.32
C TRP B 31 -16.73 -21.09 -30.76
N MET B 32 -17.11 -20.52 -31.92
CA MET B 32 -16.53 -19.28 -32.44
C MET B 32 -15.02 -19.35 -32.57
N ASP B 33 -14.49 -20.57 -32.71
CA ASP B 33 -13.05 -20.85 -32.69
C ASP B 33 -12.38 -20.25 -31.45
N ARG B 34 -13.12 -20.18 -30.33
CA ARG B 34 -12.55 -19.64 -29.10
C ARG B 34 -12.81 -20.49 -27.87
N TYR B 35 -13.99 -21.09 -27.75
CA TYR B 35 -14.37 -21.81 -26.55
C TYR B 35 -14.49 -23.28 -26.89
N GLU B 36 -13.80 -24.12 -26.12
CA GLU B 36 -13.89 -25.56 -26.25
C GLU B 36 -14.73 -26.06 -25.08
N ILE B 37 -15.92 -26.58 -25.39
CA ILE B 37 -16.87 -26.98 -24.36
C ILE B 37 -16.44 -28.31 -23.78
N ASP B 38 -16.25 -28.35 -22.46
CA ASP B 38 -15.82 -29.57 -21.81
C ASP B 38 -17.02 -30.41 -21.36
N SER B 39 -17.88 -29.85 -20.51
CA SER B 39 -18.96 -30.63 -19.93
C SER B 39 -19.96 -29.72 -19.25
N LEU B 40 -21.17 -30.23 -19.08
CA LEU B 40 -22.20 -29.54 -18.32
C LEU B 40 -21.93 -29.68 -16.82
N ILE B 41 -21.96 -28.56 -16.11
CA ILE B 41 -21.69 -28.60 -14.67
C ILE B 41 -22.93 -28.26 -13.83
N GLY B 42 -23.86 -27.46 -14.33
CA GLY B 42 -25.03 -27.19 -13.52
C GLY B 42 -26.21 -26.72 -14.34
N LYS B 43 -27.40 -26.92 -13.77
CA LYS B 43 -28.67 -26.47 -14.34
C LYS B 43 -29.40 -25.62 -13.31
N GLY B 44 -30.28 -24.77 -13.83
CA GLY B 44 -31.20 -23.98 -13.03
C GLY B 44 -32.40 -23.64 -13.87
N SER B 45 -33.28 -22.80 -13.32
CA SER B 45 -34.40 -22.31 -14.12
C SER B 45 -33.93 -21.40 -15.26
N PHE B 46 -32.80 -20.71 -15.08
CA PHE B 46 -32.30 -19.79 -16.11
C PHE B 46 -31.82 -20.53 -17.36
N GLY B 47 -31.38 -21.76 -17.20
CA GLY B 47 -30.68 -22.46 -18.26
C GLY B 47 -29.61 -23.37 -17.71
N GLN B 48 -28.39 -23.26 -18.25
CA GLN B 48 -27.32 -24.19 -17.94
C GLN B 48 -25.99 -23.46 -17.78
N VAL B 49 -25.08 -24.12 -17.06
CA VAL B 49 -23.71 -23.68 -16.90
C VAL B 49 -22.80 -24.81 -17.34
N VAL B 50 -21.87 -24.51 -18.25
CA VAL B 50 -20.92 -25.52 -18.75
C VAL B 50 -19.51 -25.03 -18.44
N LYS B 51 -18.60 -25.99 -18.32
CA LYS B 51 -17.18 -25.72 -18.23
C LYS B 51 -16.60 -25.65 -19.63
N ALA B 52 -15.72 -24.68 -19.86
CA ALA B 52 -15.15 -24.49 -21.18
C ALA B 52 -13.75 -23.89 -21.07
N TYR B 53 -12.97 -24.05 -22.13
CA TYR B 53 -11.64 -23.49 -22.21
C TYR B 53 -11.62 -22.35 -23.22
N ASP B 54 -11.12 -21.20 -22.79
CA ASP B 54 -11.02 -20.01 -23.64
C ASP B 54 -9.62 -20.00 -24.27
N ARG B 55 -9.56 -20.26 -25.57
CA ARG B 55 -8.26 -20.28 -26.25
C ARG B 55 -7.60 -18.92 -26.28
N VAL B 56 -8.38 -17.83 -26.33
CA VAL B 56 -7.80 -16.50 -26.48
C VAL B 56 -7.10 -16.06 -25.20
N GLU B 57 -7.78 -16.20 -24.06
CA GLU B 57 -7.17 -15.82 -22.78
C GLU B 57 -6.44 -16.97 -22.12
N GLN B 58 -6.49 -18.15 -22.73
CA GLN B 58 -5.82 -19.37 -22.26
C GLN B 58 -6.14 -19.65 -20.79
N GLU B 59 -7.44 -19.86 -20.54
CA GLU B 59 -7.96 -20.08 -19.21
C GLU B 59 -9.27 -20.86 -19.27
N TRP B 60 -9.51 -21.70 -18.27
CA TRP B 60 -10.80 -22.36 -18.09
C TRP B 60 -11.83 -21.36 -17.58
N VAL B 61 -13.06 -21.44 -18.11
CA VAL B 61 -14.13 -20.52 -17.75
C VAL B 61 -15.41 -21.30 -17.54
N ALA B 62 -16.36 -20.67 -16.86
CA ALA B 62 -17.72 -21.18 -16.72
C ALA B 62 -18.63 -20.35 -17.62
N ILE B 63 -19.42 -21.03 -18.45
CA ILE B 63 -20.30 -20.34 -19.40
C ILE B 63 -21.74 -20.63 -19.04
N LYS B 64 -22.45 -19.58 -18.64
CA LYS B 64 -23.87 -19.66 -18.31
C LYS B 64 -24.66 -19.48 -19.59
N ILE B 65 -25.26 -20.56 -20.09
CA ILE B 65 -26.03 -20.53 -21.32
C ILE B 65 -27.49 -20.30 -20.96
N ILE B 66 -27.99 -19.09 -21.23
CA ILE B 66 -29.37 -18.75 -20.89
C ILE B 66 -30.33 -19.44 -21.85
N LYS B 67 -31.52 -19.77 -21.37
CA LYS B 67 -32.53 -20.40 -22.21
C LYS B 67 -32.89 -19.50 -23.38
N ASN B 68 -33.10 -20.11 -24.55
CA ASN B 68 -33.54 -19.39 -25.74
C ASN B 68 -35.04 -19.16 -25.63
N LYS B 69 -35.38 -18.20 -24.78
CA LYS B 69 -36.77 -17.77 -24.67
C LYS B 69 -36.77 -16.38 -24.08
N LYS B 70 -37.61 -15.50 -24.64
CA LYS B 70 -37.81 -14.18 -24.07
C LYS B 70 -38.23 -14.35 -22.61
N ALA B 71 -37.94 -13.34 -21.79
CA ALA B 71 -38.14 -13.26 -20.34
C ALA B 71 -37.08 -14.08 -19.62
N PHE B 72 -36.55 -15.15 -20.21
CA PHE B 72 -35.30 -15.64 -19.65
C PHE B 72 -34.15 -14.78 -20.16
N LEU B 73 -34.18 -14.44 -21.44
CA LEU B 73 -33.19 -13.50 -21.99
C LEU B 73 -33.30 -12.15 -21.29
N ASN B 74 -34.53 -11.65 -21.11
CA ASN B 74 -34.71 -10.33 -20.51
C ASN B 74 -34.19 -10.29 -19.08
N GLN B 75 -34.48 -11.32 -18.30
CA GLN B 75 -33.98 -11.36 -16.93
C GLN B 75 -32.46 -11.48 -16.90
N ALA B 76 -31.88 -12.30 -17.80
CA ALA B 76 -30.43 -12.41 -17.88
C ALA B 76 -29.76 -11.09 -18.29
N GLN B 77 -30.44 -10.26 -19.07
CA GLN B 77 -29.89 -8.93 -19.39
C GLN B 77 -29.81 -8.06 -18.15
N ILE B 78 -30.81 -8.14 -17.26
CA ILE B 78 -30.73 -7.44 -15.99
C ILE B 78 -29.55 -7.94 -15.19
N GLU B 79 -29.36 -9.27 -15.15
CA GLU B 79 -28.20 -9.84 -14.47
C GLU B 79 -26.88 -9.30 -15.03
N VAL B 80 -26.75 -9.22 -16.37
CA VAL B 80 -25.53 -8.69 -16.97
C VAL B 80 -25.27 -7.27 -16.49
N ARG B 81 -26.32 -6.43 -16.50
CA ARG B 81 -26.17 -5.05 -16.05
C ARG B 81 -25.73 -4.98 -14.59
N LEU B 82 -26.28 -5.82 -13.72
CA LEU B 82 -25.92 -5.75 -12.31
C LEU B 82 -24.51 -6.26 -12.06
N LEU B 83 -24.12 -7.33 -12.76
CA LEU B 83 -22.78 -7.89 -12.63
C LEU B 83 -21.72 -6.90 -13.08
N GLU B 84 -21.95 -6.24 -14.22
CA GLU B 84 -20.96 -5.32 -14.73
C GLU B 84 -20.83 -4.11 -13.83
N LEU B 85 -21.94 -3.69 -13.23
CA LEU B 85 -21.90 -2.60 -12.27
C LEU B 85 -21.07 -2.98 -11.04
N MET B 86 -21.25 -4.20 -10.54
CA MET B 86 -20.54 -4.64 -9.35
C MET B 86 -19.06 -4.84 -9.64
N ASN B 87 -18.74 -5.47 -10.78
CA ASN B 87 -17.35 -5.76 -11.09
C ASN B 87 -16.58 -4.46 -11.33
N LYS B 88 -17.27 -3.40 -11.73
CA LYS B 88 -16.62 -2.10 -11.88
C LYS B 88 -16.26 -1.51 -10.51
N HIS B 89 -17.09 -1.74 -9.48
CA HIS B 89 -16.81 -1.24 -8.14
C HIS B 89 -15.84 -2.13 -7.39
N ASP B 90 -15.60 -3.33 -7.88
CA ASP B 90 -14.71 -4.34 -7.28
C ASP B 90 -13.80 -4.80 -8.40
N THR B 91 -12.74 -4.05 -8.71
CA THR B 91 -11.88 -4.51 -9.78
C THR B 91 -10.81 -5.46 -9.24
N GLU B 92 -10.45 -5.29 -7.97
CA GLU B 92 -9.50 -6.14 -7.27
C GLU B 92 -10.11 -7.47 -6.84
N MET B 93 -11.42 -7.69 -7.06
CA MET B 93 -12.10 -8.96 -6.81
C MET B 93 -12.18 -9.28 -5.32
N LYS B 94 -12.03 -8.26 -4.47
CA LYS B 94 -11.96 -8.45 -3.02
C LYS B 94 -13.32 -8.58 -2.33
N TYR B 95 -14.44 -8.41 -3.02
CA TYR B 95 -15.76 -8.41 -2.37
C TYR B 95 -16.64 -9.61 -2.67
N TYR B 96 -16.08 -10.76 -3.09
CA TYR B 96 -16.75 -12.05 -3.00
C TYR B 96 -17.88 -12.22 -4.00
N ILE B 97 -17.93 -11.37 -5.03
CA ILE B 97 -18.91 -11.48 -6.09
C ILE B 97 -18.22 -12.05 -7.32
N VAL B 98 -18.86 -13.03 -7.95
CA VAL B 98 -18.30 -13.66 -9.15
C VAL B 98 -18.06 -12.63 -10.26
N HIS B 99 -16.98 -12.82 -11.00
CA HIS B 99 -16.59 -11.86 -12.02
C HIS B 99 -17.17 -12.30 -13.36
N LEU B 100 -17.99 -11.44 -13.97
CA LEU B 100 -18.48 -11.63 -15.32
C LEU B 100 -17.44 -11.11 -16.30
N LYS B 101 -16.81 -12.01 -17.06
CA LYS B 101 -15.74 -11.64 -17.98
C LYS B 101 -16.29 -11.08 -19.30
N ARG B 102 -17.32 -11.73 -19.84
CA ARG B 102 -17.80 -11.42 -21.17
C ARG B 102 -19.19 -11.98 -21.33
N HIS B 103 -19.93 -11.44 -22.28
CA HIS B 103 -21.16 -12.07 -22.71
C HIS B 103 -21.22 -12.04 -24.23
N PHE B 104 -21.90 -13.00 -24.80
CA PHE B 104 -22.09 -13.06 -26.24
C PHE B 104 -23.36 -13.83 -26.52
N MET B 105 -23.89 -13.66 -27.73
CA MET B 105 -25.00 -14.46 -28.24
C MET B 105 -24.42 -15.52 -29.14
N PHE B 106 -24.78 -16.78 -28.89
CA PHE B 106 -24.33 -17.88 -29.72
C PHE B 106 -25.50 -18.81 -29.97
N ARG B 107 -25.86 -18.98 -31.25
CA ARG B 107 -26.95 -19.87 -31.65
C ARG B 107 -28.25 -19.54 -30.90
N ASN B 108 -28.54 -18.24 -30.82
CA ASN B 108 -29.73 -17.66 -30.20
C ASN B 108 -29.81 -17.88 -28.69
N HIS B 109 -28.65 -18.02 -28.03
CA HIS B 109 -28.57 -18.14 -26.57
C HIS B 109 -27.65 -17.05 -26.05
N LEU B 110 -28.13 -16.28 -25.07
CA LEU B 110 -27.22 -15.38 -24.36
C LEU B 110 -26.32 -16.23 -23.48
N CYS B 111 -25.01 -16.05 -23.64
CA CYS B 111 -24.02 -16.80 -22.88
C CYS B 111 -23.18 -15.83 -22.05
N LEU B 112 -23.07 -16.09 -20.76
CA LEU B 112 -22.28 -15.24 -19.88
C LEU B 112 -21.03 -16.00 -19.47
N VAL B 113 -19.87 -15.38 -19.65
CA VAL B 113 -18.59 -16.01 -19.37
C VAL B 113 -18.10 -15.51 -18.01
N PHE B 114 -18.00 -16.43 -17.06
CA PHE B 114 -17.55 -16.16 -15.72
C PHE B 114 -16.23 -16.85 -15.47
N GLU B 115 -15.55 -16.43 -14.40
CA GLU B 115 -14.45 -17.22 -13.88
C GLU B 115 -14.94 -18.60 -13.48
N MET B 116 -14.05 -19.58 -13.55
CA MET B 116 -14.35 -20.93 -13.11
C MET B 116 -14.23 -21.05 -11.60
N LEU B 117 -15.21 -21.71 -10.98
CA LEU B 117 -15.25 -21.95 -9.53
C LEU B 117 -15.48 -23.43 -9.25
N SER B 118 -15.35 -23.79 -7.98
CA SER B 118 -15.42 -25.14 -7.44
C SER B 118 -16.84 -25.44 -6.90
N TYR B 119 -16.94 -26.44 -6.01
CA TYR B 119 -18.21 -26.92 -5.48
C TYR B 119 -18.98 -25.82 -4.75
N ASN B 120 -20.32 -25.97 -4.71
CA ASN B 120 -21.13 -25.05 -3.92
C ASN B 120 -21.27 -25.56 -2.49
N LEU B 121 -21.90 -24.73 -1.65
CA LEU B 121 -22.00 -25.05 -0.23
C LEU B 121 -22.98 -26.19 0.03
N TYR B 122 -23.96 -26.41 -0.86
CA TYR B 122 -24.76 -27.62 -0.71
C TYR B 122 -23.94 -28.86 -1.02
N ASP B 123 -23.11 -28.83 -2.08
CA ASP B 123 -22.22 -29.96 -2.36
C ASP B 123 -21.38 -30.28 -1.14
N LEU B 124 -20.91 -29.24 -0.45
CA LEU B 124 -20.09 -29.42 0.73
C LEU B 124 -20.84 -30.14 1.83
N LEU B 125 -22.12 -29.80 2.02
CA LEU B 125 -22.93 -30.47 3.03
C LEU B 125 -23.13 -31.95 2.67
N ARG B 126 -23.43 -32.22 1.40
CA ARG B 126 -23.61 -33.61 0.97
C ARG B 126 -22.34 -34.42 1.10
N ASN B 127 -21.16 -33.81 0.92
CA ASN B 127 -19.94 -34.58 0.96
C ASN B 127 -19.63 -35.14 2.36
N THR B 128 -20.08 -34.47 3.42
CA THR B 128 -19.96 -35.01 4.77
C THR B 128 -21.23 -35.72 5.22
N ASN B 129 -22.10 -36.11 4.28
CA ASN B 129 -23.37 -36.80 4.57
C ASN B 129 -24.27 -35.97 5.47
N PHE B 130 -24.30 -34.66 5.25
CA PHE B 130 -25.18 -33.74 5.96
C PHE B 130 -24.93 -33.75 7.45
N ARG B 131 -23.68 -33.97 7.84
CA ARG B 131 -23.28 -33.83 9.22
C ARG B 131 -23.12 -32.37 9.62
N GLY B 132 -22.89 -31.50 8.65
CA GLY B 132 -22.63 -30.09 8.83
C GLY B 132 -21.14 -29.81 8.88
N VAL B 133 -20.78 -28.61 8.51
CA VAL B 133 -19.39 -28.22 8.62
C VAL B 133 -19.17 -27.65 10.01
N SER B 134 -17.90 -27.53 10.39
CA SER B 134 -17.55 -27.07 11.71
C SER B 134 -17.99 -25.62 11.89
N LEU B 135 -18.12 -25.23 13.17
CA LEU B 135 -18.49 -23.86 13.49
C LEU B 135 -17.42 -22.87 13.02
N ASN B 136 -16.15 -23.28 13.04
CA ASN B 136 -15.08 -22.42 12.55
C ASN B 136 -15.20 -22.17 11.05
N LEU B 137 -15.53 -23.21 10.27
CA LEU B 137 -15.76 -23.01 8.84
C LEU B 137 -17.02 -22.19 8.62
N THR B 138 -18.06 -22.44 9.42
CA THR B 138 -19.28 -21.65 9.37
C THR B 138 -19.00 -20.17 9.63
N ARG B 139 -18.13 -19.88 10.61
CA ARG B 139 -17.73 -18.50 10.87
C ARG B 139 -17.06 -17.87 9.66
N LYS B 140 -16.14 -18.58 9.01
CA LYS B 140 -15.45 -18.04 7.84
C LYS B 140 -16.42 -17.72 6.71
N PHE B 141 -17.36 -18.62 6.44
CA PHE B 141 -18.40 -18.32 5.46
C PHE B 141 -19.23 -17.11 5.89
N ALA B 142 -19.55 -17.01 7.18
CA ALA B 142 -20.39 -15.91 7.67
C ALA B 142 -19.71 -14.56 7.50
N GLN B 143 -18.41 -14.50 7.79
CA GLN B 143 -17.68 -13.24 7.66
C GLN B 143 -17.60 -12.81 6.20
N GLN B 144 -17.27 -13.74 5.31
CA GLN B 144 -17.19 -13.42 3.90
C GLN B 144 -18.54 -12.99 3.36
N MET B 145 -19.60 -13.70 3.77
CA MET B 145 -20.95 -13.37 3.30
C MET B 145 -21.39 -11.99 3.79
N CYS B 146 -21.10 -11.68 5.07
CA CYS B 146 -21.46 -10.36 5.58
C CYS B 146 -20.70 -9.25 4.87
N THR B 147 -19.41 -9.49 4.55
CA THR B 147 -18.64 -8.51 3.79
C THR B 147 -19.23 -8.32 2.40
N ALA B 148 -19.61 -9.43 1.75
CA ALA B 148 -20.25 -9.34 0.44
C ALA B 148 -21.55 -8.56 0.51
N LEU B 149 -22.36 -8.81 1.55
CA LEU B 149 -23.61 -8.08 1.71
C LEU B 149 -23.36 -6.61 2.00
N LEU B 150 -22.28 -6.30 2.72
CA LEU B 150 -21.85 -4.92 2.93
C LEU B 150 -21.51 -4.24 1.61
N PHE B 151 -20.82 -4.98 0.72
CA PHE B 151 -20.51 -4.44 -0.60
C PHE B 151 -21.77 -4.12 -1.39
N LEU B 152 -22.71 -5.06 -1.43
CA LEU B 152 -23.96 -4.85 -2.17
C LEU B 152 -24.74 -3.67 -1.64
N ALA B 153 -24.62 -3.37 -0.34
CA ALA B 153 -25.33 -2.27 0.30
C ALA B 153 -24.68 -0.91 0.06
N THR B 154 -23.52 -0.85 -0.57
CA THR B 154 -22.93 0.43 -0.90
C THR B 154 -23.90 1.23 -1.77
N PRO B 155 -24.08 2.53 -1.47
CA PRO B 155 -25.20 3.30 -2.04
C PRO B 155 -25.32 3.27 -3.56
N GLU B 156 -24.20 3.31 -4.28
CA GLU B 156 -24.26 3.24 -5.73
C GLU B 156 -24.76 1.88 -6.24
N LEU B 157 -24.60 0.82 -5.46
CA LEU B 157 -25.12 -0.47 -5.89
C LEU B 157 -26.54 -0.70 -5.36
N SER B 158 -26.71 -0.77 -4.03
CA SER B 158 -27.99 -1.08 -3.38
C SER B 158 -28.68 -2.27 -4.02
N ILE B 159 -27.94 -3.36 -4.08
CA ILE B 159 -28.34 -4.55 -4.83
C ILE B 159 -28.87 -5.60 -3.87
N ILE B 160 -30.05 -6.14 -4.17
CA ILE B 160 -30.64 -7.25 -3.44
C ILE B 160 -30.45 -8.49 -4.29
N HIS B 161 -29.70 -9.47 -3.77
CA HIS B 161 -29.44 -10.69 -4.53
C HIS B 161 -30.72 -11.44 -4.83
N CYS B 162 -31.56 -11.61 -3.80
CA CYS B 162 -32.93 -12.15 -3.84
C CYS B 162 -32.99 -13.65 -4.00
N ASP B 163 -31.87 -14.37 -4.15
CA ASP B 163 -31.95 -15.82 -4.23
C ASP B 163 -30.77 -16.47 -3.52
N LEU B 164 -30.40 -15.96 -2.35
CA LEU B 164 -29.30 -16.59 -1.64
C LEU B 164 -29.72 -17.96 -1.14
N LYS B 165 -28.91 -18.95 -1.45
CA LYS B 165 -29.10 -20.32 -1.00
C LYS B 165 -27.73 -21.00 -1.07
N PRO B 166 -27.57 -22.15 -0.39
CA PRO B 166 -26.26 -22.85 -0.45
C PRO B 166 -25.74 -23.11 -1.85
N GLU B 167 -26.63 -23.38 -2.80
CA GLU B 167 -26.21 -23.65 -4.18
C GLU B 167 -25.66 -22.41 -4.88
N ASN B 168 -25.96 -21.20 -4.40
CA ASN B 168 -25.47 -20.00 -5.06
C ASN B 168 -24.24 -19.41 -4.39
N ILE B 169 -23.66 -20.12 -3.43
CA ILE B 169 -22.39 -19.75 -2.81
C ILE B 169 -21.38 -20.83 -3.14
N LEU B 170 -20.32 -20.48 -3.85
CA LEU B 170 -19.40 -21.47 -4.37
C LEU B 170 -18.00 -21.22 -3.79
N LEU B 171 -17.28 -22.28 -3.55
CA LEU B 171 -15.89 -22.14 -3.14
C LEU B 171 -15.02 -21.80 -4.35
N CYS B 172 -14.07 -20.88 -4.15
CA CYS B 172 -13.08 -20.58 -5.18
C CYS B 172 -12.22 -21.79 -5.47
N ASN B 173 -11.71 -22.43 -4.41
CA ASN B 173 -10.84 -23.59 -4.50
C ASN B 173 -11.38 -24.64 -3.54
N PRO B 174 -11.33 -25.92 -3.91
CA PRO B 174 -11.96 -26.95 -3.07
C PRO B 174 -11.26 -27.15 -1.74
N LYS B 175 -10.04 -26.66 -1.60
CA LYS B 175 -9.26 -26.83 -0.38
C LYS B 175 -9.18 -25.56 0.46
N ARG B 176 -9.86 -24.49 0.05
CA ARG B 176 -9.88 -23.24 0.80
C ARG B 176 -11.31 -22.83 1.10
N SER B 177 -11.46 -21.91 2.04
CA SER B 177 -12.78 -21.50 2.49
C SER B 177 -13.26 -20.26 1.75
N ALA B 178 -12.45 -19.73 0.84
CA ALA B 178 -12.84 -18.57 0.07
C ALA B 178 -14.05 -18.90 -0.79
N ILE B 179 -15.01 -17.99 -0.83
CA ILE B 179 -16.27 -18.19 -1.52
C ILE B 179 -16.59 -16.97 -2.39
N LYS B 180 -17.43 -17.23 -3.39
CA LYS B 180 -18.00 -16.18 -4.22
C LYS B 180 -19.48 -16.49 -4.46
N ILE B 181 -20.26 -15.43 -4.56
CA ILE B 181 -21.70 -15.52 -4.80
C ILE B 181 -21.97 -15.50 -6.28
N VAL B 182 -22.90 -16.34 -6.73
CA VAL B 182 -23.27 -16.45 -8.13
C VAL B 182 -24.77 -16.30 -8.26
N ASP B 183 -25.21 -16.24 -9.52
CA ASP B 183 -26.62 -16.21 -9.94
C ASP B 183 -27.36 -14.98 -9.42
N PHE B 184 -27.04 -13.85 -10.04
CA PHE B 184 -27.78 -12.60 -9.82
C PHE B 184 -28.96 -12.47 -10.77
N GLY B 185 -29.51 -13.60 -11.20
CA GLY B 185 -30.63 -13.65 -12.12
C GLY B 185 -31.97 -13.31 -11.52
N SER B 186 -32.09 -13.21 -10.20
CA SER B 186 -33.31 -12.70 -9.58
C SER B 186 -33.08 -11.34 -8.97
N SER B 187 -31.87 -10.80 -9.11
CA SER B 187 -31.47 -9.62 -8.35
C SER B 187 -32.11 -8.36 -8.90
N CYS B 188 -32.12 -7.34 -8.06
CA CYS B 188 -32.66 -6.05 -8.43
C CYS B 188 -31.95 -5.02 -7.58
N GLN B 189 -32.16 -3.77 -7.92
CA GLN B 189 -31.71 -2.69 -7.07
C GLN B 189 -32.88 -2.14 -6.29
N LEU B 190 -32.57 -1.55 -5.14
CA LEU B 190 -33.58 -0.92 -4.31
C LEU B 190 -34.33 0.12 -5.13
N GLY B 191 -35.66 0.06 -5.09
CA GLY B 191 -36.40 0.95 -5.97
C GLY B 191 -36.53 0.53 -7.43
N GLN B 192 -36.13 -0.69 -7.80
CA GLN B 192 -36.35 -1.25 -9.13
C GLN B 192 -36.78 -2.71 -9.02
N ARG B 193 -37.66 -2.97 -8.07
CA ARG B 193 -38.17 -4.30 -7.77
C ARG B 193 -39.34 -4.64 -8.69
N ILE B 194 -39.32 -5.86 -9.26
CA ILE B 194 -40.30 -6.22 -10.29
C ILE B 194 -41.00 -7.55 -10.01
N TYR B 195 -40.79 -8.13 -8.83
CA TYR B 195 -41.40 -9.41 -8.50
C TYR B 195 -41.76 -9.44 -7.03
N GLN B 196 -42.84 -10.13 -6.71
CA GLN B 196 -43.31 -10.26 -5.34
C GLN B 196 -43.06 -11.69 -4.81
N ILE B 198 -40.35 -14.06 -4.72
CA ILE B 198 -38.91 -14.17 -4.91
C ILE B 198 -38.35 -15.00 -3.79
N GLN B 199 -37.07 -15.34 -3.92
CA GLN B 199 -36.27 -16.11 -2.97
C GLN B 199 -36.67 -17.58 -3.02
N SER B 200 -35.71 -18.47 -2.81
CA SER B 200 -36.05 -19.87 -2.62
C SER B 200 -36.79 -20.03 -1.30
N ARG B 201 -37.80 -20.92 -1.30
CA ARG B 201 -38.78 -20.95 -0.22
C ARG B 201 -38.13 -21.11 1.16
N PHE B 202 -37.16 -22.04 1.28
CA PHE B 202 -36.52 -22.28 2.57
C PHE B 202 -35.83 -21.02 3.12
N TYR B 203 -35.44 -20.11 2.22
CA TYR B 203 -34.67 -18.93 2.55
C TYR B 203 -35.48 -17.67 2.31
N ARG B 204 -36.80 -17.81 2.18
CA ARG B 204 -37.67 -16.68 1.86
C ARG B 204 -38.01 -15.91 3.13
N SER B 205 -37.84 -14.59 3.09
CA SER B 205 -38.03 -13.76 4.25
C SER B 205 -39.51 -13.61 4.59
N PRO B 206 -39.81 -13.32 5.86
CA PRO B 206 -41.21 -13.10 6.24
C PRO B 206 -41.87 -11.97 5.49
N GLU B 207 -41.14 -10.87 5.16
CA GLU B 207 -41.77 -9.79 4.41
C GLU B 207 -42.18 -10.23 3.01
N VAL B 208 -41.41 -11.11 2.39
CA VAL B 208 -41.82 -11.62 1.07
C VAL B 208 -43.02 -12.56 1.21
N LEU B 209 -43.01 -13.44 2.21
CA LEU B 209 -44.17 -14.31 2.42
C LEU B 209 -45.43 -13.49 2.69
N LEU B 210 -45.28 -12.34 3.33
CA LEU B 210 -46.39 -11.48 3.68
C LEU B 210 -46.75 -10.50 2.59
N GLY B 211 -46.06 -10.54 1.45
CA GLY B 211 -46.39 -9.65 0.36
C GLY B 211 -46.12 -8.18 0.64
N MET B 212 -45.13 -7.88 1.51
CA MET B 212 -44.78 -6.52 1.91
C MET B 212 -43.64 -6.00 1.03
N PRO B 213 -43.41 -4.68 1.00
CA PRO B 213 -42.23 -4.15 0.30
C PRO B 213 -40.96 -4.72 0.92
N TYR B 214 -39.95 -4.93 0.09
CA TYR B 214 -38.75 -5.55 0.62
C TYR B 214 -37.52 -4.73 0.24
N ASP B 215 -36.44 -4.97 0.96
CA ASP B 215 -35.19 -4.25 0.71
C ASP B 215 -34.07 -5.26 0.89
N LEU B 216 -32.85 -4.76 1.07
CA LEU B 216 -31.67 -5.61 1.14
C LEU B 216 -31.68 -6.53 2.36
N ALA B 217 -32.51 -6.26 3.37
CA ALA B 217 -32.55 -7.08 4.56
C ALA B 217 -33.04 -8.51 4.29
N ILE B 218 -33.77 -8.75 3.20
CA ILE B 218 -34.18 -10.12 2.91
C ILE B 218 -32.98 -11.02 2.65
N ASP B 219 -31.84 -10.46 2.18
CA ASP B 219 -30.63 -11.25 2.00
C ASP B 219 -30.03 -11.67 3.35
N MET B 220 -30.08 -10.79 4.33
CA MET B 220 -29.59 -11.14 5.66
C MET B 220 -30.43 -12.25 6.27
N TRP B 221 -31.74 -12.23 6.02
CA TRP B 221 -32.61 -13.32 6.46
C TRP B 221 -32.15 -14.63 5.85
N SER B 222 -31.93 -14.65 4.54
CA SER B 222 -31.50 -15.87 3.87
C SER B 222 -30.17 -16.34 4.42
N LEU B 223 -29.24 -15.42 4.68
CA LEU B 223 -27.94 -15.78 5.24
C LEU B 223 -28.08 -16.44 6.61
N GLY B 224 -28.96 -15.90 7.45
CA GLY B 224 -29.20 -16.53 8.76
C GLY B 224 -29.69 -17.96 8.63
N CYS B 225 -30.63 -18.20 7.71
CA CYS B 225 -31.08 -19.56 7.44
C CYS B 225 -29.94 -20.44 6.93
N ILE B 226 -29.10 -19.87 6.06
CA ILE B 226 -28.04 -20.64 5.41
C ILE B 226 -27.00 -21.08 6.43
N LEU B 227 -26.62 -20.19 7.35
CA LEU B 227 -25.54 -20.48 8.28
C LEU B 227 -25.91 -21.59 9.25
N VAL B 228 -27.17 -21.64 9.67
CA VAL B 228 -27.64 -22.72 10.53
C VAL B 228 -27.56 -24.03 9.78
N GLU B 229 -28.07 -24.04 8.53
CA GLU B 229 -28.03 -25.24 7.72
C GLU B 229 -26.60 -25.71 7.46
N MET B 230 -25.68 -24.76 7.27
CA MET B 230 -24.28 -25.17 7.05
C MET B 230 -23.73 -25.91 8.26
N HIS B 231 -24.14 -25.52 9.47
CA HIS B 231 -23.62 -26.19 10.64
C HIS B 231 -24.45 -27.41 11.06
N THR B 232 -25.78 -27.40 10.85
CA THR B 232 -26.61 -28.55 11.23
C THR B 232 -26.75 -29.58 10.12
N GLY B 233 -26.48 -29.22 8.87
CA GLY B 233 -26.64 -30.13 7.76
C GLY B 233 -28.02 -30.16 7.12
N GLU B 234 -29.01 -29.50 7.72
CA GLU B 234 -30.38 -29.54 7.23
C GLU B 234 -30.98 -28.14 7.23
N PRO B 235 -31.93 -27.86 6.35
CA PRO B 235 -32.54 -26.53 6.33
C PRO B 235 -33.27 -26.19 7.62
N LEU B 236 -33.15 -24.94 8.04
CA LEU B 236 -33.78 -24.47 9.27
C LEU B 236 -35.29 -24.44 9.16
N PHE B 237 -35.81 -23.90 8.05
CA PHE B 237 -37.25 -23.80 7.80
C PHE B 237 -37.50 -24.50 6.46
N SER B 238 -37.84 -25.77 6.50
CA SER B 238 -37.96 -26.58 5.28
C SER B 238 -39.43 -26.69 4.82
N GLY B 239 -40.03 -25.54 4.58
CA GLY B 239 -41.44 -25.52 4.23
C GLY B 239 -41.70 -26.10 2.85
N ALA B 240 -42.78 -26.86 2.73
CA ALA B 240 -43.23 -27.45 1.48
C ALA B 240 -44.10 -26.51 0.68
N ASN B 241 -44.58 -25.44 1.30
CA ASN B 241 -45.32 -24.37 0.64
C ASN B 241 -45.24 -23.15 1.56
N GLU B 242 -45.83 -22.04 1.13
CA GLU B 242 -45.70 -20.79 1.89
C GLU B 242 -46.38 -20.89 3.25
N VAL B 243 -47.55 -21.54 3.33
CA VAL B 243 -48.23 -21.69 4.60
C VAL B 243 -47.39 -22.52 5.58
N ASP B 244 -46.87 -23.65 5.10
CA ASP B 244 -45.96 -24.47 5.89
C ASP B 244 -44.68 -23.69 6.24
N GLN B 245 -44.15 -22.92 5.28
CA GLN B 245 -42.94 -22.12 5.53
C GLN B 245 -43.15 -21.11 6.65
N MET B 246 -44.25 -20.36 6.61
CA MET B 246 -44.49 -19.38 7.66
C MET B 246 -44.70 -20.06 9.02
N ASN B 247 -45.42 -21.18 9.04
CA ASN B 247 -45.62 -21.89 10.30
C ASN B 247 -44.29 -22.41 10.86
N LYS B 248 -43.39 -22.85 9.98
CA LYS B 248 -42.09 -23.32 10.45
C LYS B 248 -41.28 -22.18 11.04
N ILE B 249 -41.46 -20.97 10.52
CA ILE B 249 -40.78 -19.82 11.11
C ILE B 249 -41.36 -19.53 12.48
N VAL B 250 -42.68 -19.56 12.61
CA VAL B 250 -43.38 -19.26 13.84
C VAL B 250 -43.04 -20.27 14.94
N GLU B 251 -42.82 -21.52 14.58
CA GLU B 251 -42.41 -22.54 15.56
C GLU B 251 -41.16 -22.12 16.31
N VAL B 252 -40.24 -21.48 15.62
CA VAL B 252 -38.95 -21.09 16.18
C VAL B 252 -39.00 -19.68 16.75
N LEU B 253 -39.65 -18.74 16.05
CA LEU B 253 -39.57 -17.33 16.39
C LEU B 253 -40.86 -16.73 16.95
N GLY B 254 -41.96 -17.49 17.01
CA GLY B 254 -43.19 -16.94 17.54
C GLY B 254 -43.98 -16.17 16.48
N ILE B 255 -45.09 -15.60 16.92
CA ILE B 255 -45.95 -14.80 16.04
C ILE B 255 -45.21 -13.51 15.69
N PRO B 256 -45.20 -13.08 14.42
CA PRO B 256 -44.57 -11.82 14.09
C PRO B 256 -45.27 -10.68 14.80
N PRO B 257 -44.58 -9.58 15.07
CA PRO B 257 -45.19 -8.50 15.84
C PRO B 257 -46.31 -7.81 15.07
N ALA B 258 -47.25 -7.25 15.84
CA ALA B 258 -48.46 -6.64 15.28
C ALA B 258 -48.16 -5.48 14.34
N HIS B 259 -47.12 -4.68 14.65
CA HIS B 259 -46.81 -3.55 13.79
C HIS B 259 -46.40 -3.99 12.39
N ILE B 260 -45.91 -5.22 12.26
CA ILE B 260 -45.65 -5.77 10.95
C ILE B 260 -46.92 -6.30 10.32
N LEU B 261 -47.65 -7.15 11.06
CA LEU B 261 -48.83 -7.80 10.49
C LEU B 261 -49.96 -6.83 10.19
N ASP B 262 -50.04 -5.71 10.92
CA ASP B 262 -51.06 -4.70 10.61
C ASP B 262 -50.85 -4.05 9.25
N GLN B 263 -49.65 -4.14 8.71
CA GLN B 263 -49.32 -3.57 7.42
C GLN B 263 -49.03 -4.63 6.36
N ALA B 264 -49.32 -5.90 6.64
CA ALA B 264 -48.97 -6.98 5.72
C ALA B 264 -50.15 -7.32 4.83
N PRO B 265 -50.03 -7.15 3.51
CA PRO B 265 -51.17 -7.49 2.62
C PRO B 265 -51.63 -8.95 2.71
N LYS B 266 -50.73 -9.89 2.96
CA LYS B 266 -51.05 -11.30 3.01
C LYS B 266 -51.05 -11.84 4.44
N ALA B 267 -51.31 -10.98 5.42
CA ALA B 267 -51.28 -11.43 6.81
C ALA B 267 -52.35 -12.50 7.08
N ARG B 268 -53.53 -12.35 6.48
CA ARG B 268 -54.61 -13.29 6.69
CA ARG B 268 -54.62 -13.30 6.68
C ARG B 268 -54.41 -14.61 5.95
N LYS B 269 -53.35 -14.74 5.14
CA LYS B 269 -53.03 -16.04 4.56
C LYS B 269 -52.52 -17.00 5.62
N PHE B 270 -51.98 -16.48 6.73
CA PHE B 270 -51.37 -17.30 7.78
C PHE B 270 -51.95 -17.04 9.16
N PHE B 271 -52.40 -15.82 9.40
CA PHE B 271 -52.74 -15.37 10.74
C PHE B 271 -54.16 -14.85 10.80
N GLU B 272 -54.57 -14.57 12.04
CA GLU B 272 -55.89 -14.07 12.37
C GLU B 272 -55.74 -12.95 13.36
N LYS B 273 -56.44 -11.85 13.14
CA LYS B 273 -56.42 -10.74 14.07
C LYS B 273 -57.59 -10.90 15.02
N LEU B 274 -57.30 -10.94 16.32
CA LEU B 274 -58.30 -11.10 17.36
C LEU B 274 -58.93 -9.74 17.68
N PRO B 275 -60.09 -9.72 18.33
CA PRO B 275 -60.77 -8.44 18.56
C PRO B 275 -59.96 -7.41 19.35
N ASP B 276 -59.07 -7.83 20.25
CA ASP B 276 -58.24 -6.87 20.96
C ASP B 276 -57.15 -6.25 20.07
N GLY B 277 -56.96 -6.75 18.86
CA GLY B 277 -55.91 -6.24 18.01
C GLY B 277 -54.64 -7.05 18.03
N THR B 278 -54.61 -8.15 18.77
CA THR B 278 -53.47 -9.05 18.75
C THR B 278 -53.66 -10.10 17.66
N TRP B 279 -52.56 -10.69 17.24
CA TRP B 279 -52.58 -11.68 16.17
C TRP B 279 -52.26 -13.08 16.69
N ASN B 280 -52.82 -14.07 16.01
CA ASN B 280 -52.53 -15.48 16.23
C ASN B 280 -52.50 -16.18 14.90
N LEU B 281 -52.02 -17.42 14.93
CA LEU B 281 -52.16 -18.29 13.78
C LEU B 281 -53.64 -18.48 13.49
N LYS B 282 -53.93 -18.77 12.22
CA LYS B 282 -55.28 -19.09 11.80
C LYS B 282 -55.73 -20.38 12.47
N LYS B 283 -57.03 -20.49 12.71
CA LYS B 283 -57.55 -21.66 13.40
C LYS B 283 -57.41 -22.91 12.53
N THR B 284 -56.93 -24.00 13.14
CA THR B 284 -56.77 -25.32 12.54
C THR B 284 -58.07 -26.12 12.66
N LYS B 285 -58.21 -27.13 11.80
CA LYS B 285 -59.38 -28.00 11.90
C LYS B 285 -59.23 -28.85 13.16
N ASP B 286 -60.34 -28.97 13.91
CA ASP B 286 -60.36 -29.74 15.16
C ASP B 286 -59.68 -31.10 15.06
N GLY B 287 -58.86 -31.38 16.07
CA GLY B 287 -58.10 -32.61 16.21
C GLY B 287 -56.92 -32.76 15.28
N LYS B 288 -56.44 -31.64 14.69
CA LYS B 288 -55.27 -31.61 13.83
C LYS B 288 -54.15 -30.86 14.55
N ARG B 289 -53.13 -31.58 15.00
CA ARG B 289 -51.94 -30.95 15.55
C ARG B 289 -50.79 -31.21 14.58
N GLU B 290 -50.12 -30.15 14.13
CA GLU B 290 -49.04 -30.34 13.16
C GLU B 290 -47.76 -29.62 13.53
N TYR B 291 -47.85 -28.45 14.12
CA TYR B 291 -46.70 -27.62 14.42
C TYR B 291 -46.51 -27.51 15.91
N LYS B 292 -45.25 -27.33 16.32
CA LYS B 292 -45.00 -26.98 17.70
C LYS B 292 -45.59 -25.60 18.00
N PRO B 293 -46.04 -25.37 19.23
CA PRO B 293 -46.65 -24.08 19.56
C PRO B 293 -45.67 -22.96 19.32
N PRO B 294 -46.15 -21.74 19.04
CA PRO B 294 -45.27 -20.66 18.60
C PRO B 294 -44.11 -20.41 19.56
N GLY B 295 -42.90 -20.40 19.01
CA GLY B 295 -41.71 -20.08 19.75
C GLY B 295 -41.17 -21.18 20.63
N THR B 296 -41.73 -22.39 20.59
CA THR B 296 -41.27 -23.49 21.43
C THR B 296 -40.23 -24.39 20.77
N ARG B 297 -39.99 -24.26 19.45
CA ARG B 297 -38.87 -24.96 18.81
C ARG B 297 -37.64 -24.07 18.88
N LYS B 298 -36.97 -24.12 20.03
CA LYS B 298 -35.92 -23.16 20.35
C LYS B 298 -34.68 -23.41 19.50
N LEU B 299 -34.11 -22.33 18.95
CA LEU B 299 -32.85 -22.44 18.24
C LEU B 299 -31.74 -22.93 19.16
N HIS B 300 -31.87 -22.64 20.46
CA HIS B 300 -30.94 -23.13 21.48
C HIS B 300 -30.76 -24.64 21.40
N ASN B 301 -31.83 -25.35 21.08
CA ASN B 301 -31.80 -26.80 20.99
C ASN B 301 -31.53 -27.29 19.58
N ILE B 302 -31.97 -26.55 18.57
CA ILE B 302 -31.60 -26.92 17.20
C ILE B 302 -30.08 -26.90 17.07
N LEU B 303 -29.42 -25.93 17.69
CA LEU B 303 -27.98 -25.82 17.61
C LEU B 303 -27.26 -26.69 18.62
N GLY B 304 -27.96 -27.24 19.61
CA GLY B 304 -27.30 -28.02 20.63
C GLY B 304 -26.32 -27.19 21.44
N VAL B 305 -26.73 -25.98 21.85
CA VAL B 305 -25.84 -25.02 22.50
C VAL B 305 -25.15 -25.63 23.72
N GLU B 306 -25.91 -26.37 24.53
CA GLU B 306 -25.33 -26.95 25.73
C GLU B 306 -25.31 -28.46 25.68
N THR B 307 -25.56 -29.07 24.52
CA THR B 307 -25.65 -30.53 24.43
C THR B 307 -24.76 -31.06 23.31
N GLY B 308 -23.65 -30.39 23.03
CA GLY B 308 -22.70 -30.92 22.07
C GLY B 308 -22.98 -30.61 20.61
N GLY B 309 -23.62 -29.49 20.33
CA GLY B 309 -23.89 -29.12 18.96
C GLY B 309 -25.07 -29.88 18.38
N PRO B 310 -25.30 -29.71 17.09
CA PRO B 310 -26.48 -30.33 16.45
C PRO B 310 -26.43 -31.84 16.55
N GLY B 311 -27.47 -32.41 17.14
CA GLY B 311 -27.55 -33.84 17.34
C GLY B 311 -26.52 -34.40 18.29
N GLY B 312 -25.81 -33.54 19.02
CA GLY B 312 -24.69 -33.98 19.84
C GLY B 312 -23.44 -34.35 19.08
N ARG B 313 -23.39 -34.11 17.77
CA ARG B 313 -22.28 -34.64 16.95
C ARG B 313 -20.96 -33.89 17.15
N ARG B 314 -20.94 -32.79 17.91
CA ARG B 314 -19.73 -32.01 18.12
C ARG B 314 -19.23 -32.12 19.55
N ALA B 315 -19.77 -33.05 20.33
CA ALA B 315 -19.41 -33.21 21.74
C ALA B 315 -17.93 -33.51 21.90
N GLY B 316 -17.26 -32.75 22.77
CA GLY B 316 -15.85 -32.99 23.02
C GLY B 316 -14.91 -32.36 22.01
N GLU B 317 -15.40 -31.77 20.94
CA GLU B 317 -14.54 -31.17 19.93
C GLU B 317 -14.08 -29.76 20.32
N SER B 318 -12.88 -29.42 19.87
CA SER B 318 -12.39 -28.05 19.99
C SER B 318 -13.17 -27.13 19.05
N GLY B 319 -13.17 -25.84 19.37
CA GLY B 319 -13.86 -24.87 18.53
C GLY B 319 -15.37 -24.98 18.56
N HIS B 320 -15.93 -25.65 19.53
CA HIS B 320 -17.37 -25.79 19.64
C HIS B 320 -17.79 -25.63 21.10
N THR B 321 -17.28 -24.57 21.74
CA THR B 321 -17.62 -24.34 23.15
C THR B 321 -19.04 -23.81 23.26
N VAL B 322 -19.59 -23.92 24.48
CA VAL B 322 -20.92 -23.39 24.77
C VAL B 322 -20.95 -21.88 24.50
N ALA B 323 -19.89 -21.18 24.89
CA ALA B 323 -19.81 -19.75 24.62
C ALA B 323 -19.81 -19.45 23.13
N ASP B 324 -19.08 -20.26 22.35
CA ASP B 324 -19.10 -20.09 20.90
C ASP B 324 -20.51 -20.29 20.37
N TYR B 325 -21.22 -21.32 20.84
CA TYR B 325 -22.57 -21.55 20.36
C TYR B 325 -23.52 -20.42 20.78
N LEU B 326 -23.35 -19.90 21.99
CA LEU B 326 -24.20 -18.80 22.44
C LEU B 326 -23.96 -17.55 21.61
N LYS B 327 -22.70 -17.25 21.27
CA LYS B 327 -22.44 -16.11 20.38
C LYS B 327 -23.06 -16.33 19.01
N PHE B 328 -22.89 -17.53 18.45
CA PHE B 328 -23.45 -17.86 17.16
C PHE B 328 -24.97 -17.74 17.16
N LYS B 329 -25.63 -18.24 18.22
CA LYS B 329 -27.08 -18.16 18.29
C LYS B 329 -27.56 -16.72 18.28
N ASP B 330 -26.88 -15.85 19.05
CA ASP B 330 -27.26 -14.44 19.11
C ASP B 330 -27.17 -13.77 17.74
N LEU B 331 -26.09 -14.03 17.00
CA LEU B 331 -25.95 -13.43 15.66
C LEU B 331 -27.04 -13.92 14.73
N ILE B 332 -27.35 -15.22 14.76
CA ILE B 332 -28.40 -15.78 13.91
C ILE B 332 -29.74 -15.14 14.22
N LEU B 333 -30.06 -15.01 15.52
CA LEU B 333 -31.33 -14.45 15.93
C LEU B 333 -31.46 -12.99 15.51
N ARG B 334 -30.34 -12.26 15.49
CA ARG B 334 -30.39 -10.89 14.98
C ARG B 334 -30.56 -10.85 13.47
N MET B 335 -30.01 -11.86 12.77
CA MET B 335 -30.25 -11.97 11.35
C MET B 335 -31.67 -12.41 11.05
N LEU B 336 -32.33 -13.10 11.99
CA LEU B 336 -33.67 -13.59 11.77
C LEU B 336 -34.71 -12.72 12.48
N ASP B 337 -34.37 -11.49 12.80
CA ASP B 337 -35.31 -10.50 13.30
C ASP B 337 -36.48 -10.37 12.32
N TYR B 338 -37.70 -10.38 12.87
CA TYR B 338 -38.90 -10.23 12.05
C TYR B 338 -38.95 -8.88 11.36
N ASP B 339 -38.49 -7.82 12.04
CA ASP B 339 -38.59 -6.48 11.53
C ASP B 339 -37.40 -6.18 10.60
N PRO B 340 -37.64 -5.93 9.31
CA PRO B 340 -36.52 -5.62 8.40
C PRO B 340 -35.78 -4.35 8.74
N LYS B 341 -36.40 -3.43 9.50
CA LYS B 341 -35.75 -2.17 9.85
C LYS B 341 -34.77 -2.32 11.01
N THR B 342 -34.96 -3.34 11.85
CA THR B 342 -34.08 -3.58 12.98
C THR B 342 -33.24 -4.84 12.83
N ARG B 343 -33.53 -5.68 11.84
CA ARG B 343 -32.68 -6.81 11.54
C ARG B 343 -31.25 -6.34 11.30
N ILE B 344 -30.28 -7.10 11.84
CA ILE B 344 -28.89 -6.65 11.85
C ILE B 344 -28.41 -6.45 10.41
N GLN B 345 -27.64 -5.37 10.21
CA GLN B 345 -27.13 -4.97 8.90
C GLN B 345 -25.67 -5.33 8.77
N PRO B 346 -25.15 -5.48 7.53
CA PRO B 346 -23.81 -6.09 7.37
C PRO B 346 -22.68 -5.45 8.16
N TYR B 347 -22.62 -4.12 8.25
CA TYR B 347 -21.57 -3.45 8.99
C TYR B 347 -21.57 -3.87 10.46
N TYR B 348 -22.75 -3.92 11.08
CA TYR B 348 -22.86 -4.25 12.49
C TYR B 348 -22.77 -5.75 12.75
N ALA B 349 -23.17 -6.58 11.79
CA ALA B 349 -22.95 -8.01 11.93
C ALA B 349 -21.46 -8.33 11.99
N LEU B 350 -20.65 -7.62 11.21
CA LEU B 350 -19.21 -7.86 11.22
C LEU B 350 -18.57 -7.44 12.54
N GLN B 351 -19.23 -6.61 13.34
CA GLN B 351 -18.72 -6.23 14.65
C GLN B 351 -19.18 -7.17 15.76
N HIS B 352 -19.91 -8.24 15.42
CA HIS B 352 -20.47 -9.13 16.42
C HIS B 352 -19.38 -9.95 17.10
N SER B 353 -19.59 -10.27 18.39
CA SER B 353 -18.60 -11.00 19.18
C SER B 353 -18.33 -12.39 18.61
N PHE B 354 -19.24 -12.92 17.79
CA PHE B 354 -18.99 -14.20 17.14
C PHE B 354 -17.75 -14.16 16.26
N PHE B 355 -17.39 -12.97 15.76
CA PHE B 355 -16.24 -12.82 14.85
C PHE B 355 -14.94 -12.42 15.56
N LYS B 356 -14.97 -12.21 16.87
CA LYS B 356 -13.76 -11.76 17.57
C LYS B 356 -13.01 -12.94 18.13
N LYS B 357 -11.67 -12.84 18.15
CA LYS B 357 -10.81 -13.91 18.65
C LYS B 357 -10.70 -13.91 20.17
N TYR C 12 31.25 49.61 7.46
CA TYR C 12 31.56 48.55 6.51
C TYR C 12 32.07 49.07 5.18
N ASN C 13 33.37 48.87 4.93
CA ASN C 13 34.06 49.22 3.68
C ASN C 13 33.81 50.68 3.28
N ASP C 14 33.97 51.58 4.27
CA ASP C 14 33.81 53.03 4.11
C ASP C 14 32.43 53.42 3.60
N GLY C 15 31.43 52.58 3.86
CA GLY C 15 30.06 52.85 3.47
C GLY C 15 29.59 52.22 2.17
N TYR C 16 30.43 51.42 1.51
CA TYR C 16 30.05 50.79 0.26
C TYR C 16 29.42 49.43 0.46
N ASP C 17 29.54 48.86 1.65
CA ASP C 17 29.04 47.53 1.94
C ASP C 17 27.99 47.59 3.05
N ASP C 18 27.13 46.56 3.07
CA ASP C 18 26.14 46.38 4.13
C ASP C 18 26.73 45.48 5.22
N ASP C 19 25.86 44.98 6.09
CA ASP C 19 26.28 44.09 7.17
C ASP C 19 26.48 42.65 6.73
N ASN C 20 26.14 42.29 5.48
CA ASN C 20 26.34 40.95 4.96
C ASN C 20 27.45 40.91 3.90
N TYR C 21 28.38 41.86 3.97
CA TYR C 21 29.57 41.96 3.12
C TYR C 21 29.25 42.24 1.65
N ASP C 22 28.02 42.62 1.32
CA ASP C 22 27.63 42.88 -0.05
C ASP C 22 27.76 44.36 -0.40
N TYR C 23 28.15 44.63 -1.63
CA TYR C 23 28.18 46.00 -2.13
C TYR C 23 26.75 46.52 -2.28
N ILE C 24 26.48 47.68 -1.71
CA ILE C 24 25.15 48.26 -1.79
C ILE C 24 24.95 48.80 -3.21
N VAL C 25 24.14 48.10 -3.99
CA VAL C 25 23.94 48.45 -5.39
C VAL C 25 23.18 49.77 -5.47
N LYS C 26 23.65 50.68 -6.31
CA LYS C 26 22.97 51.95 -6.56
C LYS C 26 22.70 52.04 -8.05
N ASN C 27 21.43 51.94 -8.44
CA ASN C 27 21.06 51.97 -9.86
C ASN C 27 21.51 53.27 -10.51
N GLY C 28 22.10 53.16 -11.69
CA GLY C 28 22.63 54.31 -12.40
C GLY C 28 24.09 54.60 -12.13
N GLU C 29 24.69 53.96 -11.12
CA GLU C 29 26.09 54.19 -10.80
C GLU C 29 26.99 53.76 -11.95
N LYS C 30 28.07 54.52 -12.16
CA LYS C 30 29.05 54.23 -13.21
C LYS C 30 30.36 53.80 -12.56
N TRP C 31 30.97 52.75 -13.13
CA TRP C 31 32.19 52.16 -12.59
C TRP C 31 33.27 52.22 -13.65
N MET C 32 34.43 52.78 -13.29
CA MET C 32 35.63 52.78 -14.14
C MET C 32 35.36 53.39 -15.52
N ASP C 33 34.34 54.26 -15.61
CA ASP C 33 33.86 54.85 -16.86
C ASP C 33 33.56 53.79 -17.92
N ARG C 34 33.14 52.60 -17.49
CA ARG C 34 32.85 51.54 -18.44
C ARG C 34 31.50 50.87 -18.22
N TYR C 35 31.08 50.69 -16.97
CA TYR C 35 29.88 49.92 -16.66
C TYR C 35 28.82 50.80 -16.01
N GLU C 36 27.61 50.80 -16.59
CA GLU C 36 26.47 51.53 -16.05
C GLU C 36 25.52 50.53 -15.39
N ILE C 37 25.38 50.63 -14.07
CA ILE C 37 24.61 49.66 -13.30
C ILE C 37 23.12 49.96 -13.48
N ASP C 38 22.36 48.99 -13.97
CA ASP C 38 20.92 49.16 -14.15
C ASP C 38 20.14 48.75 -12.90
N SER C 39 20.29 47.50 -12.48
CA SER C 39 19.48 46.96 -11.40
C SER C 39 20.09 45.66 -10.92
N LEU C 40 19.75 45.29 -9.70
CA LEU C 40 20.11 43.99 -9.14
C LEU C 40 19.25 42.90 -9.76
N ILE C 41 19.86 41.79 -10.17
CA ILE C 41 19.15 40.71 -10.85
C ILE C 41 19.00 39.48 -9.97
N GLY C 42 20.00 39.17 -9.15
CA GLY C 42 19.91 37.99 -8.31
C GLY C 42 20.83 38.10 -7.13
N LYS C 43 20.50 37.36 -6.08
CA LYS C 43 21.33 37.25 -4.89
C LYS C 43 21.57 35.78 -4.60
N GLY C 44 22.67 35.52 -3.89
CA GLY C 44 22.99 34.19 -3.45
C GLY C 44 23.87 34.26 -2.21
N SER C 45 24.39 33.12 -1.76
CA SER C 45 25.38 33.15 -0.68
C SER C 45 26.66 33.82 -1.13
N PHE C 46 26.97 33.72 -2.43
CA PHE C 46 28.22 34.25 -2.95
C PHE C 46 28.26 35.77 -2.88
N GLY C 47 27.11 36.43 -2.98
CA GLY C 47 27.03 37.86 -3.18
C GLY C 47 25.84 38.24 -4.04
N GLN C 48 26.06 39.05 -5.08
CA GLN C 48 24.96 39.60 -5.86
C GLN C 48 25.30 39.59 -7.34
N VAL C 49 24.24 39.62 -8.15
CA VAL C 49 24.37 39.74 -9.61
C VAL C 49 23.52 40.91 -10.08
N VAL C 50 24.13 41.84 -10.80
CA VAL C 50 23.46 43.02 -11.32
C VAL C 50 23.60 43.04 -12.84
N LYS C 51 22.62 43.64 -13.51
CA LYS C 51 22.71 43.88 -14.94
C LYS C 51 23.36 45.23 -15.18
N ALA C 52 24.27 45.27 -16.14
CA ALA C 52 25.04 46.48 -16.41
C ALA C 52 25.37 46.51 -17.88
N TYR C 53 25.69 47.72 -18.37
CA TYR C 53 26.04 47.90 -19.76
C TYR C 53 27.52 48.22 -19.87
N ASP C 54 28.22 47.51 -20.76
CA ASP C 54 29.64 47.73 -21.03
C ASP C 54 29.71 48.70 -22.20
N ARG C 55 30.12 49.94 -21.92
CA ARG C 55 30.24 50.94 -22.97
C ARG C 55 31.34 50.57 -23.96
N VAL C 56 32.37 49.86 -23.51
CA VAL C 56 33.51 49.53 -24.38
C VAL C 56 33.09 48.51 -25.42
N GLU C 57 32.43 47.43 -25.01
CA GLU C 57 31.98 46.42 -25.96
C GLU C 57 30.55 46.64 -26.44
N GLN C 58 29.86 47.63 -25.91
CA GLN C 58 28.47 47.95 -26.28
C GLN C 58 27.58 46.71 -26.21
N GLU C 59 27.49 46.15 -25.01
CA GLU C 59 26.76 44.92 -24.78
C GLU C 59 26.24 44.92 -23.35
N TRP C 60 25.04 44.41 -23.16
CA TRP C 60 24.56 44.20 -21.80
C TRP C 60 25.26 43.00 -21.18
N VAL C 61 25.65 43.15 -19.91
CA VAL C 61 26.36 42.11 -19.20
C VAL C 61 25.74 41.97 -17.82
N ALA C 62 25.95 40.79 -17.24
CA ALA C 62 25.62 40.53 -15.85
C ALA C 62 26.93 40.44 -15.09
N ILE C 63 27.02 41.17 -13.99
CA ILE C 63 28.24 41.23 -13.19
C ILE C 63 27.97 40.58 -11.85
N LYS C 64 28.70 39.52 -11.54
CA LYS C 64 28.62 38.81 -10.27
C LYS C 64 29.55 39.53 -9.28
N ILE C 65 28.96 40.24 -8.33
CA ILE C 65 29.72 40.97 -7.32
C ILE C 65 29.88 40.06 -6.10
N ILE C 66 31.09 39.54 -5.90
CA ILE C 66 31.36 38.65 -4.77
C ILE C 66 31.40 39.45 -3.48
N LYS C 67 30.99 38.81 -2.38
CA LYS C 67 31.04 39.45 -1.07
C LYS C 67 32.47 39.79 -0.68
N ASN C 68 32.64 40.94 -0.02
CA ASN C 68 33.93 41.40 0.50
C ASN C 68 34.20 40.71 1.83
N LYS C 69 34.58 39.44 1.75
CA LYS C 69 34.97 38.63 2.88
C LYS C 69 35.88 37.54 2.33
N LYS C 70 36.97 37.26 3.05
CA LYS C 70 38.05 36.41 2.54
C LYS C 70 37.54 35.04 2.07
N ALA C 71 36.65 34.42 2.83
CA ALA C 71 36.18 33.08 2.48
C ALA C 71 35.40 33.08 1.18
N PHE C 72 34.61 34.13 0.96
CA PHE C 72 33.87 34.25 -0.29
C PHE C 72 34.77 34.66 -1.46
N LEU C 73 35.74 35.54 -1.22
CA LEU C 73 36.69 35.88 -2.26
C LEU C 73 37.49 34.66 -2.70
N ASN C 74 37.97 33.86 -1.74
CA ASN C 74 38.81 32.72 -2.08
C ASN C 74 38.02 31.69 -2.88
N GLN C 75 36.76 31.49 -2.53
CA GLN C 75 35.95 30.53 -3.26
C GLN C 75 35.70 31.01 -4.69
N ALA C 76 35.46 32.32 -4.86
CA ALA C 76 35.26 32.87 -6.20
C ALA C 76 36.51 32.76 -7.06
N GLN C 77 37.69 32.77 -6.45
CA GLN C 77 38.92 32.58 -7.22
C GLN C 77 38.99 31.19 -7.79
N ILE C 78 38.51 30.19 -7.04
CA ILE C 78 38.40 28.85 -7.59
C ILE C 78 37.46 28.86 -8.77
N GLU C 79 36.32 29.55 -8.61
CA GLU C 79 35.34 29.69 -9.68
C GLU C 79 35.97 30.32 -10.93
N VAL C 80 36.77 31.38 -10.74
CA VAL C 80 37.45 32.05 -11.85
C VAL C 80 38.37 31.06 -12.58
N ARG C 81 39.18 30.31 -11.82
CA ARG C 81 40.09 29.35 -12.45
C ARG C 81 39.34 28.30 -13.24
N LEU C 82 38.24 27.76 -12.69
CA LEU C 82 37.52 26.70 -13.38
C LEU C 82 36.79 27.25 -14.61
N LEU C 83 36.24 28.46 -14.51
CA LEU C 83 35.57 29.07 -15.67
C LEU C 83 36.57 29.32 -16.79
N GLU C 84 37.76 29.83 -16.46
CA GLU C 84 38.76 30.10 -17.48
C GLU C 84 39.29 28.81 -18.09
N LEU C 85 39.44 27.76 -17.29
CA LEU C 85 39.84 26.48 -17.85
C LEU C 85 38.77 25.94 -18.81
N MET C 86 37.49 26.06 -18.44
CA MET C 86 36.40 25.58 -19.31
C MET C 86 36.28 26.41 -20.57
N ASN C 87 36.28 27.74 -20.43
CA ASN C 87 36.10 28.61 -21.58
C ASN C 87 37.31 28.57 -22.52
N LYS C 88 38.47 28.15 -22.01
CA LYS C 88 39.66 27.98 -22.86
C LYS C 88 39.54 26.79 -23.80
N HIS C 89 38.80 25.76 -23.43
CA HIS C 89 38.71 24.59 -24.31
C HIS C 89 37.90 24.95 -25.56
N ASP C 90 38.15 24.21 -26.64
CA ASP C 90 37.61 24.57 -27.94
C ASP C 90 36.50 23.65 -28.43
N THR C 91 36.12 22.63 -27.67
CA THR C 91 35.01 21.77 -28.06
C THR C 91 33.75 22.61 -28.14
N GLU C 92 32.84 22.22 -29.03
CA GLU C 92 31.59 22.97 -29.16
C GLU C 92 30.64 22.74 -28.00
N MET C 93 30.95 21.78 -27.11
CA MET C 93 30.15 21.61 -25.89
C MET C 93 30.41 22.70 -24.85
N LYS C 94 31.28 23.67 -25.17
CA LYS C 94 31.67 24.71 -24.23
C LYS C 94 30.63 25.80 -24.14
N TYR C 95 29.62 25.75 -24.99
CA TYR C 95 28.62 26.80 -25.08
C TYR C 95 27.35 26.41 -24.35
N TYR C 96 27.40 25.36 -23.50
CA TYR C 96 26.43 25.15 -22.43
C TYR C 96 26.95 25.59 -21.07
N ILE C 97 28.14 26.19 -21.02
CA ILE C 97 28.70 26.75 -19.80
C ILE C 97 28.70 28.27 -19.94
N VAL C 98 28.25 28.96 -18.90
CA VAL C 98 28.24 30.42 -18.95
C VAL C 98 29.66 30.92 -19.20
N HIS C 99 29.76 31.94 -20.03
CA HIS C 99 31.06 32.44 -20.45
C HIS C 99 31.45 33.58 -19.53
N LEU C 100 32.60 33.43 -18.87
CA LEU C 100 33.20 34.51 -18.08
C LEU C 100 34.01 35.40 -19.02
N LYS C 101 33.61 36.66 -19.14
CA LYS C 101 34.29 37.56 -20.07
C LYS C 101 35.58 38.11 -19.48
N ARG C 102 35.54 38.58 -18.23
CA ARG C 102 36.68 39.20 -17.58
C ARG C 102 36.38 39.30 -16.10
N HIS C 103 37.43 39.54 -15.31
CA HIS C 103 37.27 39.81 -13.89
C HIS C 103 38.11 41.00 -13.48
N PHE C 104 37.63 41.70 -12.45
CA PHE C 104 38.29 42.89 -11.92
C PHE C 104 37.92 43.05 -10.45
N MET C 105 38.72 43.86 -9.75
CA MET C 105 38.42 44.26 -8.38
C MET C 105 37.86 45.68 -8.39
N PHE C 106 36.71 45.88 -7.75
CA PHE C 106 36.09 47.19 -7.65
C PHE C 106 35.62 47.41 -6.21
N ARG C 107 36.16 48.43 -5.56
CA ARG C 107 35.82 48.80 -4.18
C ARG C 107 35.92 47.57 -3.27
N ASN C 108 37.03 46.84 -3.43
CA ASN C 108 37.35 45.65 -2.65
C ASN C 108 36.38 44.49 -2.90
N HIS C 109 35.76 44.44 -4.09
CA HIS C 109 34.87 43.34 -4.46
C HIS C 109 35.36 42.71 -5.75
N LEU C 110 35.54 41.39 -5.75
CA LEU C 110 35.80 40.69 -7.00
C LEU C 110 34.53 40.67 -7.83
N CYS C 111 34.62 41.14 -9.08
CA CYS C 111 33.49 41.21 -9.99
C CYS C 111 33.78 40.35 -11.21
N LEU C 112 32.86 39.43 -11.50
CA LEU C 112 32.98 38.54 -12.65
C LEU C 112 31.98 38.99 -13.70
N VAL C 113 32.48 39.22 -14.90
CA VAL C 113 31.66 39.75 -15.98
C VAL C 113 31.24 38.58 -16.86
N PHE C 114 29.94 38.30 -16.89
CA PHE C 114 29.36 37.24 -17.69
C PHE C 114 28.47 37.83 -18.76
N GLU C 115 28.15 37.00 -19.76
CA GLU C 115 27.10 37.35 -20.69
C GLU C 115 25.76 37.45 -19.96
N MET C 116 24.89 38.32 -20.45
CA MET C 116 23.55 38.45 -19.90
C MET C 116 22.67 37.30 -20.41
N LEU C 117 21.90 36.71 -19.50
CA LEU C 117 21.04 35.58 -19.83
C LEU C 117 19.62 35.89 -19.37
N SER C 118 18.70 35.01 -19.76
CA SER C 118 17.27 35.17 -19.50
C SER C 118 16.90 34.44 -18.21
N TYR C 119 15.62 34.13 -18.03
CA TYR C 119 15.11 33.49 -16.82
C TYR C 119 15.72 32.12 -16.63
N ASN C 120 15.73 31.67 -15.36
CA ASN C 120 16.22 30.33 -15.04
C ASN C 120 15.06 29.33 -15.09
N LEU C 121 15.39 28.05 -14.87
CA LEU C 121 14.38 27.01 -14.96
C LEU C 121 13.39 27.03 -13.80
N TYR C 122 13.77 27.59 -12.64
CA TYR C 122 12.76 27.77 -11.60
C TYR C 122 11.74 28.82 -12.01
N ASP C 123 12.21 29.91 -12.63
CA ASP C 123 11.29 30.90 -13.19
C ASP C 123 10.36 30.26 -14.21
N LEU C 124 10.89 29.36 -15.05
CA LEU C 124 10.08 28.71 -16.08
C LEU C 124 8.96 27.88 -15.47
N LEU C 125 9.23 27.20 -14.35
CA LEU C 125 8.20 26.44 -13.66
C LEU C 125 7.11 27.33 -13.08
N ARG C 126 7.48 28.48 -12.49
CA ARG C 126 6.47 29.38 -11.94
C ARG C 126 5.53 29.90 -13.01
N ASN C 127 6.05 30.09 -14.23
CA ASN C 127 5.21 30.54 -15.34
C ASN C 127 4.16 29.50 -15.71
N THR C 128 4.38 28.23 -15.37
CA THR C 128 3.38 27.19 -15.57
C THR C 128 2.52 26.92 -14.34
N ASN C 129 2.60 27.76 -13.31
CA ASN C 129 1.92 27.54 -12.03
C ASN C 129 2.31 26.20 -11.42
N PHE C 130 3.58 25.84 -11.61
CA PHE C 130 4.18 24.59 -11.12
C PHE C 130 3.43 23.37 -11.64
N ARG C 131 2.85 23.48 -12.84
CA ARG C 131 2.32 22.34 -13.56
C ARG C 131 3.41 21.54 -14.29
N GLY C 132 4.55 22.16 -14.57
CA GLY C 132 5.63 21.52 -15.27
C GLY C 132 5.61 21.82 -16.77
N VAL C 133 6.79 21.75 -17.38
CA VAL C 133 6.91 21.91 -18.82
C VAL C 133 6.67 20.55 -19.46
N SER C 134 6.43 20.55 -20.76
CA SER C 134 6.14 19.32 -21.48
C SER C 134 7.35 18.38 -21.46
N LEU C 135 7.08 17.12 -21.74
CA LEU C 135 8.15 16.12 -21.82
C LEU C 135 9.11 16.44 -22.95
N ASN C 136 8.59 17.02 -24.05
CA ASN C 136 9.44 17.40 -25.17
C ASN C 136 10.44 18.49 -24.78
N LEU C 137 9.99 19.49 -24.02
CA LEU C 137 10.92 20.49 -23.53
C LEU C 137 11.86 19.92 -22.49
N THR C 138 11.33 19.05 -21.60
CA THR C 138 12.18 18.38 -20.61
C THR C 138 13.27 17.58 -21.29
N ARG C 139 12.94 16.89 -22.39
CA ARG C 139 13.93 16.14 -23.15
C ARG C 139 15.02 17.06 -23.69
N LYS C 140 14.65 18.22 -24.22
CA LYS C 140 15.63 19.17 -24.75
C LYS C 140 16.55 19.66 -23.64
N PHE C 141 15.98 19.98 -22.47
CA PHE C 141 16.80 20.37 -21.33
C PHE C 141 17.74 19.25 -20.92
N ALA C 142 17.24 18.00 -20.93
CA ALA C 142 18.03 16.85 -20.53
C ALA C 142 19.23 16.62 -21.45
N GLN C 143 19.03 16.75 -22.76
CA GLN C 143 20.13 16.48 -23.66
C GLN C 143 21.24 17.52 -23.52
N GLN C 144 20.87 18.79 -23.39
CA GLN C 144 21.88 19.83 -23.19
C GLN C 144 22.63 19.64 -21.89
N MET C 145 21.92 19.29 -20.80
CA MET C 145 22.58 19.11 -19.52
C MET C 145 23.53 17.92 -19.54
N CYS C 146 23.11 16.82 -20.16
CA CYS C 146 23.98 15.65 -20.27
C CYS C 146 25.20 15.98 -21.12
N THR C 147 25.00 16.72 -22.21
CA THR C 147 26.12 17.14 -23.06
C THR C 147 27.06 18.05 -22.28
N ALA C 148 26.49 18.96 -21.49
CA ALA C 148 27.31 19.81 -20.63
C ALA C 148 28.09 18.99 -19.62
N LEU C 149 27.43 17.97 -19.04
CA LEU C 149 28.09 17.12 -18.06
C LEU C 149 29.17 16.26 -18.72
N LEU C 150 28.96 15.87 -20.00
CA LEU C 150 30.01 15.18 -20.74
C LEU C 150 31.23 16.06 -20.89
N PHE C 151 31.02 17.34 -21.19
CA PHE C 151 32.12 18.30 -21.28
C PHE C 151 32.88 18.41 -19.97
N LEU C 152 32.14 18.53 -18.84
CA LEU C 152 32.79 18.65 -17.54
C LEU C 152 33.61 17.42 -17.20
N ALA C 153 33.20 16.26 -17.70
CA ALA C 153 33.86 15.00 -17.45
C ALA C 153 35.08 14.79 -18.32
N THR C 154 35.36 15.67 -19.29
CA THR C 154 36.57 15.53 -20.10
C THR C 154 37.78 15.56 -19.16
N PRO C 155 38.73 14.63 -19.33
CA PRO C 155 39.79 14.45 -18.32
C PRO C 155 40.60 15.69 -17.98
N GLU C 156 40.82 16.59 -18.96
CA GLU C 156 41.55 17.82 -18.65
C GLU C 156 40.80 18.68 -17.65
N LEU C 157 39.46 18.57 -17.62
CA LEU C 157 38.61 19.35 -16.73
C LEU C 157 38.27 18.61 -15.44
N SER C 158 37.55 17.50 -15.55
CA SER C 158 37.07 16.72 -14.41
C SER C 158 36.40 17.60 -13.34
N ILE C 159 35.43 18.41 -13.76
CA ILE C 159 34.81 19.40 -12.88
C ILE C 159 33.46 18.88 -12.37
N ILE C 160 33.27 18.97 -11.06
CA ILE C 160 31.99 18.69 -10.42
C ILE C 160 31.34 20.02 -10.12
N HIS C 161 30.17 20.29 -10.71
CA HIS C 161 29.52 21.57 -10.46
C HIS C 161 29.17 21.75 -8.99
N CYS C 162 28.59 20.70 -8.39
CA CYS C 162 28.28 20.52 -6.96
C CYS C 162 27.08 21.31 -6.48
N ASP C 163 26.42 22.14 -7.30
CA ASP C 163 25.22 22.84 -6.85
C ASP C 163 24.20 22.93 -7.97
N LEU C 164 23.99 21.84 -8.70
CA LEU C 164 22.97 21.89 -9.73
C LEU C 164 21.59 22.02 -9.08
N LYS C 165 20.82 22.98 -9.57
CA LYS C 165 19.45 23.23 -9.15
C LYS C 165 18.76 23.99 -10.27
N PRO C 166 17.42 24.06 -10.27
CA PRO C 166 16.74 24.84 -11.31
C PRO C 166 17.21 26.28 -11.42
N GLU C 167 17.59 26.91 -10.30
CA GLU C 167 18.02 28.30 -10.30
C GLU C 167 19.37 28.49 -10.99
N ASN C 168 20.19 27.44 -11.11
CA ASN C 168 21.51 27.56 -11.69
C ASN C 168 21.56 27.14 -13.15
N ILE C 169 20.42 26.84 -13.75
CA ILE C 169 20.32 26.55 -15.17
C ILE C 169 19.47 27.65 -15.79
N LEU C 170 20.06 28.39 -16.72
CA LEU C 170 19.41 29.57 -17.26
C LEU C 170 19.19 29.44 -18.75
N LEU C 171 18.08 30.02 -19.21
CA LEU C 171 17.83 30.11 -20.64
C LEU C 171 18.68 31.22 -21.24
N CYS C 172 19.27 30.95 -22.40
CA CYS C 172 20.01 32.00 -23.09
C CYS C 172 19.09 33.13 -23.50
N ASN C 173 18.01 32.79 -24.17
CA ASN C 173 17.10 33.73 -24.70
C ASN C 173 15.70 33.22 -24.38
N PRO C 174 14.77 34.09 -24.02
CA PRO C 174 13.43 33.62 -23.66
C PRO C 174 12.73 33.12 -24.90
N LYS C 175 11.76 32.23 -24.70
CA LYS C 175 11.00 31.58 -25.77
C LYS C 175 11.86 30.65 -26.64
N ARG C 176 13.11 30.42 -26.27
CA ARG C 176 13.95 29.43 -26.93
C ARG C 176 14.41 28.44 -25.86
N SER C 177 14.83 27.24 -26.28
CA SER C 177 15.13 26.21 -25.31
C SER C 177 16.61 26.05 -24.98
N ALA C 178 17.49 26.81 -25.64
CA ALA C 178 18.92 26.71 -25.34
C ALA C 178 19.20 27.17 -23.93
N ILE C 179 20.09 26.46 -23.23
CA ILE C 179 20.39 26.74 -21.83
C ILE C 179 21.88 26.80 -21.60
N LYS C 180 22.25 27.45 -20.50
CA LYS C 180 23.63 27.48 -20.01
C LYS C 180 23.62 27.29 -18.49
N ILE C 181 24.65 26.62 -18.00
CA ILE C 181 24.83 26.36 -16.58
C ILE C 181 25.59 27.53 -15.97
N VAL C 182 25.19 27.90 -14.75
CA VAL C 182 25.71 29.07 -14.09
C VAL C 182 26.16 28.68 -12.67
N ASP C 183 26.89 29.59 -12.02
CA ASP C 183 27.29 29.48 -10.61
C ASP C 183 28.18 28.26 -10.34
N PHE C 184 29.42 28.39 -10.80
CA PHE C 184 30.45 27.41 -10.44
C PHE C 184 31.17 27.78 -9.15
N GLY C 185 30.52 28.51 -8.25
CA GLY C 185 31.16 28.90 -7.02
C GLY C 185 31.30 27.81 -5.98
N SER C 186 30.65 26.66 -6.17
CA SER C 186 30.82 25.50 -5.31
C SER C 186 31.63 24.40 -5.97
N SER C 187 32.11 24.62 -7.18
CA SER C 187 32.68 23.56 -7.98
C SER C 187 34.08 23.20 -7.48
N CYS C 188 34.51 22.02 -7.89
CA CYS C 188 35.83 21.50 -7.59
C CYS C 188 36.17 20.52 -8.69
N GLN C 189 37.42 20.07 -8.70
CA GLN C 189 37.83 19.01 -9.58
C GLN C 189 37.97 17.72 -8.76
N LEU C 190 37.92 16.59 -9.46
CA LEU C 190 38.12 15.30 -8.81
C LEU C 190 39.46 15.30 -8.09
N GLY C 191 39.45 14.79 -6.87
CA GLY C 191 40.60 14.89 -5.98
C GLY C 191 40.71 16.18 -5.16
N GLN C 192 40.53 17.34 -5.79
CA GLN C 192 40.61 18.62 -5.06
C GLN C 192 39.29 18.92 -4.37
N ARG C 193 38.71 17.94 -3.67
CA ARG C 193 37.44 18.14 -3.00
C ARG C 193 37.72 18.83 -1.67
N ILE C 194 36.98 19.90 -1.39
CA ILE C 194 37.31 20.75 -0.24
C ILE C 194 36.11 21.00 0.66
N TYR C 195 35.01 20.27 0.45
CA TYR C 195 33.83 20.42 1.29
C TYR C 195 33.07 19.11 1.38
N GLN C 196 32.39 18.88 2.51
CA GLN C 196 31.60 17.65 2.72
C GLN C 196 30.07 17.88 2.74
N ILE C 198 27.70 19.48 0.88
CA ILE C 198 27.53 20.18 -0.39
C ILE C 198 26.22 19.82 -1.06
N GLN C 199 25.92 20.56 -2.13
CA GLN C 199 24.74 20.45 -2.98
C GLN C 199 23.53 21.03 -2.26
N SER C 200 22.59 21.60 -3.00
CA SER C 200 21.32 21.98 -2.41
C SER C 200 20.61 20.72 -1.94
N ARG C 201 19.95 20.81 -0.77
CA ARG C 201 19.45 19.61 -0.08
C ARG C 201 18.57 18.76 -0.98
N PHE C 202 17.62 19.40 -1.69
CA PHE C 202 16.69 18.68 -2.55
C PHE C 202 17.41 17.90 -3.64
N TYR C 203 18.61 18.34 -4.03
CA TYR C 203 19.39 17.79 -5.13
C TYR C 203 20.65 17.11 -4.64
N ARG C 204 20.71 16.84 -3.34
CA ARG C 204 21.89 16.25 -2.74
C ARG C 204 21.89 14.74 -2.93
N SER C 205 23.01 14.22 -3.43
CA SER C 205 23.18 12.81 -3.75
C SER C 205 23.28 11.98 -2.48
N PRO C 206 22.93 10.69 -2.55
CA PRO C 206 23.04 9.81 -1.36
C PRO C 206 24.45 9.69 -0.81
N GLU C 207 25.49 9.69 -1.66
CA GLU C 207 26.85 9.58 -1.15
C GLU C 207 27.22 10.79 -0.30
N VAL C 208 26.74 11.98 -0.68
CA VAL C 208 27.02 13.16 0.12
C VAL C 208 26.23 13.12 1.43
N LEU C 209 24.96 12.71 1.38
CA LEU C 209 24.17 12.55 2.59
C LEU C 209 24.79 11.52 3.53
N LEU C 210 25.45 10.50 2.99
CA LEU C 210 26.04 9.44 3.80
C LEU C 210 27.50 9.72 4.19
N GLY C 211 28.03 10.90 3.86
CA GLY C 211 29.40 11.24 4.19
C GLY C 211 30.46 10.44 3.46
N MET C 212 30.15 9.96 2.27
CA MET C 212 31.05 9.11 1.50
C MET C 212 31.83 9.93 0.48
N PRO C 213 32.95 9.42 -0.03
CA PRO C 213 33.64 10.13 -1.12
C PRO C 213 32.72 10.28 -2.32
N TYR C 214 32.87 11.38 -3.03
CA TYR C 214 32.01 11.67 -4.16
C TYR C 214 32.86 12.08 -5.37
N ASP C 215 32.24 11.98 -6.54
CA ASP C 215 32.92 12.33 -7.79
C ASP C 215 31.87 13.05 -8.63
N LEU C 216 32.10 13.08 -9.94
CA LEU C 216 31.23 13.78 -10.87
C LEU C 216 29.83 13.20 -10.93
N ALA C 217 29.63 11.97 -10.43
CA ALA C 217 28.32 11.34 -10.46
C ALA C 217 27.30 12.07 -9.60
N ILE C 218 27.72 12.90 -8.64
CA ILE C 218 26.73 13.63 -7.84
C ILE C 218 25.95 14.62 -8.71
N ASP C 219 26.55 15.09 -9.81
CA ASP C 219 25.84 15.98 -10.71
C ASP C 219 24.75 15.24 -11.46
N MET C 220 25.02 13.99 -11.82
CA MET C 220 24.00 13.20 -12.51
C MET C 220 22.79 12.98 -11.62
N TRP C 221 23.02 12.72 -10.32
CA TRP C 221 21.92 12.60 -9.36
C TRP C 221 21.07 13.87 -9.35
N SER C 222 21.72 15.04 -9.25
CA SER C 222 20.99 16.30 -9.23
C SER C 222 20.19 16.49 -10.52
N LEU C 223 20.78 16.12 -11.65
CA LEU C 223 20.09 16.25 -12.93
C LEU C 223 18.84 15.38 -12.97
N GLY C 224 18.94 14.14 -12.46
CA GLY C 224 17.77 13.29 -12.40
C GLY C 224 16.64 13.90 -11.58
N CYS C 225 16.97 14.48 -10.42
CA CYS C 225 15.96 15.17 -9.62
C CYS C 225 15.37 16.36 -10.38
N ILE C 226 16.24 17.11 -11.06
CA ILE C 226 15.82 18.33 -11.74
C ILE C 226 14.84 18.01 -12.87
N LEU C 227 15.12 16.95 -13.62
CA LEU C 227 14.32 16.65 -14.80
C LEU C 227 12.91 16.21 -14.42
N VAL C 228 12.76 15.44 -13.34
CA VAL C 228 11.43 15.09 -12.86
C VAL C 228 10.68 16.36 -12.43
N GLU C 229 11.36 17.23 -11.70
CA GLU C 229 10.75 18.47 -11.24
C GLU C 229 10.32 19.35 -12.41
N MET C 230 11.13 19.40 -13.47
CA MET C 230 10.78 20.21 -14.63
C MET C 230 9.47 19.77 -15.28
N HIS C 231 9.19 18.46 -15.29
CA HIS C 231 7.97 17.94 -15.90
C HIS C 231 6.80 17.85 -14.93
N THR C 232 7.04 17.59 -13.64
CA THR C 232 5.96 17.50 -12.67
C THR C 232 5.62 18.83 -12.03
N GLY C 233 6.55 19.78 -12.04
CA GLY C 233 6.38 21.07 -11.42
C GLY C 233 6.82 21.15 -9.98
N GLU C 234 7.11 20.02 -9.34
CA GLU C 234 7.44 20.03 -7.93
C GLU C 234 8.70 19.23 -7.69
N PRO C 235 9.47 19.57 -6.64
CA PRO C 235 10.69 18.81 -6.36
C PRO C 235 10.40 17.35 -6.07
N LEU C 236 11.26 16.48 -6.60
CA LEU C 236 11.09 15.04 -6.41
C LEU C 236 11.33 14.64 -4.96
N PHE C 237 12.39 15.15 -4.34
CA PHE C 237 12.73 14.86 -2.95
C PHE C 237 12.88 16.19 -2.21
N SER C 238 11.81 16.70 -1.62
CA SER C 238 11.82 18.02 -0.99
C SER C 238 12.04 17.90 0.52
N GLY C 239 13.17 17.32 0.94
CA GLY C 239 13.40 17.11 2.35
C GLY C 239 13.71 18.41 3.07
N ALA C 240 13.16 18.55 4.28
CA ALA C 240 13.38 19.70 5.13
C ALA C 240 14.67 19.60 5.93
N ASN C 241 15.26 18.42 5.99
CA ASN C 241 16.55 18.20 6.65
C ASN C 241 17.12 16.92 6.05
N GLU C 242 18.35 16.56 6.45
CA GLU C 242 18.99 15.41 5.82
C GLU C 242 18.23 14.12 6.10
N VAL C 243 17.70 13.97 7.31
CA VAL C 243 16.92 12.79 7.66
C VAL C 243 15.63 12.74 6.84
N ASP C 244 14.91 13.86 6.77
CA ASP C 244 13.73 13.92 5.91
C ASP C 244 14.11 13.71 4.44
N GLN C 245 15.26 14.27 4.02
CA GLN C 245 15.71 14.10 2.63
C GLN C 245 15.95 12.64 2.29
N MET C 246 16.69 11.92 3.13
CA MET C 246 16.98 10.51 2.86
C MET C 246 15.72 9.65 2.87
N ASN C 247 14.82 9.91 3.81
CA ASN C 247 13.59 9.13 3.88
C ASN C 247 12.75 9.33 2.62
N LYS C 248 12.73 10.56 2.09
CA LYS C 248 11.98 10.79 0.86
C LYS C 248 12.60 10.07 -0.33
N ILE C 249 13.93 9.94 -0.34
CA ILE C 249 14.58 9.17 -1.39
C ILE C 249 14.22 7.69 -1.25
N VAL C 250 14.23 7.18 -0.03
CA VAL C 250 13.93 5.78 0.24
C VAL C 250 12.50 5.43 -0.14
N GLU C 251 11.57 6.37 0.03
CA GLU C 251 10.19 6.14 -0.38
C GLU C 251 10.10 5.76 -1.86
N VAL C 252 10.95 6.35 -2.68
CA VAL C 252 10.89 6.13 -4.12
C VAL C 252 11.80 5.00 -4.55
N LEU C 253 13.00 4.92 -3.97
CA LEU C 253 14.05 4.03 -4.44
C LEU C 253 14.33 2.86 -3.51
N GLY C 254 13.71 2.81 -2.33
CA GLY C 254 13.97 1.71 -1.41
C GLY C 254 15.20 1.94 -0.56
N ILE C 255 15.50 0.95 0.27
CA ILE C 255 16.70 1.02 1.11
C ILE C 255 17.95 0.95 0.24
N PRO C 256 18.97 1.74 0.48
CA PRO C 256 20.19 1.61 -0.31
C PRO C 256 20.82 0.24 -0.11
N PRO C 257 21.56 -0.26 -1.09
CA PRO C 257 22.14 -1.59 -0.99
C PRO C 257 23.19 -1.67 0.11
N ALA C 258 23.36 -2.88 0.64
CA ALA C 258 24.24 -3.09 1.79
C ALA C 258 25.69 -2.73 1.47
N HIS C 259 26.15 -3.00 0.24
CA HIS C 259 27.55 -2.72 -0.08
C HIS C 259 27.88 -1.23 0.02
N ILE C 260 26.88 -0.37 -0.11
CA ILE C 260 27.08 1.06 0.08
C ILE C 260 27.02 1.43 1.56
N LEU C 261 25.95 1.02 2.25
CA LEU C 261 25.73 1.44 3.63
C LEU C 261 26.80 0.88 4.57
N ASP C 262 27.38 -0.28 4.25
CA ASP C 262 28.47 -0.83 5.05
C ASP C 262 29.71 0.04 5.03
N GLN C 263 29.84 0.93 4.04
CA GLN C 263 30.99 1.82 3.93
C GLN C 263 30.64 3.28 4.15
N ALA C 264 29.41 3.57 4.57
CA ALA C 264 28.95 4.94 4.69
C ALA C 264 29.17 5.43 6.12
N PRO C 265 29.99 6.47 6.33
CA PRO C 265 30.23 6.93 7.71
C PRO C 265 28.96 7.37 8.42
N LYS C 266 28.00 7.93 7.69
CA LYS C 266 26.77 8.45 8.28
C LYS C 266 25.60 7.52 8.03
N ALA C 267 25.87 6.21 7.91
CA ALA C 267 24.79 5.26 7.69
C ALA C 267 23.82 5.26 8.86
N ARG C 268 24.34 5.22 10.09
CA ARG C 268 23.50 5.10 11.28
C ARG C 268 22.68 6.36 11.53
N LYS C 269 22.94 7.45 10.82
CA LYS C 269 22.07 8.61 10.92
C LYS C 269 20.70 8.33 10.33
N PHE C 270 20.61 7.38 9.41
CA PHE C 270 19.36 7.10 8.72
C PHE C 270 18.91 5.66 8.85
N PHE C 271 19.84 4.71 8.99
CA PHE C 271 19.51 3.29 8.88
C PHE C 271 20.02 2.56 10.11
N GLU C 272 19.66 1.28 10.18
CA GLU C 272 20.04 0.40 11.27
C GLU C 272 20.40 -0.95 10.65
N LYS C 273 21.50 -1.54 11.10
CA LYS C 273 21.95 -2.84 10.58
C LYS C 273 21.37 -3.96 11.45
N LEU C 274 20.67 -4.89 10.82
CA LEU C 274 20.04 -6.04 11.47
C LEU C 274 21.05 -7.18 11.67
N PRO C 275 20.73 -8.16 12.53
CA PRO C 275 21.70 -9.24 12.79
C PRO C 275 22.12 -10.05 11.57
N ASP C 276 21.26 -10.20 10.56
CA ASP C 276 21.64 -10.91 9.35
C ASP C 276 22.63 -10.12 8.48
N GLY C 277 22.87 -8.84 8.80
CA GLY C 277 23.73 -8.00 7.98
C GLY C 277 22.99 -7.13 6.98
N THR C 278 21.66 -7.20 6.93
CA THR C 278 20.84 -6.33 6.10
C THR C 278 20.46 -5.08 6.88
N TRP C 279 20.08 -4.05 6.12
CA TRP C 279 19.78 -2.75 6.69
C TRP C 279 18.30 -2.43 6.60
N ASN C 280 17.84 -1.63 7.56
CA ASN C 280 16.50 -1.09 7.52
C ASN C 280 16.58 0.37 7.95
N LEU C 281 15.53 1.13 7.63
CA LEU C 281 15.42 2.50 8.11
C LEU C 281 15.32 2.54 9.63
N LYS C 282 15.79 3.64 10.18
CA LYS C 282 15.51 4.00 11.56
C LYS C 282 14.22 4.80 11.59
N LYS C 283 13.41 4.58 12.62
CA LYS C 283 12.22 5.39 12.84
C LYS C 283 12.68 6.76 13.28
N THR C 284 12.04 7.82 12.78
CA THR C 284 12.48 9.16 13.18
C THR C 284 12.27 9.36 14.68
N LYS C 285 13.13 10.21 15.25
CA LYS C 285 13.05 10.47 16.68
C LYS C 285 11.84 11.32 17.02
N ASP C 286 11.63 12.41 16.26
CA ASP C 286 10.52 13.31 16.53
C ASP C 286 9.17 12.69 16.17
N GLY C 287 9.14 11.83 15.15
CA GLY C 287 7.90 11.21 14.74
C GLY C 287 6.85 12.14 14.18
N LYS C 288 7.25 13.29 13.62
CA LYS C 288 6.26 14.22 13.09
C LYS C 288 5.88 13.89 11.66
N ARG C 289 6.73 13.20 10.93
CA ARG C 289 6.44 12.79 9.58
C ARG C 289 6.29 11.28 9.44
N GLU C 290 5.47 10.89 8.49
CA GLU C 290 5.21 9.49 8.19
C GLU C 290 5.63 9.29 6.74
N TYR C 291 6.28 8.17 6.48
CA TYR C 291 6.79 7.88 5.14
C TYR C 291 6.09 6.67 4.58
N LYS C 292 5.92 6.66 3.25
CA LYS C 292 5.44 5.47 2.59
C LYS C 292 6.50 4.39 2.72
N PRO C 293 6.11 3.12 2.77
CA PRO C 293 7.09 2.06 2.94
C PRO C 293 8.11 2.07 1.81
N PRO C 294 9.34 1.60 2.06
CA PRO C 294 10.45 1.80 1.11
C PRO C 294 10.16 1.33 -0.30
N GLY C 295 10.35 2.23 -1.27
CA GLY C 295 10.19 1.88 -2.66
C GLY C 295 8.76 1.79 -3.14
N THR C 296 7.77 2.14 -2.32
CA THR C 296 6.37 2.08 -2.76
C THR C 296 5.89 3.41 -3.35
N ARG C 297 6.62 4.51 -3.18
CA ARG C 297 6.25 5.74 -3.86
C ARG C 297 6.90 5.68 -5.24
N LYS C 298 6.21 4.99 -6.15
CA LYS C 298 6.77 4.64 -7.44
C LYS C 298 6.90 5.84 -8.36
N LEU C 299 8.08 5.98 -8.98
CA LEU C 299 8.26 7.01 -9.99
C LEU C 299 7.31 6.83 -11.16
N HIS C 300 6.93 5.57 -11.43
CA HIS C 300 5.94 5.22 -12.44
C HIS C 300 4.64 6.00 -12.22
N ASN C 301 4.27 6.21 -10.96
CA ASN C 301 3.04 6.92 -10.65
C ASN C 301 3.26 8.41 -10.51
N ILE C 302 4.42 8.83 -10.00
CA ILE C 302 4.76 10.25 -9.94
C ILE C 302 4.75 10.85 -11.33
N LEU C 303 5.24 10.10 -12.32
CA LEU C 303 5.30 10.60 -13.69
C LEU C 303 4.01 10.39 -14.46
N GLY C 304 3.07 9.59 -13.94
CA GLY C 304 1.85 9.28 -14.67
C GLY C 304 2.09 8.51 -15.95
N VAL C 305 2.95 7.49 -15.89
CA VAL C 305 3.40 6.76 -17.07
C VAL C 305 2.23 6.18 -17.85
N GLU C 306 1.27 5.57 -17.17
CA GLU C 306 0.14 4.97 -17.84
C GLU C 306 -1.18 5.67 -17.53
N THR C 307 -1.13 6.87 -16.96
CA THR C 307 -2.33 7.60 -16.57
C THR C 307 -2.30 9.05 -17.07
N GLY C 308 -1.65 9.29 -18.20
CA GLY C 308 -1.70 10.61 -18.81
C GLY C 308 -0.74 11.65 -18.26
N GLY C 309 0.41 11.23 -17.74
CA GLY C 309 1.38 12.17 -17.22
C GLY C 309 0.99 12.69 -15.85
N PRO C 310 1.74 13.69 -15.36
CA PRO C 310 1.51 14.19 -13.99
C PRO C 310 0.11 14.77 -13.79
N GLY C 311 -0.64 14.17 -12.87
CA GLY C 311 -2.00 14.58 -12.60
C GLY C 311 -2.98 14.34 -13.72
N GLY C 312 -2.60 13.58 -14.74
CA GLY C 312 -3.40 13.39 -15.93
C GLY C 312 -3.42 14.57 -16.89
N ARG C 313 -2.63 15.62 -16.64
CA ARG C 313 -2.73 16.85 -17.42
C ARG C 313 -2.14 16.72 -18.82
N ARG C 314 -1.52 15.58 -19.14
CA ARG C 314 -0.87 15.38 -20.43
C ARG C 314 -1.57 14.34 -21.30
N ALA C 315 -2.78 13.93 -20.96
CA ALA C 315 -3.47 12.88 -21.71
C ALA C 315 -3.71 13.28 -23.16
N GLY C 316 -3.30 12.42 -24.09
CA GLY C 316 -3.51 12.64 -25.49
C GLY C 316 -2.53 13.57 -26.16
N GLU C 317 -1.63 14.21 -25.40
CA GLU C 317 -0.71 15.17 -26.01
C GLU C 317 0.37 14.42 -26.77
N SER C 318 0.85 15.03 -27.85
CA SER C 318 1.95 14.42 -28.55
C SER C 318 3.21 14.47 -27.69
N GLY C 319 4.12 13.55 -27.96
CA GLY C 319 5.33 13.47 -27.18
C GLY C 319 5.12 13.03 -25.74
N HIS C 320 3.95 12.47 -25.42
CA HIS C 320 3.64 12.01 -24.08
C HIS C 320 3.01 10.64 -24.12
N THR C 321 3.52 9.76 -24.97
CA THR C 321 2.99 8.42 -25.02
C THR C 321 3.54 7.61 -23.86
N VAL C 322 2.88 6.48 -23.59
CA VAL C 322 3.34 5.57 -22.55
C VAL C 322 4.78 5.14 -22.83
N ALA C 323 5.10 4.88 -24.11
CA ALA C 323 6.48 4.52 -24.43
C ALA C 323 7.44 5.64 -24.12
N ASP C 324 7.04 6.89 -24.44
CA ASP C 324 7.86 8.05 -24.11
C ASP C 324 8.10 8.13 -22.61
N TYR C 325 7.04 7.93 -21.82
CA TYR C 325 7.18 7.98 -20.38
C TYR C 325 8.05 6.85 -19.85
N LEU C 326 7.90 5.65 -20.43
CA LEU C 326 8.72 4.53 -20.00
C LEU C 326 10.19 4.77 -20.28
N LYS C 327 10.52 5.34 -21.44
CA LYS C 327 11.91 5.66 -21.72
C LYS C 327 12.44 6.69 -20.73
N PHE C 328 11.65 7.73 -20.48
CA PHE C 328 12.04 8.78 -19.55
C PHE C 328 12.24 8.22 -18.15
N LYS C 329 11.34 7.35 -17.70
CA LYS C 329 11.47 6.77 -16.36
C LYS C 329 12.75 5.95 -16.25
N ASP C 330 13.06 5.15 -17.28
CA ASP C 330 14.26 4.33 -17.26
C ASP C 330 15.53 5.20 -17.17
N LEU C 331 15.57 6.28 -17.94
CA LEU C 331 16.73 7.17 -17.88
C LEU C 331 16.87 7.80 -16.51
N ILE C 332 15.75 8.27 -15.93
CA ILE C 332 15.79 8.90 -14.61
C ILE C 332 16.28 7.90 -13.57
N LEU C 333 15.76 6.67 -13.61
CA LEU C 333 16.16 5.66 -12.65
C LEU C 333 17.63 5.32 -12.78
N ARG C 334 18.18 5.37 -14.00
CA ARG C 334 19.61 5.18 -14.17
C ARG C 334 20.40 6.36 -13.62
N MET C 335 19.83 7.56 -13.68
CA MET C 335 20.45 8.72 -13.03
C MET C 335 20.31 8.67 -11.51
N LEU C 336 19.30 7.98 -10.98
CA LEU C 336 19.11 7.93 -9.54
C LEU C 336 19.59 6.61 -8.95
N ASP C 337 20.46 5.92 -9.68
CA ASP C 337 21.14 4.74 -9.19
C ASP C 337 21.86 5.10 -7.90
N TYR C 338 21.66 4.29 -6.86
CA TYR C 338 22.30 4.53 -5.57
C TYR C 338 23.82 4.46 -5.67
N ASP C 339 24.32 3.55 -6.50
CA ASP C 339 25.75 3.31 -6.59
C ASP C 339 26.39 4.31 -7.55
N PRO C 340 27.30 5.18 -7.06
CA PRO C 340 27.95 6.15 -7.96
C PRO C 340 28.80 5.52 -9.06
N LYS C 341 29.23 4.27 -8.88
CA LYS C 341 30.04 3.60 -9.88
C LYS C 341 29.24 3.08 -11.04
N THR C 342 27.95 2.80 -10.85
CA THR C 342 27.10 2.30 -11.92
C THR C 342 26.03 3.29 -12.36
N ARG C 343 25.88 4.42 -11.68
CA ARG C 343 24.99 5.48 -12.14
C ARG C 343 25.38 5.89 -13.55
N ILE C 344 24.38 6.14 -14.39
CA ILE C 344 24.65 6.37 -15.80
C ILE C 344 25.52 7.60 -15.96
N GLN C 345 26.48 7.52 -16.85
CA GLN C 345 27.41 8.60 -17.11
C GLN C 345 27.04 9.35 -18.37
N PRO C 346 27.47 10.63 -18.50
CA PRO C 346 26.93 11.48 -19.59
C PRO C 346 27.04 10.89 -20.99
N TYR C 347 28.16 10.24 -21.32
CA TYR C 347 28.31 9.63 -22.64
C TYR C 347 27.22 8.61 -22.90
N TYR C 348 26.98 7.73 -21.92
CA TYR C 348 25.98 6.68 -22.09
C TYR C 348 24.57 7.20 -21.94
N ALA C 349 24.39 8.25 -21.15
CA ALA C 349 23.08 8.89 -21.06
C ALA C 349 22.67 9.49 -22.40
N LEU C 350 23.61 10.08 -23.13
CA LEU C 350 23.29 10.65 -24.44
C LEU C 350 22.94 9.56 -25.44
N GLN C 351 23.28 8.32 -25.14
CA GLN C 351 22.91 7.19 -25.99
C GLN C 351 21.57 6.58 -25.62
N HIS C 352 20.87 7.12 -24.64
CA HIS C 352 19.65 6.49 -24.17
C HIS C 352 18.53 6.66 -25.18
N SER C 353 17.63 5.64 -25.23
CA SER C 353 16.53 5.61 -26.18
C SER C 353 15.58 6.80 -26.02
N PHE C 354 15.58 7.45 -24.85
CA PHE C 354 14.77 8.65 -24.63
C PHE C 354 15.14 9.77 -25.60
N PHE C 355 16.36 9.78 -26.14
CA PHE C 355 16.76 10.82 -27.05
C PHE C 355 16.61 10.41 -28.52
N LYS C 356 16.27 9.16 -28.77
CA LYS C 356 16.14 8.64 -30.13
C LYS C 356 14.68 8.69 -30.58
N LYS C 357 14.47 9.08 -31.84
CA LYS C 357 13.18 8.94 -32.52
C LYS C 357 12.00 9.59 -31.78
N VAL D 11 -29.78 36.10 2.48
CA VAL D 11 -28.35 36.07 2.21
C VAL D 11 -27.56 36.47 3.47
N TYR D 12 -26.37 35.89 3.59
CA TYR D 12 -25.44 36.13 4.69
C TYR D 12 -24.07 36.36 4.08
N ASN D 13 -23.50 37.55 4.28
CA ASN D 13 -22.19 37.90 3.72
C ASN D 13 -22.21 37.77 2.21
N ASP D 14 -23.22 38.41 1.60
CA ASP D 14 -23.45 38.41 0.15
C ASP D 14 -23.62 36.99 -0.38
N GLY D 15 -24.08 36.07 0.47
CA GLY D 15 -24.33 34.70 0.10
C GLY D 15 -23.23 33.71 0.43
N TYR D 16 -22.15 34.15 1.07
CA TYR D 16 -21.04 33.26 1.38
C TYR D 16 -21.16 32.57 2.73
N ASP D 17 -22.07 33.01 3.60
CA ASP D 17 -22.16 32.51 4.96
C ASP D 17 -23.49 31.77 5.18
N ASP D 18 -23.50 30.91 6.20
CA ASP D 18 -24.73 30.25 6.61
C ASP D 18 -25.39 31.09 7.69
N ASP D 19 -26.38 30.53 8.40
CA ASP D 19 -27.05 31.27 9.46
C ASP D 19 -26.26 31.28 10.77
N ASN D 20 -25.16 30.53 10.83
CA ASN D 20 -24.31 30.44 12.01
C ASN D 20 -22.98 31.17 11.80
N TYR D 21 -22.96 32.20 10.93
CA TYR D 21 -21.81 33.06 10.66
C TYR D 21 -20.64 32.29 10.08
N ASP D 22 -20.85 31.05 9.64
CA ASP D 22 -19.78 30.21 9.12
C ASP D 22 -19.70 30.34 7.60
N TYR D 23 -18.49 30.29 7.08
CA TYR D 23 -18.32 30.29 5.63
C TYR D 23 -18.83 28.98 5.05
N ILE D 24 -19.69 29.08 4.04
CA ILE D 24 -20.24 27.89 3.40
C ILE D 24 -19.13 27.24 2.59
N VAL D 25 -18.55 26.17 3.14
CA VAL D 25 -17.42 25.52 2.52
C VAL D 25 -17.86 24.83 1.24
N LYS D 26 -17.13 25.06 0.16
CA LYS D 26 -17.40 24.46 -1.14
C LYS D 26 -16.14 23.73 -1.57
N ASN D 27 -16.23 22.39 -1.61
CA ASN D 27 -15.09 21.55 -1.96
C ASN D 27 -14.59 21.88 -3.36
N GLY D 28 -13.28 22.01 -3.51
CA GLY D 28 -12.68 22.32 -4.78
C GLY D 28 -12.49 23.80 -5.06
N GLU D 29 -13.10 24.67 -4.26
CA GLU D 29 -12.96 26.10 -4.45
C GLU D 29 -11.52 26.53 -4.27
N LYS D 30 -11.11 27.52 -5.06
CA LYS D 30 -9.77 28.11 -4.97
C LYS D 30 -9.88 29.52 -4.44
N TRP D 31 -8.95 29.88 -3.56
CA TRP D 31 -8.95 31.16 -2.86
C TRP D 31 -7.67 31.91 -3.18
N MET D 32 -7.82 33.16 -3.63
CA MET D 32 -6.70 34.10 -3.83
C MET D 32 -5.62 33.56 -4.75
N ASP D 33 -5.99 32.64 -5.64
CA ASP D 33 -5.05 31.92 -6.51
C ASP D 33 -3.90 31.28 -5.73
N ARG D 34 -4.15 30.86 -4.49
CA ARG D 34 -3.14 30.19 -3.68
C ARG D 34 -3.61 28.91 -3.01
N TYR D 35 -4.85 28.88 -2.50
CA TYR D 35 -5.32 27.76 -1.70
C TYR D 35 -6.46 27.05 -2.42
N GLU D 36 -6.33 25.74 -2.62
CA GLU D 36 -7.38 24.93 -3.21
C GLU D 36 -8.04 24.13 -2.09
N ILE D 37 -9.30 24.44 -1.80
CA ILE D 37 -10.02 23.87 -0.67
C ILE D 37 -10.40 22.43 -1.01
N ASP D 38 -9.97 21.49 -0.17
CA ASP D 38 -10.29 20.09 -0.38
C ASP D 38 -11.59 19.68 0.29
N SER D 39 -11.67 19.82 1.62
CA SER D 39 -12.82 19.35 2.40
C SER D 39 -12.77 19.90 3.82
N LEU D 40 -13.93 19.91 4.46
CA LEU D 40 -14.08 20.26 5.86
C LEU D 40 -13.59 19.12 6.76
N ILE D 41 -12.85 19.48 7.81
CA ILE D 41 -12.28 18.52 8.74
C ILE D 41 -13.03 18.54 10.07
N GLY D 42 -13.39 19.72 10.56
CA GLY D 42 -14.06 19.82 11.84
C GLY D 42 -14.78 21.14 11.98
N LYS D 43 -15.75 21.15 12.88
CA LYS D 43 -16.46 22.36 13.22
C LYS D 43 -16.30 22.59 14.71
N GLY D 44 -16.41 23.85 15.12
CA GLY D 44 -16.36 24.17 16.52
C GLY D 44 -17.15 25.43 16.79
N SER D 45 -17.11 25.91 18.03
CA SER D 45 -17.75 27.19 18.33
C SER D 45 -17.07 28.34 17.59
N PHE D 46 -15.77 28.22 17.35
CA PHE D 46 -15.03 29.29 16.66
C PHE D 46 -15.46 29.45 15.22
N GLY D 47 -15.92 28.38 14.59
CA GLY D 47 -16.10 28.35 13.16
C GLY D 47 -15.78 27.00 12.56
N GLN D 48 -14.91 26.97 11.55
CA GLN D 48 -14.65 25.74 10.82
C GLN D 48 -13.16 25.58 10.55
N VAL D 49 -12.76 24.33 10.34
CA VAL D 49 -11.40 23.98 9.94
C VAL D 49 -11.49 23.14 8.67
N VAL D 50 -10.82 23.59 7.60
CA VAL D 50 -10.87 22.88 6.33
C VAL D 50 -9.45 22.47 5.94
N LYS D 51 -9.39 21.37 5.21
CA LYS D 51 -8.15 20.95 4.58
C LYS D 51 -8.06 21.58 3.19
N ALA D 52 -6.88 22.07 2.85
CA ALA D 52 -6.68 22.74 1.58
C ALA D 52 -5.23 22.57 1.18
N TYR D 53 -4.95 22.78 -0.11
CA TYR D 53 -3.61 22.69 -0.64
C TYR D 53 -3.11 24.09 -0.96
N ASP D 54 -1.91 24.41 -0.48
CA ASP D 54 -1.26 25.69 -0.72
C ASP D 54 -0.37 25.53 -1.95
N ARG D 55 -0.77 26.17 -3.06
CA ARG D 55 0.00 26.07 -4.30
C ARG D 55 1.37 26.72 -4.18
N VAL D 56 1.52 27.75 -3.36
CA VAL D 56 2.80 28.47 -3.26
C VAL D 56 3.85 27.62 -2.55
N GLU D 57 3.51 27.04 -1.40
CA GLU D 57 4.47 26.24 -0.66
C GLU D 57 4.43 24.77 -1.03
N GLN D 58 3.51 24.35 -1.90
CA GLN D 58 3.33 22.96 -2.30
C GLN D 58 3.20 22.05 -1.07
N GLU D 59 2.17 22.34 -0.26
CA GLU D 59 1.98 21.63 0.99
C GLU D 59 0.50 21.65 1.39
N TRP D 60 0.07 20.57 2.03
CA TRP D 60 -1.25 20.54 2.66
C TRP D 60 -1.24 21.33 3.96
N VAL D 61 -2.27 22.13 4.18
CA VAL D 61 -2.40 22.94 5.38
C VAL D 61 -3.85 22.83 5.87
N ALA D 62 -4.05 23.15 7.14
CA ALA D 62 -5.37 23.24 7.74
C ALA D 62 -5.70 24.71 7.96
N ILE D 63 -6.87 25.14 7.50
CA ILE D 63 -7.27 26.55 7.55
C ILE D 63 -8.44 26.68 8.52
N LYS D 64 -8.22 27.42 9.60
CA LYS D 64 -9.24 27.71 10.59
C LYS D 64 -10.01 28.95 10.15
N ILE D 65 -11.24 28.76 9.68
CA ILE D 65 -12.07 29.85 9.20
C ILE D 65 -12.89 30.35 10.38
N ILE D 66 -12.53 31.51 10.92
CA ILE D 66 -13.27 32.06 12.04
C ILE D 66 -14.59 32.61 11.52
N LYS D 67 -15.62 32.54 12.36
CA LYS D 67 -16.94 33.05 12.03
C LYS D 67 -16.89 34.54 11.76
N ASN D 68 -17.71 35.00 10.80
CA ASN D 68 -17.85 36.42 10.49
C ASN D 68 -18.77 37.06 11.52
N LYS D 69 -18.20 37.28 12.71
CA LYS D 69 -18.88 37.94 13.82
C LYS D 69 -17.80 38.50 14.71
N LYS D 70 -17.98 39.75 15.14
CA LYS D 70 -16.94 40.49 15.86
C LYS D 70 -16.40 39.74 17.07
N ALA D 71 -17.27 39.09 17.84
CA ALA D 71 -16.84 38.42 19.06
C ALA D 71 -15.89 37.27 18.78
N PHE D 72 -16.13 36.52 17.71
CA PHE D 72 -15.25 35.43 17.33
C PHE D 72 -13.98 35.96 16.68
N LEU D 73 -14.10 37.02 15.90
CA LEU D 73 -12.92 37.66 15.33
C LEU D 73 -12.01 38.18 16.43
N ASN D 74 -12.58 38.85 17.44
CA ASN D 74 -11.76 39.40 18.52
C ASN D 74 -11.08 38.31 19.33
N GLN D 75 -11.79 37.22 19.58
CA GLN D 75 -11.18 36.11 20.31
C GLN D 75 -10.10 35.43 19.47
N ALA D 76 -10.34 35.29 18.16
CA ALA D 76 -9.31 34.71 17.30
C ALA D 76 -8.07 35.61 17.22
N GLN D 77 -8.24 36.92 17.33
CA GLN D 77 -7.06 37.80 17.33
C GLN D 77 -6.20 37.55 18.55
N ILE D 78 -6.82 37.25 19.69
CA ILE D 78 -6.07 36.87 20.88
C ILE D 78 -5.31 35.57 20.65
N GLU D 79 -5.98 34.57 20.04
CA GLU D 79 -5.36 33.29 19.74
C GLU D 79 -4.13 33.46 18.87
N VAL D 80 -4.22 34.33 17.86
CA VAL D 80 -3.08 34.60 16.98
C VAL D 80 -1.89 35.11 17.79
N ARG D 81 -2.16 36.06 18.69
CA ARG D 81 -1.07 36.63 19.48
C ARG D 81 -0.39 35.56 20.34
N LEU D 82 -1.19 34.68 20.97
CA LEU D 82 -0.60 33.68 21.83
C LEU D 82 0.13 32.61 21.02
N LEU D 83 -0.42 32.25 19.86
CA LEU D 83 0.24 31.30 18.97
C LEU D 83 1.56 31.85 18.45
N GLU D 84 1.59 33.12 18.04
CA GLU D 84 2.83 33.71 17.54
C GLU D 84 3.85 33.84 18.66
N LEU D 85 3.40 34.15 19.87
CA LEU D 85 4.29 34.18 21.01
C LEU D 85 4.84 32.79 21.31
N MET D 86 3.98 31.78 21.26
CA MET D 86 4.45 30.42 21.54
C MET D 86 5.38 29.94 20.44
N ASN D 87 4.99 30.14 19.18
CA ASN D 87 5.81 29.62 18.09
C ASN D 87 7.12 30.38 17.98
N LYS D 88 7.17 31.64 18.44
CA LYS D 88 8.45 32.35 18.44
C LYS D 88 9.39 31.78 19.49
N HIS D 89 8.85 31.30 20.61
CA HIS D 89 9.66 30.68 21.65
C HIS D 89 9.98 29.22 21.36
N ASP D 90 9.39 28.66 20.31
CA ASP D 90 9.58 27.25 19.95
C ASP D 90 9.75 27.15 18.44
N THR D 91 10.70 27.91 17.88
CA THR D 91 10.95 27.87 16.44
C THR D 91 11.30 26.47 15.97
N GLU D 92 12.01 25.70 16.79
CA GLU D 92 12.36 24.32 16.48
C GLU D 92 11.19 23.36 16.66
N MET D 93 10.05 23.83 17.16
CA MET D 93 8.80 23.05 17.23
C MET D 93 8.94 21.81 18.11
N LYS D 94 9.69 21.94 19.20
CA LYS D 94 9.95 20.83 20.11
C LYS D 94 8.95 20.69 21.24
N TYR D 95 8.08 21.67 21.48
CA TYR D 95 7.26 21.69 22.69
C TYR D 95 5.77 21.42 22.45
N TYR D 96 5.41 20.80 21.32
CA TYR D 96 4.13 20.12 21.13
C TYR D 96 2.98 21.09 20.91
N ILE D 97 3.28 22.34 20.52
CA ILE D 97 2.29 23.36 20.21
C ILE D 97 2.20 23.52 18.70
N VAL D 98 0.96 23.55 18.18
CA VAL D 98 0.72 23.67 16.75
C VAL D 98 1.34 24.94 16.17
N HIS D 99 1.81 24.83 14.92
CA HIS D 99 2.49 25.93 14.24
C HIS D 99 1.49 26.73 13.41
N LEU D 100 1.35 28.01 13.75
CA LEU D 100 0.55 28.92 12.94
C LEU D 100 1.45 29.47 11.82
N LYS D 101 1.10 29.16 10.57
CA LYS D 101 1.98 29.59 9.50
C LYS D 101 1.73 31.05 9.12
N ARG D 102 0.46 31.42 8.96
CA ARG D 102 0.10 32.77 8.51
C ARG D 102 -1.39 32.92 8.73
N HIS D 103 -1.86 34.17 8.65
CA HIS D 103 -3.27 34.45 8.69
C HIS D 103 -3.65 35.44 7.60
N PHE D 104 -4.92 35.38 7.18
CA PHE D 104 -5.40 36.29 6.17
C PHE D 104 -6.90 36.50 6.34
N MET D 105 -7.39 37.59 5.77
CA MET D 105 -8.81 37.87 5.69
C MET D 105 -9.29 37.52 4.30
N PHE D 106 -10.32 36.69 4.22
CA PHE D 106 -10.89 36.29 2.95
C PHE D 106 -12.41 36.30 3.09
N ARG D 107 -13.06 37.15 2.30
CA ARG D 107 -14.53 37.26 2.29
C ARG D 107 -15.10 37.46 3.69
N ASN D 108 -14.44 38.38 4.41
CA ASN D 108 -14.81 38.87 5.73
C ASN D 108 -14.71 37.78 6.80
N HIS D 109 -13.82 36.81 6.59
CA HIS D 109 -13.52 35.75 7.54
C HIS D 109 -12.03 35.76 7.83
N LEU D 110 -11.67 35.80 9.10
CA LEU D 110 -10.27 35.58 9.46
C LEU D 110 -9.93 34.11 9.31
N CYS D 111 -8.87 33.84 8.55
CA CYS D 111 -8.42 32.49 8.30
C CYS D 111 -7.01 32.34 8.84
N LEU D 112 -6.82 31.33 9.68
CA LEU D 112 -5.51 31.04 10.25
C LEU D 112 -5.00 29.77 9.58
N VAL D 113 -3.78 29.83 9.06
CA VAL D 113 -3.20 28.71 8.33
C VAL D 113 -2.24 27.98 9.27
N PHE D 114 -2.56 26.72 9.54
CA PHE D 114 -1.76 25.85 10.38
C PHE D 114 -1.17 24.73 9.52
N GLU D 115 -0.18 24.04 10.08
CA GLU D 115 0.24 22.77 9.51
C GLU D 115 -0.92 21.80 9.51
N MET D 116 -0.89 20.87 8.55
CA MET D 116 -1.88 19.81 8.50
C MET D 116 -1.55 18.75 9.55
N LEU D 117 -2.58 18.28 10.26
CA LEU D 117 -2.42 17.26 11.28
C LEU D 117 -3.42 16.13 11.04
N SER D 118 -3.23 15.05 11.79
CA SER D 118 -3.99 13.80 11.72
C SER D 118 -5.13 13.79 12.77
N TYR D 119 -5.60 12.59 13.13
CA TYR D 119 -6.73 12.42 14.04
C TYR D 119 -6.42 13.01 15.41
N ASN D 120 -7.49 13.36 16.13
CA ASN D 120 -7.33 13.74 17.52
C ASN D 120 -7.42 12.49 18.40
N LEU D 121 -7.20 12.67 19.70
CA LEU D 121 -7.22 11.54 20.62
C LEU D 121 -8.61 10.98 20.84
N TYR D 122 -9.66 11.76 20.62
CA TYR D 122 -11.00 11.18 20.65
C TYR D 122 -11.23 10.27 19.45
N ASP D 123 -10.81 10.70 18.25
CA ASP D 123 -10.91 9.85 17.06
C ASP D 123 -10.20 8.53 17.31
N LEU D 124 -9.05 8.61 18.00
CA LEU D 124 -8.31 7.41 18.35
C LEU D 124 -9.11 6.54 19.29
N LEU D 125 -9.81 7.15 20.25
CA LEU D 125 -10.63 6.37 21.18
C LEU D 125 -11.78 5.69 20.44
N ARG D 126 -12.44 6.43 19.54
CA ARG D 126 -13.56 5.88 18.78
C ARG D 126 -13.08 4.75 17.86
N ASN D 127 -11.87 4.88 17.32
CA ASN D 127 -11.35 3.84 16.45
C ASN D 127 -11.06 2.54 17.21
N THR D 128 -10.83 2.59 18.52
CA THR D 128 -10.64 1.41 19.35
C THR D 128 -11.94 0.89 19.94
N ASN D 129 -13.08 1.43 19.48
CA ASN D 129 -14.42 1.11 20.01
C ASN D 129 -14.48 1.36 21.51
N PHE D 130 -13.79 2.42 21.94
CA PHE D 130 -13.77 2.93 23.32
C PHE D 130 -13.30 1.88 24.32
N ARG D 131 -12.44 0.96 23.89
CA ARG D 131 -11.74 0.13 24.86
C ARG D 131 -10.58 0.88 25.50
N GLY D 132 -10.11 1.96 24.87
CA GLY D 132 -9.02 2.75 25.38
C GLY D 132 -7.70 2.32 24.76
N VAL D 133 -6.74 3.24 24.74
CA VAL D 133 -5.40 2.90 24.26
C VAL D 133 -4.58 2.30 25.40
N SER D 134 -3.46 1.68 25.05
CA SER D 134 -2.64 1.00 26.03
C SER D 134 -2.02 2.00 26.99
N LEU D 135 -1.60 1.49 28.15
CA LEU D 135 -0.96 2.34 29.14
C LEU D 135 0.34 2.92 28.61
N ASN D 136 1.06 2.19 27.76
CA ASN D 136 2.29 2.72 27.16
C ASN D 136 2.00 3.89 26.24
N LEU D 137 0.95 3.80 25.44
CA LEU D 137 0.58 4.94 24.60
C LEU D 137 0.12 6.10 25.44
N THR D 138 -0.60 5.81 26.54
CA THR D 138 -1.01 6.83 27.48
C THR D 138 0.18 7.59 28.06
N ARG D 139 1.25 6.86 28.39
CA ARG D 139 2.46 7.48 28.91
C ARG D 139 3.08 8.46 27.93
N LYS D 140 3.19 8.05 26.66
CA LYS D 140 3.78 8.92 25.63
C LYS D 140 2.94 10.18 25.44
N PHE D 141 1.62 10.04 25.42
CA PHE D 141 0.77 11.23 25.39
C PHE D 141 0.95 12.07 26.65
N ALA D 142 1.06 11.40 27.81
CA ALA D 142 1.25 12.11 29.08
C ALA D 142 2.57 12.86 29.13
N GLN D 143 3.64 12.23 28.63
CA GLN D 143 4.95 12.89 28.67
C GLN D 143 4.98 14.13 27.81
N GLN D 144 4.44 14.04 26.58
CA GLN D 144 4.40 15.20 25.70
C GLN D 144 3.54 16.32 26.28
N MET D 145 2.38 15.98 26.84
CA MET D 145 1.49 16.99 27.40
C MET D 145 2.11 17.72 28.57
N CYS D 146 2.78 16.98 29.46
CA CYS D 146 3.47 17.63 30.58
C CYS D 146 4.59 18.52 30.08
N THR D 147 5.31 18.07 29.04
CA THR D 147 6.33 18.91 28.44
C THR D 147 5.72 20.16 27.84
N ALA D 148 4.58 20.01 27.17
CA ALA D 148 3.86 21.16 26.65
C ALA D 148 3.41 22.09 27.77
N LEU D 149 2.90 21.52 28.86
CA LEU D 149 2.46 22.36 29.96
C LEU D 149 3.62 23.08 30.61
N LEU D 150 4.79 22.43 30.68
CA LEU D 150 5.98 23.10 31.19
C LEU D 150 6.38 24.27 30.32
N PHE D 151 6.28 24.10 29.00
CA PHE D 151 6.56 25.19 28.07
C PHE D 151 5.62 26.36 28.31
N LEU D 152 4.32 26.06 28.46
CA LEU D 152 3.33 27.11 28.71
C LEU D 152 3.60 27.83 30.04
N ALA D 153 4.21 27.15 31.00
CA ALA D 153 4.45 27.72 32.32
C ALA D 153 5.66 28.65 32.35
N THR D 154 6.45 28.72 31.28
CA THR D 154 7.60 29.63 31.25
C THR D 154 7.13 31.07 31.45
N PRO D 155 7.85 31.85 32.27
CA PRO D 155 7.39 33.19 32.68
C PRO D 155 7.06 34.10 31.52
N GLU D 156 7.83 34.00 30.43
CA GLU D 156 7.54 34.80 29.25
C GLU D 156 6.18 34.46 28.66
N LEU D 157 5.70 33.23 28.83
CA LEU D 157 4.39 32.87 28.32
C LEU D 157 3.30 32.98 29.38
N SER D 158 3.40 32.18 30.45
CA SER D 158 2.36 32.05 31.48
C SER D 158 0.97 31.89 30.85
N ILE D 159 0.84 30.94 29.95
CA ILE D 159 -0.37 30.76 29.14
C ILE D 159 -1.19 29.62 29.71
N ILE D 160 -2.48 29.87 29.92
CA ILE D 160 -3.46 28.85 30.30
C ILE D 160 -4.26 28.52 29.05
N HIS D 161 -4.21 27.25 28.61
CA HIS D 161 -4.92 26.84 27.40
C HIS D 161 -6.42 27.00 27.54
N CYS D 162 -6.96 26.58 28.69
CA CYS D 162 -8.34 26.75 29.17
C CYS D 162 -9.36 25.86 28.47
N ASP D 163 -8.97 25.07 27.47
CA ASP D 163 -9.90 24.15 26.84
C ASP D 163 -9.21 22.83 26.48
N LEU D 164 -8.40 22.27 27.37
CA LEU D 164 -7.81 20.98 27.05
C LEU D 164 -8.89 19.90 27.06
N LYS D 165 -8.97 19.16 25.97
CA LYS D 165 -9.89 18.02 25.82
C LYS D 165 -9.32 17.12 24.73
N PRO D 166 -9.78 15.85 24.65
CA PRO D 166 -9.25 14.95 23.61
C PRO D 166 -9.32 15.48 22.18
N GLU D 167 -10.36 16.23 21.83
CA GLU D 167 -10.49 16.76 20.48
C GLU D 167 -9.45 17.84 20.15
N ASN D 168 -8.84 18.45 21.16
CA ASN D 168 -7.86 19.51 20.95
C ASN D 168 -6.42 19.03 21.01
N ILE D 169 -6.19 17.73 21.12
CA ILE D 169 -4.86 17.12 21.03
C ILE D 169 -4.85 16.22 19.81
N LEU D 170 -3.98 16.51 18.85
CA LEU D 170 -4.01 15.83 17.56
C LEU D 170 -2.69 15.13 17.29
N LEU D 171 -2.77 13.98 16.62
CA LEU D 171 -1.55 13.32 16.17
C LEU D 171 -0.99 14.04 14.96
N CYS D 172 0.35 14.10 14.88
CA CYS D 172 0.99 14.62 13.69
C CYS D 172 0.65 13.76 12.47
N ASN D 173 0.79 12.45 12.61
CA ASN D 173 0.53 11.51 11.54
C ASN D 173 -0.10 10.25 12.15
N PRO D 174 -0.87 9.48 11.38
CA PRO D 174 -1.58 8.33 11.98
C PRO D 174 -0.64 7.22 12.44
N LYS D 175 0.61 7.18 12.01
CA LYS D 175 1.50 6.08 12.34
C LYS D 175 2.38 6.32 13.56
N ARG D 176 2.35 7.51 14.16
CA ARG D 176 3.22 7.82 15.28
C ARG D 176 2.43 8.40 16.44
N SER D 177 3.08 8.45 17.59
CA SER D 177 2.47 8.91 18.81
C SER D 177 2.73 10.40 19.07
N ALA D 178 3.47 11.07 18.19
CA ALA D 178 3.72 12.51 18.32
C ALA D 178 2.43 13.31 18.20
N ILE D 179 2.29 14.33 19.03
CA ILE D 179 1.06 15.09 19.15
C ILE D 179 1.34 16.59 19.06
N LYS D 180 0.30 17.36 18.74
CA LYS D 180 0.32 18.82 18.80
C LYS D 180 -0.98 19.28 19.43
N ILE D 181 -0.92 20.32 20.26
CA ILE D 181 -2.10 20.90 20.89
C ILE D 181 -2.63 22.02 20.01
N VAL D 182 -3.96 22.11 19.87
CA VAL D 182 -4.61 23.08 18.99
C VAL D 182 -5.66 23.84 19.78
N ASP D 183 -6.25 24.85 19.12
CA ASP D 183 -7.40 25.64 19.61
C ASP D 183 -7.05 26.39 20.91
N PHE D 184 -6.23 27.42 20.72
CA PHE D 184 -5.95 28.36 21.79
C PHE D 184 -6.93 29.52 21.82
N GLY D 185 -8.17 29.29 21.35
CA GLY D 185 -9.22 30.29 21.30
C GLY D 185 -9.89 30.60 22.62
N SER D 186 -9.63 29.83 23.66
CA SER D 186 -10.09 30.17 25.00
C SER D 186 -8.93 30.55 25.90
N SER D 187 -7.71 30.54 25.35
CA SER D 187 -6.53 30.66 26.18
C SER D 187 -6.35 32.09 26.68
N CYS D 188 -5.55 32.21 27.72
CA CYS D 188 -5.23 33.51 28.29
C CYS D 188 -3.90 33.40 29.01
N GLN D 189 -3.37 34.54 29.39
CA GLN D 189 -2.15 34.57 30.19
C GLN D 189 -2.51 34.81 31.65
N LEU D 190 -1.61 34.35 32.51
CA LEU D 190 -1.81 34.49 33.96
C LEU D 190 -2.01 35.96 34.34
N GLY D 191 -3.04 36.21 35.14
CA GLY D 191 -3.48 37.53 35.52
C GLY D 191 -4.36 38.24 34.50
N GLN D 192 -4.21 37.95 33.21
CA GLN D 192 -5.08 38.54 32.18
C GLN D 192 -6.21 37.60 31.80
N ARG D 193 -6.90 37.08 32.80
CA ARG D 193 -8.03 36.17 32.63
C ARG D 193 -9.29 37.00 32.41
N ILE D 194 -10.08 36.64 31.39
CA ILE D 194 -11.18 37.48 30.95
C ILE D 194 -12.50 36.73 30.87
N TYR D 195 -12.55 35.51 31.41
CA TYR D 195 -13.74 34.68 31.35
C TYR D 195 -13.91 33.91 32.64
N GLN D 196 -15.17 33.62 32.98
CA GLN D 196 -15.50 32.90 34.21
C GLN D 196 -15.92 31.46 33.95
N TYR D 197 -16.86 31.22 33.03
CA TYR D 197 -17.26 29.85 32.70
C TYR D 197 -16.40 29.37 31.53
N ILE D 198 -15.31 28.68 31.87
CA ILE D 198 -14.33 28.19 30.91
C ILE D 198 -14.16 26.70 31.12
N GLN D 199 -13.42 26.09 30.19
CA GLN D 199 -13.07 24.67 30.12
C GLN D 199 -14.28 23.86 29.70
N SER D 200 -14.07 22.78 28.95
CA SER D 200 -15.15 21.83 28.69
C SER D 200 -15.52 21.11 29.97
N ARG D 201 -16.84 20.90 30.15
CA ARG D 201 -17.38 20.50 31.45
C ARG D 201 -16.72 19.24 31.99
N PHE D 202 -16.57 18.21 31.14
CA PHE D 202 -15.97 16.96 31.60
C PHE D 202 -14.55 17.19 32.13
N TYR D 203 -13.89 18.25 31.66
CA TYR D 203 -12.52 18.57 32.01
C TYR D 203 -12.43 19.87 32.81
N ARG D 204 -13.55 20.32 33.36
CA ARG D 204 -13.60 21.58 34.10
C ARG D 204 -13.12 21.36 35.54
N SER D 205 -12.19 22.20 35.97
CA SER D 205 -11.56 22.07 37.27
C SER D 205 -12.52 22.47 38.39
N PRO D 206 -12.29 21.96 39.61
CA PRO D 206 -13.16 22.39 40.72
C PRO D 206 -13.11 23.87 40.98
N GLU D 207 -11.93 24.51 40.83
CA GLU D 207 -11.85 25.93 41.12
C GLU D 207 -12.70 26.75 40.14
N VAL D 208 -12.77 26.32 38.89
CA VAL D 208 -13.61 27.00 37.90
C VAL D 208 -15.09 26.75 38.18
N LEU D 209 -15.45 25.51 38.54
CA LEU D 209 -16.84 25.21 38.91
C LEU D 209 -17.28 26.04 40.11
N LEU D 210 -16.35 26.32 41.02
CA LEU D 210 -16.65 27.02 42.25
C LEU D 210 -16.57 28.54 42.10
N GLY D 211 -16.33 29.04 40.90
CA GLY D 211 -16.26 30.48 40.72
C GLY D 211 -15.08 31.15 41.39
N MET D 212 -13.99 30.42 41.58
CA MET D 212 -12.80 30.92 42.25
C MET D 212 -11.78 31.39 41.22
N PRO D 213 -10.79 32.19 41.62
CA PRO D 213 -9.70 32.50 40.68
C PRO D 213 -8.94 31.23 40.28
N TYR D 214 -8.47 31.23 39.04
CA TYR D 214 -7.82 30.05 38.48
C TYR D 214 -6.47 30.43 37.90
N ASP D 215 -5.61 29.43 37.74
CA ASP D 215 -4.27 29.65 37.18
C ASP D 215 -3.98 28.51 36.22
N LEU D 216 -2.69 28.33 35.87
CA LEU D 216 -2.30 27.32 34.90
C LEU D 216 -2.57 25.91 35.39
N ALA D 217 -2.76 25.71 36.70
CA ALA D 217 -3.04 24.39 37.23
C ALA D 217 -4.37 23.83 36.74
N ILE D 218 -5.29 24.67 36.25
CA ILE D 218 -6.54 24.13 35.72
C ILE D 218 -6.27 23.29 34.47
N ASP D 219 -5.19 23.59 33.74
CA ASP D 219 -4.82 22.75 32.62
C ASP D 219 -4.32 21.39 33.09
N MET D 220 -3.61 21.36 34.23
CA MET D 220 -3.17 20.08 34.79
C MET D 220 -4.35 19.21 35.20
N TRP D 221 -5.41 19.84 35.75
CA TRP D 221 -6.63 19.09 36.06
C TRP D 221 -7.22 18.44 34.82
N SER D 222 -7.35 19.19 33.73
CA SER D 222 -7.89 18.64 32.50
C SER D 222 -7.03 17.48 32.00
N LEU D 223 -5.72 17.61 32.12
CA LEU D 223 -4.81 16.55 31.66
C LEU D 223 -5.04 15.27 32.44
N GLY D 224 -5.20 15.38 33.77
CA GLY D 224 -5.48 14.19 34.56
C GLY D 224 -6.77 13.51 34.14
N CYS D 225 -7.82 14.29 33.89
CA CYS D 225 -9.07 13.71 33.37
C CYS D 225 -8.85 13.05 32.02
N ILE D 226 -8.10 13.71 31.14
CA ILE D 226 -7.94 13.21 29.78
C ILE D 226 -7.18 11.88 29.78
N LEU D 227 -6.17 11.75 30.64
CA LEU D 227 -5.34 10.55 30.62
C LEU D 227 -6.10 9.31 31.09
N VAL D 228 -6.97 9.47 32.09
CA VAL D 228 -7.82 8.36 32.52
C VAL D 228 -8.76 7.94 31.41
N GLU D 229 -9.39 8.93 30.76
CA GLU D 229 -10.27 8.64 29.63
C GLU D 229 -9.51 7.97 28.49
N MET D 230 -8.27 8.38 28.22
CA MET D 230 -7.50 7.75 27.16
C MET D 230 -7.22 6.27 27.44
N HIS D 231 -7.05 5.89 28.71
CA HIS D 231 -6.79 4.49 29.01
C HIS D 231 -8.06 3.67 29.24
N THR D 232 -9.10 4.27 29.80
CA THR D 232 -10.34 3.54 30.03
C THR D 232 -11.32 3.62 28.87
N GLY D 233 -11.20 4.65 28.02
CA GLY D 233 -12.12 4.85 26.93
C GLY D 233 -13.32 5.74 27.21
N GLU D 234 -13.56 6.13 28.46
CA GLU D 234 -14.75 6.93 28.76
C GLU D 234 -14.37 8.07 29.71
N PRO D 235 -15.10 9.18 29.66
CA PRO D 235 -14.76 10.31 30.54
C PRO D 235 -14.86 9.93 32.01
N LEU D 236 -13.89 10.42 32.79
CA LEU D 236 -13.85 10.11 34.22
C LEU D 236 -15.03 10.74 34.95
N PHE D 237 -15.32 12.02 34.65
CA PHE D 237 -16.40 12.78 35.26
C PHE D 237 -17.29 13.29 34.13
N SER D 238 -18.33 12.53 33.80
CA SER D 238 -19.20 12.85 32.66
C SER D 238 -20.46 13.60 33.08
N GLY D 239 -20.27 14.75 33.72
CA GLY D 239 -21.43 15.49 34.22
C GLY D 239 -22.23 16.13 33.10
N ALA D 240 -23.56 16.06 33.24
CA ALA D 240 -24.46 16.66 32.25
C ALA D 240 -24.69 18.13 32.50
N ASN D 241 -24.33 18.62 33.69
CA ASN D 241 -24.37 20.03 34.07
C ASN D 241 -23.38 20.21 35.21
N GLU D 242 -23.22 21.44 35.66
CA GLU D 242 -22.21 21.73 36.67
C GLU D 242 -22.50 21.01 37.99
N VAL D 243 -23.78 20.94 38.41
CA VAL D 243 -24.11 20.25 39.65
C VAL D 243 -23.78 18.77 39.53
N ASP D 244 -24.16 18.16 38.41
CA ASP D 244 -23.83 16.77 38.16
C ASP D 244 -22.31 16.58 38.10
N GLN D 245 -21.61 17.54 37.48
CA GLN D 245 -20.16 17.44 37.35
C GLN D 245 -19.47 17.44 38.71
N MET D 246 -19.85 18.36 39.60
CA MET D 246 -19.23 18.41 40.92
C MET D 246 -19.53 17.14 41.72
N ASN D 247 -20.76 16.67 41.66
CA ASN D 247 -21.13 15.45 42.38
C ASN D 247 -20.34 14.25 41.87
N LYS D 248 -20.11 14.19 40.56
CA LYS D 248 -19.30 13.11 40.01
C LYS D 248 -17.84 13.24 40.45
N ILE D 249 -17.35 14.45 40.63
CA ILE D 249 -16.01 14.62 41.17
C ILE D 249 -15.98 14.17 42.63
N VAL D 250 -16.99 14.55 43.40
CA VAL D 250 -17.05 14.23 44.83
C VAL D 250 -17.13 12.71 45.03
N GLU D 251 -17.84 12.00 44.14
CA GLU D 251 -17.90 10.54 44.21
C GLU D 251 -16.50 9.91 44.21
N VAL D 252 -15.56 10.49 43.47
CA VAL D 252 -14.25 9.89 43.35
C VAL D 252 -13.27 10.47 44.36
N LEU D 253 -13.31 11.78 44.58
CA LEU D 253 -12.30 12.48 45.37
C LEU D 253 -12.83 12.96 46.72
N GLY D 254 -14.11 12.76 47.03
CA GLY D 254 -14.65 13.20 48.30
C GLY D 254 -15.05 14.66 48.29
N ILE D 255 -15.54 15.10 49.45
CA ILE D 255 -15.92 16.51 49.62
C ILE D 255 -14.65 17.35 49.54
N PRO D 256 -14.68 18.48 48.83
CA PRO D 256 -13.52 19.36 48.78
C PRO D 256 -13.18 19.91 50.15
N PRO D 257 -11.91 20.28 50.37
CA PRO D 257 -11.49 20.75 51.70
C PRO D 257 -12.16 22.07 52.08
N ALA D 258 -12.35 22.23 53.39
CA ALA D 258 -13.10 23.37 53.91
C ALA D 258 -12.41 24.69 53.59
N HIS D 259 -11.08 24.72 53.65
CA HIS D 259 -10.35 25.96 53.38
C HIS D 259 -10.55 26.44 51.94
N ILE D 260 -10.91 25.54 51.03
CA ILE D 260 -11.29 25.96 49.68
C ILE D 260 -12.74 26.42 49.64
N LEU D 261 -13.65 25.61 50.17
CA LEU D 261 -15.08 25.94 50.06
C LEU D 261 -15.41 27.21 50.82
N ASP D 262 -14.68 27.49 51.90
CA ASP D 262 -14.89 28.72 52.66
C ASP D 262 -14.53 29.95 51.85
N GLN D 263 -13.77 29.79 50.78
CA GLN D 263 -13.38 30.89 49.91
C GLN D 263 -14.05 30.81 48.56
N ALA D 264 -15.00 29.89 48.38
CA ALA D 264 -15.58 29.62 47.08
C ALA D 264 -16.87 30.42 46.88
N PRO D 265 -16.93 31.32 45.90
CA PRO D 265 -18.15 32.11 45.69
C PRO D 265 -19.37 31.28 45.34
N LYS D 266 -19.20 30.16 44.64
CA LYS D 266 -20.32 29.33 44.21
C LYS D 266 -20.41 28.03 45.01
N ALA D 267 -19.88 28.02 46.24
CA ALA D 267 -19.89 26.79 47.03
C ALA D 267 -21.32 26.34 47.32
N ARG D 268 -22.22 27.29 47.57
CA ARG D 268 -23.60 26.95 47.89
C ARG D 268 -24.43 26.51 46.69
N LYS D 269 -23.82 26.45 45.50
CA LYS D 269 -24.49 25.82 44.36
C LYS D 269 -24.45 24.30 44.47
N PHE D 270 -23.47 23.76 45.17
CA PHE D 270 -23.27 22.33 45.30
C PHE D 270 -23.25 21.83 46.73
N PHE D 271 -22.79 22.64 47.68
CA PHE D 271 -22.54 22.19 49.03
C PHE D 271 -23.31 23.04 50.04
N GLU D 272 -23.24 22.61 51.30
CA GLU D 272 -23.90 23.26 52.41
C GLU D 272 -22.98 23.23 53.61
N LYS D 273 -22.86 24.36 54.31
CA LYS D 273 -22.04 24.41 55.51
C LYS D 273 -22.91 24.13 56.73
N LEU D 274 -22.49 23.14 57.53
CA LEU D 274 -23.16 22.75 58.76
C LEU D 274 -22.72 23.63 59.93
N PRO D 275 -23.47 23.65 61.04
CA PRO D 275 -23.11 24.53 62.16
C PRO D 275 -21.74 24.27 62.75
N ASP D 276 -21.23 23.03 62.69
CA ASP D 276 -19.92 22.71 63.20
C ASP D 276 -18.78 23.27 62.35
N GLY D 277 -19.07 23.82 61.18
CA GLY D 277 -18.04 24.35 60.31
C GLY D 277 -17.55 23.41 59.23
N THR D 278 -18.07 22.20 59.18
CA THR D 278 -17.74 21.27 58.10
C THR D 278 -18.75 21.44 56.97
N TRP D 279 -18.35 21.03 55.78
CA TRP D 279 -19.18 21.15 54.59
C TRP D 279 -19.68 19.76 54.19
N ASN D 280 -20.87 19.75 53.59
CA ASN D 280 -21.47 18.54 53.06
C ASN D 280 -22.13 18.89 51.74
N LEU D 281 -22.44 17.87 50.94
CA LEU D 281 -23.25 18.09 49.76
C LEU D 281 -24.61 18.63 50.18
N LYS D 282 -25.23 19.38 49.27
CA LYS D 282 -26.56 19.93 49.53
C LYS D 282 -27.57 18.81 49.68
N LYS D 283 -28.56 19.04 50.54
CA LYS D 283 -29.55 18.01 50.81
C LYS D 283 -30.40 17.73 49.57
N THR D 284 -30.53 16.47 49.24
CA THR D 284 -31.39 15.96 48.18
C THR D 284 -32.75 15.57 48.76
N LYS D 285 -33.75 15.47 47.88
CA LYS D 285 -35.08 15.07 48.33
C LYS D 285 -35.05 13.59 48.71
N ASP D 286 -35.84 13.25 49.73
CA ASP D 286 -35.88 11.88 50.25
C ASP D 286 -36.44 10.91 49.22
N GLY D 287 -35.84 9.73 49.16
CA GLY D 287 -36.17 8.73 48.18
C GLY D 287 -35.41 8.87 46.88
N LYS D 288 -34.65 9.95 46.71
CA LYS D 288 -33.86 10.21 45.50
C LYS D 288 -32.40 9.89 45.81
N ARG D 289 -31.97 8.67 45.50
CA ARG D 289 -30.57 8.27 45.62
C ARG D 289 -29.99 8.29 44.21
N GLU D 290 -28.92 9.07 44.01
CA GLU D 290 -28.37 9.22 42.66
C GLU D 290 -26.86 9.01 42.59
N TYR D 291 -26.13 9.42 43.61
CA TYR D 291 -24.68 9.39 43.57
C TYR D 291 -24.14 8.39 44.59
N LYS D 292 -22.96 7.88 44.30
CA LYS D 292 -22.24 7.12 45.29
C LYS D 292 -21.84 8.06 46.44
N PRO D 293 -21.72 7.54 47.66
CA PRO D 293 -21.28 8.38 48.77
C PRO D 293 -19.91 8.97 48.49
N PRO D 294 -19.59 10.13 49.07
CA PRO D 294 -18.36 10.84 48.72
C PRO D 294 -17.11 9.99 48.86
N GLY D 295 -16.31 9.95 47.80
CA GLY D 295 -15.05 9.25 47.82
C GLY D 295 -15.11 7.75 47.68
N THR D 296 -16.28 7.16 47.44
CA THR D 296 -16.41 5.70 47.36
C THR D 296 -16.24 5.15 45.96
N ARG D 297 -16.29 5.97 44.92
CA ARG D 297 -15.97 5.52 43.56
C ARG D 297 -14.46 5.65 43.40
N LYS D 298 -13.73 4.63 43.82
CA LYS D 298 -12.28 4.73 43.88
C LYS D 298 -11.66 4.67 42.49
N LEU D 299 -10.71 5.58 42.25
CA LEU D 299 -9.94 5.54 41.02
C LEU D 299 -9.14 4.24 40.92
N HIS D 300 -8.80 3.65 42.06
CA HIS D 300 -8.19 2.32 42.10
C HIS D 300 -8.99 1.27 41.33
N ASN D 301 -10.31 1.35 41.39
CA ASN D 301 -11.13 0.37 40.68
C ASN D 301 -11.53 0.83 39.29
N ILE D 302 -11.67 2.14 39.07
CA ILE D 302 -11.90 2.65 37.72
C ILE D 302 -10.78 2.22 36.79
N LEU D 303 -9.55 2.22 37.30
CA LEU D 303 -8.37 1.86 36.54
C LEU D 303 -8.12 0.36 36.49
N GLY D 304 -8.82 -0.42 37.32
CA GLY D 304 -8.60 -1.87 37.37
C GLY D 304 -7.20 -2.23 37.79
N VAL D 305 -6.69 -1.53 38.82
CA VAL D 305 -5.29 -1.66 39.23
C VAL D 305 -4.95 -3.11 39.57
N GLU D 306 -5.85 -3.81 40.24
CA GLU D 306 -5.58 -5.19 40.64
C GLU D 306 -6.47 -6.20 39.91
N THR D 307 -7.21 -5.78 38.88
CA THR D 307 -8.15 -6.67 38.20
C THR D 307 -7.97 -6.64 36.69
N GLY D 308 -6.74 -6.45 36.21
CA GLY D 308 -6.51 -6.51 34.78
C GLY D 308 -6.82 -5.24 34.04
N GLY D 309 -6.65 -4.10 34.69
CA GLY D 309 -6.86 -2.83 34.03
C GLY D 309 -8.33 -2.50 33.92
N PRO D 310 -8.64 -1.43 33.17
CA PRO D 310 -10.03 -0.97 33.06
C PRO D 310 -10.93 -2.04 32.46
N GLY D 311 -11.96 -2.43 33.21
CA GLY D 311 -12.88 -3.45 32.79
C GLY D 311 -12.28 -4.84 32.69
N GLY D 312 -11.08 -5.04 33.22
CA GLY D 312 -10.38 -6.29 33.01
C GLY D 312 -9.82 -6.47 31.60
N ARG D 313 -9.94 -5.46 30.74
CA ARG D 313 -9.66 -5.61 29.32
C ARG D 313 -8.16 -5.69 29.03
N ARG D 314 -7.31 -5.46 30.02
CA ARG D 314 -5.87 -5.51 29.85
C ARG D 314 -5.26 -6.69 30.58
N ALA D 315 -6.08 -7.61 31.09
CA ALA D 315 -5.58 -8.75 31.84
C ALA D 315 -4.68 -9.60 30.95
N GLY D 316 -3.49 -9.93 31.46
CA GLY D 316 -2.53 -10.73 30.75
C GLY D 316 -1.64 -10.00 29.76
N GLU D 317 -1.90 -8.73 29.48
CA GLU D 317 -1.09 -7.98 28.53
C GLU D 317 0.19 -7.47 29.17
N SER D 318 1.25 -7.37 28.37
CA SER D 318 2.47 -6.75 28.85
C SER D 318 2.27 -5.25 29.02
N GLY D 319 3.10 -4.66 29.86
CA GLY D 319 3.01 -3.22 30.10
C GLY D 319 1.80 -2.75 30.88
N HIS D 320 1.11 -3.65 31.59
CA HIS D 320 -0.07 -3.31 32.37
C HIS D 320 -0.03 -4.02 33.72
N THR D 321 1.14 -3.95 34.39
CA THR D 321 1.36 -4.59 35.66
C THR D 321 0.68 -3.80 36.78
N VAL D 322 0.51 -4.46 37.93
CA VAL D 322 -0.04 -3.77 39.11
C VAL D 322 0.83 -2.59 39.50
N ALA D 323 2.15 -2.79 39.47
CA ALA D 323 3.08 -1.71 39.80
C ALA D 323 2.95 -0.55 38.83
N ASP D 324 2.80 -0.85 37.53
CA ASP D 324 2.59 0.19 36.53
C ASP D 324 1.31 0.98 36.81
N TYR D 325 0.23 0.27 37.14
CA TYR D 325 -1.03 0.95 37.42
C TYR D 325 -0.95 1.79 38.69
N LEU D 326 -0.21 1.31 39.69
CA LEU D 326 -0.07 2.08 40.93
C LEU D 326 0.63 3.40 40.67
N LYS D 327 1.66 3.38 39.83
CA LYS D 327 2.33 4.62 39.44
C LYS D 327 1.38 5.55 38.68
N PHE D 328 0.63 5.02 37.72
CA PHE D 328 -0.31 5.83 36.96
C PHE D 328 -1.39 6.44 37.87
N LYS D 329 -1.92 5.64 38.80
CA LYS D 329 -2.92 6.15 39.74
C LYS D 329 -2.36 7.27 40.59
N ASP D 330 -1.12 7.10 41.08
CA ASP D 330 -0.51 8.13 41.92
C ASP D 330 -0.36 9.44 41.17
N LEU D 331 0.10 9.38 39.91
CA LEU D 331 0.24 10.60 39.12
C LEU D 331 -1.11 11.26 38.85
N ILE D 332 -2.13 10.46 38.51
CA ILE D 332 -3.45 11.02 38.25
C ILE D 332 -4.01 11.71 39.49
N LEU D 333 -3.87 11.06 40.65
CA LEU D 333 -4.39 11.65 41.89
C LEU D 333 -3.66 12.94 42.23
N ARG D 334 -2.36 13.02 41.94
CA ARG D 334 -1.64 14.27 42.13
C ARG D 334 -2.07 15.31 41.10
N MET D 335 -2.47 14.88 39.90
CA MET D 335 -3.03 15.82 38.93
C MET D 335 -4.43 16.26 39.30
N LEU D 336 -5.16 15.46 40.06
CA LEU D 336 -6.53 15.73 40.43
C LEU D 336 -6.65 16.27 41.85
N ASP D 337 -5.59 16.86 42.39
CA ASP D 337 -5.63 17.52 43.68
C ASP D 337 -6.65 18.65 43.67
N TYR D 338 -7.50 18.70 44.70
CA TYR D 338 -8.48 19.79 44.82
C TYR D 338 -7.80 21.14 44.93
N ASP D 339 -6.67 21.19 45.63
CA ASP D 339 -5.98 22.44 45.91
C ASP D 339 -5.10 22.86 44.72
N PRO D 340 -5.38 24.00 44.08
CA PRO D 340 -4.56 24.40 42.91
C PRO D 340 -3.11 24.68 43.27
N LYS D 341 -2.84 25.00 44.52
CA LYS D 341 -1.49 25.33 44.95
C LYS D 341 -0.65 24.09 45.25
N THR D 342 -1.26 22.94 45.51
CA THR D 342 -0.51 21.71 45.76
C THR D 342 -0.64 20.69 44.64
N ARG D 343 -1.53 20.92 43.67
CA ARG D 343 -1.60 20.07 42.50
C ARG D 343 -0.27 20.05 41.78
N ILE D 344 0.12 18.85 41.32
CA ILE D 344 1.45 18.65 40.74
C ILE D 344 1.63 19.53 39.52
N GLN D 345 2.79 20.10 39.41
CA GLN D 345 3.19 21.06 38.40
C GLN D 345 4.06 20.38 37.35
N PRO D 346 4.12 20.94 36.13
CA PRO D 346 4.74 20.20 35.01
C PRO D 346 6.14 19.68 35.24
N TYR D 347 7.01 20.47 35.88
CA TYR D 347 8.37 20.01 36.16
C TYR D 347 8.35 18.77 37.06
N TYR D 348 7.51 18.79 38.09
CA TYR D 348 7.46 17.69 39.05
C TYR D 348 6.69 16.50 38.49
N ALA D 349 5.73 16.73 37.59
CA ALA D 349 5.06 15.62 36.93
C ALA D 349 6.02 14.81 36.07
N LEU D 350 6.91 15.48 35.35
CA LEU D 350 7.84 14.80 34.45
C LEU D 350 8.87 13.96 35.19
N GLN D 351 9.05 14.19 36.48
CA GLN D 351 9.96 13.40 37.30
C GLN D 351 9.29 12.26 38.02
N HIS D 352 8.00 12.06 37.79
CA HIS D 352 7.24 11.02 38.46
C HIS D 352 7.64 9.64 37.95
N SER D 353 7.49 8.65 38.85
CA SER D 353 7.89 7.28 38.54
C SER D 353 7.15 6.68 37.34
N PHE D 354 5.96 7.18 37.00
CA PHE D 354 5.22 6.68 35.84
C PHE D 354 6.01 6.86 34.53
N PHE D 355 6.89 7.85 34.48
CA PHE D 355 7.65 8.14 33.28
C PHE D 355 9.03 7.49 33.28
N LYS D 356 9.38 6.80 34.35
CA LYS D 356 10.71 6.21 34.48
C LYS D 356 10.72 4.77 33.97
#